data_1ECU
# 
_entry.id   1ECU 
# 
_audit_conform.dict_name       mmcif_pdbx.dic 
_audit_conform.dict_version    5.392 
_audit_conform.dict_location   http://mmcif.pdb.org/dictionaries/ascii/mmcif_pdbx.dic 
# 
loop_
_database_2.database_id 
_database_2.database_code 
_database_2.pdbx_database_accession 
_database_2.pdbx_DOI 
PDB   1ECU         pdb_00001ecu 10.2210/pdb1ecu/pdb 
RCSB  RCSB010455   ?            ?                   
WWPDB D_1000010455 ?            ?                   
# 
loop_
_pdbx_audit_revision_history.ordinal 
_pdbx_audit_revision_history.data_content_type 
_pdbx_audit_revision_history.major_revision 
_pdbx_audit_revision_history.minor_revision 
_pdbx_audit_revision_history.revision_date 
1 'Structure model' 1 0 2000-02-02 
2 'Structure model' 1 1 2008-04-27 
3 'Structure model' 1 2 2011-07-13 
4 'Structure model' 1 3 2022-02-16 
5 'Structure model' 1 4 2024-05-22 
# 
_pdbx_audit_revision_details.ordinal             1 
_pdbx_audit_revision_details.revision_ordinal    1 
_pdbx_audit_revision_details.data_content_type   'Structure model' 
_pdbx_audit_revision_details.provider            repository 
_pdbx_audit_revision_details.type                'Initial release' 
_pdbx_audit_revision_details.description         ? 
_pdbx_audit_revision_details.details             ? 
# 
loop_
_pdbx_audit_revision_group.ordinal 
_pdbx_audit_revision_group.revision_ordinal 
_pdbx_audit_revision_group.data_content_type 
_pdbx_audit_revision_group.group 
1 2 'Structure model' 'Version format compliance' 
2 3 'Structure model' 'Version format compliance' 
3 4 'Structure model' 'Data collection'           
4 4 'Structure model' 'Database references'       
5 4 'Structure model' 'Derived calculations'      
6 5 'Structure model' 'Data collection'           
# 
loop_
_pdbx_audit_revision_category.ordinal 
_pdbx_audit_revision_category.revision_ordinal 
_pdbx_audit_revision_category.data_content_type 
_pdbx_audit_revision_category.category 
1 4 'Structure model' database_2            
2 4 'Structure model' pdbx_nmr_software     
3 4 'Structure model' pdbx_struct_assembly  
4 4 'Structure model' pdbx_struct_oper_list 
5 5 'Structure model' chem_comp_atom        
6 5 'Structure model' chem_comp_bond        
# 
loop_
_pdbx_audit_revision_item.ordinal 
_pdbx_audit_revision_item.revision_ordinal 
_pdbx_audit_revision_item.data_content_type 
_pdbx_audit_revision_item.item 
1 4 'Structure model' '_database_2.pdbx_DOI'                
2 4 'Structure model' '_database_2.pdbx_database_accession' 
3 4 'Structure model' '_pdbx_nmr_software.name'             
# 
_pdbx_database_status.status_code                     REL 
_pdbx_database_status.entry_id                        1ECU 
_pdbx_database_status.recvd_initial_deposition_date   2000-01-26 
_pdbx_database_status.deposit_site                    RCSB 
_pdbx_database_status.process_site                    RCSB 
_pdbx_database_status.SG_entry                        . 
_pdbx_database_status.pdb_format_compatible           Y 
_pdbx_database_status.status_code_mr                  ? 
_pdbx_database_status.status_code_sf                  ? 
_pdbx_database_status.status_code_cs                  ? 
_pdbx_database_status.status_code_nmr_data            ? 
_pdbx_database_status.methods_development_category    ? 
# 
loop_
_audit_author.name 
_audit_author.pdbx_ordinal 
'Wu, J.H.'  1 
'Chang, C.' 2 
'Pei, J.M.' 3 
'Xiao, Q.'  4 
'Shi, Y.Y.' 5 
# 
_citation.id                        primary 
_citation.title                     
;Solution structure of E2F binding DNA fragment GCGCGAAAC-T-GTTTCGCGC studied by Molecular Dynamics Simulation and Two Dimensional NMR experiment
;
_citation.journal_abbrev            'to be published' 
_citation.journal_volume            ? 
_citation.page_first                ? 
_citation.page_last                 ? 
_citation.year                      2000 
_citation.journal_id_ASTM           ? 
_citation.country                   ? 
_citation.journal_id_ISSN           ? 
_citation.journal_id_CSD            0353 
_citation.book_publisher            ? 
_citation.pdbx_database_id_PubMed   ? 
_citation.pdbx_database_id_DOI      ? 
# 
loop_
_citation_author.citation_id 
_citation_author.name 
_citation_author.ordinal 
_citation_author.identifier_ORCID 
primary 'Wu, J.H.'  1 ? 
primary 'Chang, C.' 2 ? 
primary 'Pei, J.M.' 3 ? 
primary 'Xiao, Q.'  4 ? 
primary 'Shi, Y.Y.' 5 ? 
# 
_entity.id                         1 
_entity.type                       polymer 
_entity.src_method                 syn 
_entity.pdbx_description           
;DNA (5'-D(*GP*CP*GP*CP*GP*AP*AP*AP*CP*TP*GP*TP*TP*TP*CP*GP*CP*GP*C)-3')
;
_entity.formula_weight             5821.759 
_entity.pdbx_number_of_molecules   1 
_entity.pdbx_ec                    ? 
_entity.pdbx_mutation              ? 
_entity.pdbx_fragment              'FRAGMENT OF E2F BINDING DNA' 
_entity.details                    ? 
# 
_entity_poly.entity_id                      1 
_entity_poly.type                           polydeoxyribonucleotide 
_entity_poly.nstd_linkage                   no 
_entity_poly.nstd_monomer                   no 
_entity_poly.pdbx_seq_one_letter_code       '(DG)(DC)(DG)(DC)(DG)(DA)(DA)(DA)(DC)(DT)(DG)(DT)(DT)(DT)(DC)(DG)(DC)(DG)(DC)' 
_entity_poly.pdbx_seq_one_letter_code_can   GCGCGAAACTGTTTCGCGC 
_entity_poly.pdbx_strand_id                 A 
_entity_poly.pdbx_target_identifier         ? 
# 
loop_
_entity_poly_seq.entity_id 
_entity_poly_seq.num 
_entity_poly_seq.mon_id 
_entity_poly_seq.hetero 
1 1  DG n 
1 2  DC n 
1 3  DG n 
1 4  DC n 
1 5  DG n 
1 6  DA n 
1 7  DA n 
1 8  DA n 
1 9  DC n 
1 10 DT n 
1 11 DG n 
1 12 DT n 
1 13 DT n 
1 14 DT n 
1 15 DC n 
1 16 DG n 
1 17 DC n 
1 18 DG n 
1 19 DC n 
# 
_pdbx_entity_src_syn.entity_id              1 
_pdbx_entity_src_syn.pdbx_src_id            1 
_pdbx_entity_src_syn.pdbx_alt_source_flag   sample 
_pdbx_entity_src_syn.pdbx_beg_seq_num       ? 
_pdbx_entity_src_syn.pdbx_end_seq_num       ? 
_pdbx_entity_src_syn.organism_scientific    ? 
_pdbx_entity_src_syn.organism_common_name   ? 
_pdbx_entity_src_syn.ncbi_taxonomy_id       ? 
_pdbx_entity_src_syn.details                
'The sequence is formed by adding CTG loop to ends of ds(GCGCGAAA:TTTCGCGC), which occurs naturally in humans.' 
# 
loop_
_chem_comp.id 
_chem_comp.type 
_chem_comp.mon_nstd_flag 
_chem_comp.name 
_chem_comp.pdbx_synonyms 
_chem_comp.formula 
_chem_comp.formula_weight 
DA 'DNA linking' y "2'-DEOXYADENOSINE-5'-MONOPHOSPHATE" ? 'C10 H14 N5 O6 P' 331.222 
DC 'DNA linking' y "2'-DEOXYCYTIDINE-5'-MONOPHOSPHATE"  ? 'C9 H14 N3 O7 P'  307.197 
DG 'DNA linking' y "2'-DEOXYGUANOSINE-5'-MONOPHOSPHATE" ? 'C10 H14 N5 O7 P' 347.221 
DT 'DNA linking' y "THYMIDINE-5'-MONOPHOSPHATE"         ? 'C10 H15 N2 O8 P' 322.208 
# 
loop_
_pdbx_poly_seq_scheme.asym_id 
_pdbx_poly_seq_scheme.entity_id 
_pdbx_poly_seq_scheme.seq_id 
_pdbx_poly_seq_scheme.mon_id 
_pdbx_poly_seq_scheme.ndb_seq_num 
_pdbx_poly_seq_scheme.pdb_seq_num 
_pdbx_poly_seq_scheme.auth_seq_num 
_pdbx_poly_seq_scheme.pdb_mon_id 
_pdbx_poly_seq_scheme.auth_mon_id 
_pdbx_poly_seq_scheme.pdb_strand_id 
_pdbx_poly_seq_scheme.pdb_ins_code 
_pdbx_poly_seq_scheme.hetero 
A 1 1  DG 1  1  1  DG G A . n 
A 1 2  DC 2  2  2  DC C A . n 
A 1 3  DG 3  3  3  DG G A . n 
A 1 4  DC 4  4  4  DC C A . n 
A 1 5  DG 5  5  5  DG G A . n 
A 1 6  DA 6  6  6  DA A A . n 
A 1 7  DA 7  7  7  DA A A . n 
A 1 8  DA 8  8  8  DA A A . n 
A 1 9  DC 9  9  9  DC C A . n 
A 1 10 DT 10 10 10 DT T A . n 
A 1 11 DG 11 11 11 DG G A . n 
A 1 12 DT 12 12 12 DT T A . n 
A 1 13 DT 13 13 13 DT T A . n 
A 1 14 DT 14 14 14 DT T A . n 
A 1 15 DC 15 15 15 DC C A . n 
A 1 16 DG 16 16 16 DG G A . n 
A 1 17 DC 17 17 17 DC C A . n 
A 1 18 DG 18 18 18 DG G A . n 
A 1 19 DC 19 19 19 DC C A . n 
# 
_cell.entry_id           1ECU 
_cell.length_a           1.000 
_cell.length_b           1.000 
_cell.length_c           1.000 
_cell.angle_alpha        90.00 
_cell.angle_beta         90.00 
_cell.angle_gamma        90.00 
_cell.Z_PDB              1 
_cell.pdbx_unique_axis   ? 
# 
_symmetry.entry_id                         1ECU 
_symmetry.space_group_name_H-M             'P 1' 
_symmetry.pdbx_full_space_group_name_H-M   ? 
_symmetry.cell_setting                     ? 
_symmetry.Int_Tables_number                1 
# 
_exptl.entry_id          1ECU 
_exptl.method            'SOLUTION NMR' 
_exptl.crystals_number   ? 
# 
_struct.entry_id                  1ECU 
_struct.title                     'SOLUTION STRUCTURE OF E2F BINDING DNA FRAGMENT GCGCGAAAC-T-GTTTCGCGC' 
_struct.pdbx_model_details        ? 
_struct.pdbx_CASP_flag            ? 
_struct.pdbx_model_type_details   ? 
# 
_struct_keywords.entry_id        1ECU 
_struct_keywords.pdbx_keywords   DNA 
_struct_keywords.text            'double strands, loop, DNA' 
# 
_struct_asym.id                            A 
_struct_asym.pdbx_blank_PDB_chainid_flag   N 
_struct_asym.pdbx_modified                 N 
_struct_asym.entity_id                     1 
_struct_asym.details                       ? 
# 
_struct_ref.id                         1 
_struct_ref.entity_id                  1 
_struct_ref.db_name                    PDB 
_struct_ref.db_code                    1ECU 
_struct_ref.pdbx_db_accession          1ECU 
_struct_ref.pdbx_db_isoform            ? 
_struct_ref.pdbx_seq_one_letter_code   ? 
_struct_ref.pdbx_align_begin           ? 
# 
_struct_ref_seq.align_id                      1 
_struct_ref_seq.ref_id                        1 
_struct_ref_seq.pdbx_PDB_id_code              1ECU 
_struct_ref_seq.pdbx_strand_id                A 
_struct_ref_seq.seq_align_beg                 1 
_struct_ref_seq.pdbx_seq_align_beg_ins_code   ? 
_struct_ref_seq.seq_align_end                 19 
_struct_ref_seq.pdbx_seq_align_end_ins_code   ? 
_struct_ref_seq.pdbx_db_accession             1ECU 
_struct_ref_seq.db_align_beg                  1 
_struct_ref_seq.pdbx_db_align_beg_ins_code    ? 
_struct_ref_seq.db_align_end                  19 
_struct_ref_seq.pdbx_db_align_end_ins_code    ? 
_struct_ref_seq.pdbx_auth_seq_align_beg       1 
_struct_ref_seq.pdbx_auth_seq_align_end       19 
# 
_pdbx_struct_assembly.id                   1 
_pdbx_struct_assembly.details              author_defined_assembly 
_pdbx_struct_assembly.method_details       ? 
_pdbx_struct_assembly.oligomeric_details   monomeric 
_pdbx_struct_assembly.oligomeric_count     1 
# 
_pdbx_struct_assembly_gen.assembly_id       1 
_pdbx_struct_assembly_gen.oper_expression   1 
_pdbx_struct_assembly_gen.asym_id_list      A 
# 
_pdbx_struct_oper_list.id                   1 
_pdbx_struct_oper_list.type                 'identity operation' 
_pdbx_struct_oper_list.name                 1_555 
_pdbx_struct_oper_list.symmetry_operation   x,y,z 
_pdbx_struct_oper_list.matrix[1][1]         1.0000000000 
_pdbx_struct_oper_list.matrix[1][2]         0.0000000000 
_pdbx_struct_oper_list.matrix[1][3]         0.0000000000 
_pdbx_struct_oper_list.vector[1]            0.0000000000 
_pdbx_struct_oper_list.matrix[2][1]         0.0000000000 
_pdbx_struct_oper_list.matrix[2][2]         1.0000000000 
_pdbx_struct_oper_list.matrix[2][3]         0.0000000000 
_pdbx_struct_oper_list.vector[2]            0.0000000000 
_pdbx_struct_oper_list.matrix[3][1]         0.0000000000 
_pdbx_struct_oper_list.matrix[3][2]         0.0000000000 
_pdbx_struct_oper_list.matrix[3][3]         1.0000000000 
_pdbx_struct_oper_list.vector[3]            0.0000000000 
# 
_struct_biol.id   1 
# 
loop_
_struct_conn.id 
_struct_conn.conn_type_id 
_struct_conn.pdbx_leaving_atom_flag 
_struct_conn.pdbx_PDB_id 
_struct_conn.ptnr1_label_asym_id 
_struct_conn.ptnr1_label_comp_id 
_struct_conn.ptnr1_label_seq_id 
_struct_conn.ptnr1_label_atom_id 
_struct_conn.pdbx_ptnr1_label_alt_id 
_struct_conn.pdbx_ptnr1_PDB_ins_code 
_struct_conn.pdbx_ptnr1_standard_comp_id 
_struct_conn.ptnr1_symmetry 
_struct_conn.ptnr2_label_asym_id 
_struct_conn.ptnr2_label_comp_id 
_struct_conn.ptnr2_label_seq_id 
_struct_conn.ptnr2_label_atom_id 
_struct_conn.pdbx_ptnr2_label_alt_id 
_struct_conn.pdbx_ptnr2_PDB_ins_code 
_struct_conn.ptnr1_auth_asym_id 
_struct_conn.ptnr1_auth_comp_id 
_struct_conn.ptnr1_auth_seq_id 
_struct_conn.ptnr2_auth_asym_id 
_struct_conn.ptnr2_auth_comp_id 
_struct_conn.ptnr2_auth_seq_id 
_struct_conn.ptnr2_symmetry 
_struct_conn.pdbx_ptnr3_label_atom_id 
_struct_conn.pdbx_ptnr3_label_seq_id 
_struct_conn.pdbx_ptnr3_label_comp_id 
_struct_conn.pdbx_ptnr3_label_asym_id 
_struct_conn.pdbx_ptnr3_label_alt_id 
_struct_conn.pdbx_ptnr3_PDB_ins_code 
_struct_conn.details 
_struct_conn.pdbx_dist_value 
_struct_conn.pdbx_value_order 
_struct_conn.pdbx_role 
hydrog1  hydrog ? ? A DG 1 N1 ? ? ? 1_555 A DC 19 N3 ? ? A DG 1 A DC 19 1_555 ? ? ? ? ? ? WATSON-CRICK ? ? ? 
hydrog2  hydrog ? ? A DG 1 N2 ? ? ? 1_555 A DC 19 O2 ? ? A DG 1 A DC 19 1_555 ? ? ? ? ? ? WATSON-CRICK ? ? ? 
hydrog3  hydrog ? ? A DG 1 O6 ? ? ? 1_555 A DC 19 N4 ? ? A DG 1 A DC 19 1_555 ? ? ? ? ? ? WATSON-CRICK ? ? ? 
hydrog4  hydrog ? ? A DC 2 N3 ? ? ? 1_555 A DG 18 N1 ? ? A DC 2 A DG 18 1_555 ? ? ? ? ? ? WATSON-CRICK ? ? ? 
hydrog5  hydrog ? ? A DC 2 N4 ? ? ? 1_555 A DG 18 O6 ? ? A DC 2 A DG 18 1_555 ? ? ? ? ? ? WATSON-CRICK ? ? ? 
hydrog6  hydrog ? ? A DC 2 O2 ? ? ? 1_555 A DG 18 N2 ? ? A DC 2 A DG 18 1_555 ? ? ? ? ? ? WATSON-CRICK ? ? ? 
hydrog7  hydrog ? ? A DG 3 N1 ? ? ? 1_555 A DC 17 N3 ? ? A DG 3 A DC 17 1_555 ? ? ? ? ? ? WATSON-CRICK ? ? ? 
hydrog8  hydrog ? ? A DG 3 N2 ? ? ? 1_555 A DC 17 O2 ? ? A DG 3 A DC 17 1_555 ? ? ? ? ? ? WATSON-CRICK ? ? ? 
hydrog9  hydrog ? ? A DG 3 O6 ? ? ? 1_555 A DC 17 N4 ? ? A DG 3 A DC 17 1_555 ? ? ? ? ? ? WATSON-CRICK ? ? ? 
hydrog10 hydrog ? ? A DC 4 N3 ? ? ? 1_555 A DG 16 N1 ? ? A DC 4 A DG 16 1_555 ? ? ? ? ? ? WATSON-CRICK ? ? ? 
hydrog11 hydrog ? ? A DC 4 N4 ? ? ? 1_555 A DG 16 O6 ? ? A DC 4 A DG 16 1_555 ? ? ? ? ? ? WATSON-CRICK ? ? ? 
hydrog12 hydrog ? ? A DC 4 O2 ? ? ? 1_555 A DG 16 N2 ? ? A DC 4 A DG 16 1_555 ? ? ? ? ? ? WATSON-CRICK ? ? ? 
hydrog13 hydrog ? ? A DG 5 N1 ? ? ? 1_555 A DC 15 N3 ? ? A DG 5 A DC 15 1_555 ? ? ? ? ? ? WATSON-CRICK ? ? ? 
hydrog14 hydrog ? ? A DG 5 N2 ? ? ? 1_555 A DC 15 O2 ? ? A DG 5 A DC 15 1_555 ? ? ? ? ? ? WATSON-CRICK ? ? ? 
hydrog15 hydrog ? ? A DG 5 O6 ? ? ? 1_555 A DC 15 N4 ? ? A DG 5 A DC 15 1_555 ? ? ? ? ? ? WATSON-CRICK ? ? ? 
hydrog16 hydrog ? ? A DA 6 N1 ? ? ? 1_555 A DT 14 N3 ? ? A DA 6 A DT 14 1_555 ? ? ? ? ? ? WATSON-CRICK ? ? ? 
hydrog17 hydrog ? ? A DA 6 N6 ? ? ? 1_555 A DT 14 O4 ? ? A DA 6 A DT 14 1_555 ? ? ? ? ? ? WATSON-CRICK ? ? ? 
hydrog18 hydrog ? ? A DA 7 N1 ? ? ? 1_555 A DT 13 N3 ? ? A DA 7 A DT 13 1_555 ? ? ? ? ? ? WATSON-CRICK ? ? ? 
hydrog19 hydrog ? ? A DA 7 N6 ? ? ? 1_555 A DT 13 O4 ? ? A DA 7 A DT 13 1_555 ? ? ? ? ? ? WATSON-CRICK ? ? ? 
hydrog20 hydrog ? ? A DA 8 N1 ? ? ? 1_555 A DT 12 N3 ? ? A DA 8 A DT 12 1_555 ? ? ? ? ? ? WATSON-CRICK ? ? ? 
hydrog21 hydrog ? ? A DA 8 N6 ? ? ? 1_555 A DT 12 O4 ? ? A DA 8 A DT 12 1_555 ? ? ? ? ? ? WATSON-CRICK ? ? ? 
hydrog22 hydrog ? ? A DC 9 O2 ? ? ? 1_555 A DG 11 N1 ? ? A DC 9 A DG 11 1_555 ? ? ? ? ? ? 'DC-DG PAIR' ? ? ? 
# 
_struct_conn_type.id          hydrog 
_struct_conn_type.criteria    ? 
_struct_conn_type.reference   ? 
# 
loop_
_pdbx_validate_rmsd_bond.id 
_pdbx_validate_rmsd_bond.PDB_model_num 
_pdbx_validate_rmsd_bond.auth_atom_id_1 
_pdbx_validate_rmsd_bond.auth_asym_id_1 
_pdbx_validate_rmsd_bond.auth_comp_id_1 
_pdbx_validate_rmsd_bond.auth_seq_id_1 
_pdbx_validate_rmsd_bond.PDB_ins_code_1 
_pdbx_validate_rmsd_bond.label_alt_id_1 
_pdbx_validate_rmsd_bond.auth_atom_id_2 
_pdbx_validate_rmsd_bond.auth_asym_id_2 
_pdbx_validate_rmsd_bond.auth_comp_id_2 
_pdbx_validate_rmsd_bond.auth_seq_id_2 
_pdbx_validate_rmsd_bond.PDB_ins_code_2 
_pdbx_validate_rmsd_bond.label_alt_id_2 
_pdbx_validate_rmsd_bond.bond_value 
_pdbx_validate_rmsd_bond.bond_target_value 
_pdbx_validate_rmsd_bond.bond_deviation 
_pdbx_validate_rmsd_bond.bond_standard_deviation 
_pdbx_validate_rmsd_bond.linker_flag 
1  1 C5    A DG 1  ? ? N7    A DG 1  ? ? 1.312 1.388 -0.076 0.006 N 
2  1 C8    A DG 1  ? ? N9    A DG 1  ? ? 1.313 1.374 -0.061 0.007 N 
3  1 N9    A DG 1  ? ? C4    A DG 1  ? ? 1.315 1.375 -0.060 0.008 N 
4  1 C5    A DG 3  ? ? N7    A DG 3  ? ? 1.320 1.388 -0.068 0.006 N 
5  1 C8    A DG 3  ? ? N9    A DG 3  ? ? 1.321 1.374 -0.053 0.007 N 
6  1 N9    A DG 3  ? ? C4    A DG 3  ? ? 1.321 1.375 -0.054 0.008 N 
7  1 "O3'" A DG 3  ? ? P     A DC 4  ? ? 1.517 1.607 -0.090 0.012 Y 
8  1 P     A DC 4  ? ? OP1   A DC 4  ? ? 1.376 1.485 -0.109 0.017 N 
9  1 C5    A DG 5  ? ? N7    A DG 5  ? ? 1.322 1.388 -0.066 0.006 N 
10 1 C8    A DG 5  ? ? N9    A DG 5  ? ? 1.321 1.374 -0.053 0.007 N 
11 1 N9    A DG 5  ? ? C4    A DG 5  ? ? 1.323 1.375 -0.052 0.008 N 
12 1 C5    A DA 6  ? ? N7    A DA 6  ? ? 1.319 1.388 -0.069 0.006 N 
13 1 C8    A DA 6  ? ? N9    A DA 6  ? ? 1.320 1.373 -0.053 0.008 N 
14 1 N9    A DA 6  ? ? C4    A DA 6  ? ? 1.320 1.374 -0.054 0.006 N 
15 1 C5    A DA 7  ? ? N7    A DA 7  ? ? 1.319 1.388 -0.069 0.006 N 
16 1 C8    A DA 7  ? ? N9    A DA 7  ? ? 1.322 1.373 -0.051 0.008 N 
17 1 N9    A DA 7  ? ? C4    A DA 7  ? ? 1.321 1.374 -0.053 0.006 N 
18 1 C5    A DA 8  ? ? N7    A DA 8  ? ? 1.321 1.388 -0.067 0.006 N 
19 1 C8    A DA 8  ? ? N9    A DA 8  ? ? 1.322 1.373 -0.051 0.008 N 
20 1 N9    A DA 8  ? ? C4    A DA 8  ? ? 1.323 1.374 -0.051 0.006 N 
21 1 C4    A DT 10 ? ? C5    A DT 10 ? ? 1.373 1.445 -0.072 0.009 N 
22 1 C5    A DG 11 ? ? N7    A DG 11 ? ? 1.318 1.388 -0.070 0.006 N 
23 1 C8    A DG 11 ? ? N9    A DG 11 ? ? 1.321 1.374 -0.053 0.007 N 
24 1 N9    A DG 11 ? ? C4    A DG 11 ? ? 1.317 1.375 -0.058 0.008 N 
25 1 C4    A DT 12 ? ? C5    A DT 12 ? ? 1.375 1.445 -0.070 0.009 N 
26 1 C4    A DT 13 ? ? C5    A DT 13 ? ? 1.376 1.445 -0.069 0.009 N 
27 1 C4    A DT 14 ? ? C5    A DT 14 ? ? 1.379 1.445 -0.066 0.009 N 
28 1 C4    A DC 15 ? ? C5    A DC 15 ? ? 1.374 1.425 -0.051 0.008 N 
29 1 C5    A DG 16 ? ? N7    A DG 16 ? ? 1.318 1.388 -0.070 0.006 N 
30 1 C8    A DG 16 ? ? N9    A DG 16 ? ? 1.316 1.374 -0.058 0.007 N 
31 1 N9    A DG 16 ? ? C4    A DG 16 ? ? 1.320 1.375 -0.055 0.008 N 
32 1 C5    A DG 18 ? ? N7    A DG 18 ? ? 1.316 1.388 -0.072 0.006 N 
33 1 C8    A DG 18 ? ? N9    A DG 18 ? ? 1.317 1.374 -0.057 0.007 N 
34 1 N9    A DG 18 ? ? C4    A DG 18 ? ? 1.316 1.375 -0.059 0.008 N 
35 1 C4    A DC 19 ? ? C5    A DC 19 ? ? 1.370 1.425 -0.055 0.008 N 
36 2 C5    A DG 1  ? ? N7    A DG 1  ? ? 1.316 1.388 -0.072 0.006 N 
37 2 C8    A DG 1  ? ? N9    A DG 1  ? ? 1.317 1.374 -0.057 0.007 N 
38 2 N9    A DG 1  ? ? C4    A DG 1  ? ? 1.317 1.375 -0.058 0.008 N 
39 2 C4    A DC 2  ? ? C5    A DC 2  ? ? 1.376 1.425 -0.049 0.008 N 
40 2 C5    A DG 3  ? ? N7    A DG 3  ? ? 1.319 1.388 -0.069 0.006 N 
41 2 C8    A DG 3  ? ? N9    A DG 3  ? ? 1.320 1.374 -0.054 0.007 N 
42 2 N9    A DG 3  ? ? C4    A DG 3  ? ? 1.321 1.375 -0.054 0.008 N 
43 2 "O3'" A DG 3  ? ? P     A DC 4  ? ? 1.511 1.607 -0.096 0.012 Y 
44 2 P     A DG 5  ? ? OP1   A DG 5  ? ? 1.360 1.485 -0.125 0.017 N 
45 2 P     A DG 5  ? ? OP2   A DG 5  ? ? 1.367 1.485 -0.118 0.017 N 
46 2 P     A DG 5  ? ? "O5'" A DG 5  ? ? 1.466 1.593 -0.127 0.010 N 
47 2 C5    A DG 5  ? ? N7    A DG 5  ? ? 1.320 1.388 -0.068 0.006 N 
48 2 C8    A DG 5  ? ? N9    A DG 5  ? ? 1.321 1.374 -0.053 0.007 N 
49 2 N9    A DG 5  ? ? C4    A DG 5  ? ? 1.323 1.375 -0.052 0.008 N 
50 2 C5    A DA 6  ? ? N7    A DA 6  ? ? 1.320 1.388 -0.068 0.006 N 
51 2 C8    A DA 6  ? ? N9    A DA 6  ? ? 1.321 1.373 -0.052 0.008 N 
52 2 N9    A DA 6  ? ? C4    A DA 6  ? ? 1.320 1.374 -0.054 0.006 N 
53 2 C5    A DA 7  ? ? N7    A DA 7  ? ? 1.317 1.388 -0.071 0.006 N 
54 2 C8    A DA 7  ? ? N9    A DA 7  ? ? 1.319 1.373 -0.054 0.008 N 
55 2 N9    A DA 7  ? ? C4    A DA 7  ? ? 1.316 1.374 -0.058 0.006 N 
56 2 C5    A DA 8  ? ? N7    A DA 8  ? ? 1.320 1.388 -0.068 0.006 N 
57 2 C8    A DA 8  ? ? N9    A DA 8  ? ? 1.323 1.373 -0.050 0.008 N 
58 2 N9    A DA 8  ? ? C4    A DA 8  ? ? 1.321 1.374 -0.053 0.006 N 
59 2 C4    A DC 9  ? ? C5    A DC 9  ? ? 1.373 1.425 -0.052 0.008 N 
60 2 C4    A DT 10 ? ? C5    A DT 10 ? ? 1.363 1.445 -0.082 0.009 N 
61 2 "C5'" A DG 11 ? ? "C4'" A DG 11 ? ? 1.424 1.509 -0.085 0.011 N 
62 2 "O4'" A DG 11 ? ? "C4'" A DG 11 ? ? 1.356 1.446 -0.090 0.010 N 
63 2 C5    A DG 11 ? ? N7    A DG 11 ? ? 1.316 1.388 -0.072 0.006 N 
64 2 C8    A DG 11 ? ? N9    A DG 11 ? ? 1.318 1.374 -0.056 0.007 N 
65 2 N9    A DG 11 ? ? C4    A DG 11 ? ? 1.317 1.375 -0.058 0.008 N 
66 2 C4    A DT 12 ? ? C5    A DT 12 ? ? 1.380 1.445 -0.065 0.009 N 
67 2 C4    A DT 13 ? ? C5    A DT 13 ? ? 1.372 1.445 -0.073 0.009 N 
68 2 C4    A DT 14 ? ? C5    A DT 14 ? ? 1.378 1.445 -0.067 0.009 N 
69 2 C4    A DC 15 ? ? C5    A DC 15 ? ? 1.375 1.425 -0.050 0.008 N 
70 2 "O3'" A DC 15 ? ? P     A DG 16 ? ? 1.522 1.607 -0.085 0.012 Y 
71 2 C5    A DG 16 ? ? N7    A DG 16 ? ? 1.320 1.388 -0.068 0.006 N 
72 2 C8    A DG 16 ? ? N9    A DG 16 ? ? 1.319 1.374 -0.055 0.007 N 
73 2 N9    A DG 16 ? ? C4    A DG 16 ? ? 1.319 1.375 -0.056 0.008 N 
74 2 C5    A DG 18 ? ? N7    A DG 18 ? ? 1.316 1.388 -0.072 0.006 N 
75 2 C8    A DG 18 ? ? N9    A DG 18 ? ? 1.318 1.374 -0.056 0.007 N 
76 2 N9    A DG 18 ? ? C4    A DG 18 ? ? 1.318 1.375 -0.057 0.008 N 
77 2 C4    A DC 19 ? ? C5    A DC 19 ? ? 1.376 1.425 -0.049 0.008 N 
# 
loop_
_pdbx_validate_rmsd_angle.id 
_pdbx_validate_rmsd_angle.PDB_model_num 
_pdbx_validate_rmsd_angle.auth_atom_id_1 
_pdbx_validate_rmsd_angle.auth_asym_id_1 
_pdbx_validate_rmsd_angle.auth_comp_id_1 
_pdbx_validate_rmsd_angle.auth_seq_id_1 
_pdbx_validate_rmsd_angle.PDB_ins_code_1 
_pdbx_validate_rmsd_angle.label_alt_id_1 
_pdbx_validate_rmsd_angle.auth_atom_id_2 
_pdbx_validate_rmsd_angle.auth_asym_id_2 
_pdbx_validate_rmsd_angle.auth_comp_id_2 
_pdbx_validate_rmsd_angle.auth_seq_id_2 
_pdbx_validate_rmsd_angle.PDB_ins_code_2 
_pdbx_validate_rmsd_angle.label_alt_id_2 
_pdbx_validate_rmsd_angle.auth_atom_id_3 
_pdbx_validate_rmsd_angle.auth_asym_id_3 
_pdbx_validate_rmsd_angle.auth_comp_id_3 
_pdbx_validate_rmsd_angle.auth_seq_id_3 
_pdbx_validate_rmsd_angle.PDB_ins_code_3 
_pdbx_validate_rmsd_angle.label_alt_id_3 
_pdbx_validate_rmsd_angle.angle_value 
_pdbx_validate_rmsd_angle.angle_target_value 
_pdbx_validate_rmsd_angle.angle_deviation 
_pdbx_validate_rmsd_angle.angle_standard_deviation 
_pdbx_validate_rmsd_angle.linker_flag 
1   1 C6    A DG 1  ? ? N1    A DG 1  ? ? C2    A DG 1  ? ? 118.64 125.10 -6.46  0.60 N 
2   1 C2    A DG 1  ? ? N3    A DG 1  ? ? C4    A DG 1  ? ? 121.43 111.90 9.53   0.50 N 
3   1 N3    A DG 1  ? ? C4    A DG 1  ? ? C5    A DG 1  ? ? 119.47 128.60 -9.13  0.50 N 
4   1 C5    A DG 1  ? ? C6    A DG 1  ? ? N1    A DG 1  ? ? 118.02 111.50 6.52   0.50 N 
5   1 C4    A DG 1  ? ? C5    A DG 1  ? ? N7    A DG 1  ? ? 107.57 110.80 -3.23  0.40 N 
6   1 N3    A DG 1  ? ? C4    A DG 1  ? ? N9    A DG 1  ? ? 132.98 126.00 6.98   0.60 N 
7   1 N1    A DG 1  ? ? C2    A DG 1  ? ? N2    A DG 1  ? ? 123.61 116.20 7.41   0.90 N 
8   1 N3    A DG 1  ? ? C2    A DG 1  ? ? N2    A DG 1  ? ? 115.05 119.90 -4.85  0.70 N 
9   1 C5    A DG 1  ? ? C6    A DG 1  ? ? O6    A DG 1  ? ? 119.12 128.60 -9.48  0.60 N 
10  1 "C3'" A DG 1  ? ? "O3'" A DG 1  ? ? P     A DC 2  ? ? 130.06 119.70 10.36  1.20 Y 
11  1 C6    A DC 2  ? ? N1    A DC 2  ? ? C2    A DC 2  ? ? 117.61 120.30 -2.69  0.40 N 
12  1 C2    A DC 2  ? ? N3    A DC 2  ? ? C4    A DC 2  ? ? 123.08 119.90 3.18   0.50 N 
13  1 "O4'" A DG 3  ? ? "C1'" A DG 3  ? ? N9    A DG 3  ? ? 110.80 108.30 2.50   0.30 N 
14  1 C6    A DG 3  ? ? N1    A DG 3  ? ? C2    A DG 3  ? ? 119.30 125.10 -5.80  0.60 N 
15  1 C2    A DG 3  ? ? N3    A DG 3  ? ? C4    A DG 3  ? ? 121.19 111.90 9.29   0.50 N 
16  1 N3    A DG 3  ? ? C4    A DG 3  ? ? C5    A DG 3  ? ? 120.17 128.60 -8.43  0.50 N 
17  1 C5    A DG 3  ? ? C6    A DG 3  ? ? N1    A DG 3  ? ? 117.77 111.50 6.27   0.50 N 
18  1 C4    A DG 3  ? ? C5    A DG 3  ? ? N7    A DG 3  ? ? 107.28 110.80 -3.52  0.40 N 
19  1 C5    A DG 3  ? ? N7    A DG 3  ? ? C8    A DG 3  ? ? 107.67 104.30 3.37   0.50 N 
20  1 N3    A DG 3  ? ? C4    A DG 3  ? ? N9    A DG 3  ? ? 132.53 126.00 6.53   0.60 N 
21  1 N1    A DG 3  ? ? C2    A DG 3  ? ? N2    A DG 3  ? ? 123.51 116.20 7.31   0.90 N 
22  1 N3    A DG 3  ? ? C2    A DG 3  ? ? N2    A DG 3  ? ? 115.60 119.90 -4.30  0.70 N 
23  1 C5    A DG 3  ? ? C6    A DG 3  ? ? O6    A DG 3  ? ? 119.56 128.60 -9.04  0.60 N 
24  1 "C3'" A DG 3  ? ? "O3'" A DG 3  ? ? P     A DC 4  ? ? 130.06 119.70 10.36  1.20 Y 
25  1 "C5'" A DC 4  ? ? "C4'" A DC 4  ? ? "O4'" A DC 4  ? ? 117.38 109.80 7.58   1.10 N 
26  1 "C1'" A DC 4  ? ? "O4'" A DC 4  ? ? "C4'" A DC 4  ? ? 103.11 110.10 -6.99  1.00 N 
27  1 "O4'" A DC 4  ? ? "C1'" A DC 4  ? ? N1    A DC 4  ? ? 111.85 108.30 3.55   0.30 N 
28  1 C2    A DC 4  ? ? N3    A DC 4  ? ? C4    A DC 4  ? ? 122.99 119.90 3.09   0.50 N 
29  1 N3    A DC 4  ? ? C4    A DC 4  ? ? C5    A DC 4  ? ? 119.29 121.90 -2.61  0.40 N 
30  1 C6    A DG 5  ? ? N1    A DG 5  ? ? C2    A DG 5  ? ? 119.33 125.10 -5.77  0.60 N 
31  1 C2    A DG 5  ? ? N3    A DG 5  ? ? C4    A DG 5  ? ? 121.38 111.90 9.48   0.50 N 
32  1 N3    A DG 5  ? ? C4    A DG 5  ? ? C5    A DG 5  ? ? 120.30 128.60 -8.30  0.50 N 
33  1 C5    A DG 5  ? ? C6    A DG 5  ? ? N1    A DG 5  ? ? 118.00 111.50 6.50   0.50 N 
34  1 C4    A DG 5  ? ? C5    A DG 5  ? ? N7    A DG 5  ? ? 107.75 110.80 -3.05  0.40 N 
35  1 C5    A DG 5  ? ? N7    A DG 5  ? ? C8    A DG 5  ? ? 107.36 104.30 3.06   0.50 N 
36  1 N3    A DG 5  ? ? C4    A DG 5  ? ? N9    A DG 5  ? ? 132.87 126.00 6.87   0.60 N 
37  1 N1    A DG 5  ? ? C2    A DG 5  ? ? N2    A DG 5  ? ? 122.32 116.20 6.12   0.90 N 
38  1 C5    A DG 5  ? ? C6    A DG 5  ? ? O6    A DG 5  ? ? 120.31 128.60 -8.29  0.60 N 
39  1 N1    A DA 6  ? ? C2    A DA 6  ? ? N3    A DA 6  ? ? 122.86 129.30 -6.44  0.50 N 
40  1 C2    A DA 6  ? ? N3    A DA 6  ? ? C4    A DA 6  ? ? 120.49 110.60 9.89   0.50 N 
41  1 N3    A DA 6  ? ? C4    A DA 6  ? ? C5    A DA 6  ? ? 118.24 126.80 -8.56  0.70 N 
42  1 N3    A DA 6  ? ? C4    A DA 6  ? ? N9    A DA 6  ? ? 135.50 127.40 8.10   0.80 N 
43  1 N1    A DA 6  ? ? C6    A DA 6  ? ? N6    A DA 6  ? ? 123.45 118.60 4.85   0.60 N 
44  1 C5    A DA 6  ? ? C6    A DA 6  ? ? N6    A DA 6  ? ? 118.04 123.70 -5.66  0.80 N 
45  1 N1    A DA 7  ? ? C2    A DA 7  ? ? N3    A DA 7  ? ? 122.77 129.30 -6.53  0.50 N 
46  1 C2    A DA 7  ? ? N3    A DA 7  ? ? C4    A DA 7  ? ? 120.17 110.60 9.57   0.50 N 
47  1 N3    A DA 7  ? ? C4    A DA 7  ? ? C5    A DA 7  ? ? 118.60 126.80 -8.20  0.70 N 
48  1 N3    A DA 7  ? ? C4    A DA 7  ? ? N9    A DA 7  ? ? 134.67 127.40 7.27   0.80 N 
49  1 N1    A DA 7  ? ? C6    A DA 7  ? ? N6    A DA 7  ? ? 122.48 118.60 3.88   0.60 N 
50  1 N1    A DA 8  ? ? C2    A DA 8  ? ? N3    A DA 8  ? ? 122.70 129.30 -6.60  0.50 N 
51  1 C2    A DA 8  ? ? N3    A DA 8  ? ? C4    A DA 8  ? ? 120.20 110.60 9.60   0.50 N 
52  1 N3    A DA 8  ? ? C4    A DA 8  ? ? C5    A DA 8  ? ? 118.72 126.80 -8.08  0.70 N 
53  1 N7    A DA 8  ? ? C8    A DA 8  ? ? N9    A DA 8  ? ? 110.70 113.80 -3.10  0.50 N 
54  1 N3    A DA 8  ? ? C4    A DA 8  ? ? N9    A DA 8  ? ? 134.40 127.40 7.00   0.80 N 
55  1 "O4'" A DC 9  ? ? "C1'" A DC 9  ? ? N1    A DC 9  ? ? 113.64 108.30 5.34   0.30 N 
56  1 N3    A DC 9  ? ? C2    A DC 9  ? ? O2    A DC 9  ? ? 116.48 121.90 -5.42  0.70 N 
57  1 "O4'" A DT 10 ? ? "C1'" A DT 10 ? ? N1    A DT 10 ? ? 117.06 108.30 8.76   0.30 N 
58  1 N1    A DT 10 ? ? C2    A DT 10 ? ? N3    A DT 10 ? ? 120.08 114.60 5.48   0.60 N 
59  1 C2    A DT 10 ? ? N3    A DT 10 ? ? C4    A DT 10 ? ? 120.57 127.20 -6.63  0.60 N 
60  1 N3    A DT 10 ? ? C4    A DT 10 ? ? C5    A DT 10 ? ? 119.46 115.20 4.26   0.60 N 
61  1 C5    A DT 10 ? ? C4    A DT 10 ? ? O4    A DT 10 ? ? 119.37 124.90 -5.53  0.70 N 
62  1 C6    A DG 11 ? ? N1    A DG 11 ? ? C2    A DG 11 ? ? 118.64 125.10 -6.46  0.60 N 
63  1 C2    A DG 11 ? ? N3    A DG 11 ? ? C4    A DG 11 ? ? 120.84 111.90 8.94   0.50 N 
64  1 N3    A DG 11 ? ? C4    A DG 11 ? ? C5    A DG 11 ? ? 119.68 128.60 -8.92  0.50 N 
65  1 C5    A DG 11 ? ? C6    A DG 11 ? ? N1    A DG 11 ? ? 117.64 111.50 6.14   0.50 N 
66  1 C4    A DG 11 ? ? C5    A DG 11 ? ? N7    A DG 11 ? ? 107.41 110.80 -3.39  0.40 N 
67  1 N3    A DG 11 ? ? C4    A DG 11 ? ? N9    A DG 11 ? ? 131.80 126.00 5.80   0.60 N 
68  1 N1    A DG 11 ? ? C2    A DG 11 ? ? N2    A DG 11 ? ? 123.95 116.20 7.75   0.90 N 
69  1 N3    A DG 11 ? ? C2    A DG 11 ? ? N2    A DG 11 ? ? 114.32 119.90 -5.58  0.70 N 
70  1 C5    A DG 11 ? ? C6    A DG 11 ? ? O6    A DG 11 ? ? 118.88 128.60 -9.72  0.60 N 
71  1 "O4'" A DT 12 ? ? "C1'" A DT 12 ? ? N1    A DT 12 ? ? 112.20 108.30 3.90   0.30 N 
72  1 N1    A DT 12 ? ? C2    A DT 12 ? ? N3    A DT 12 ? ? 119.82 114.60 5.22   0.60 N 
73  1 C2    A DT 12 ? ? N3    A DT 12 ? ? C4    A DT 12 ? ? 120.57 127.20 -6.63  0.60 N 
74  1 N3    A DT 12 ? ? C4    A DT 12 ? ? C5    A DT 12 ? ? 119.67 115.20 4.47   0.60 N 
75  1 C5    A DT 12 ? ? C4    A DT 12 ? ? O4    A DT 12 ? ? 119.83 124.90 -5.07  0.70 N 
76  1 "O4'" A DT 13 ? ? "C1'" A DT 13 ? ? N1    A DT 13 ? ? 112.65 108.30 4.35   0.30 N 
77  1 N1    A DT 13 ? ? C2    A DT 13 ? ? N3    A DT 13 ? ? 120.15 114.60 5.55   0.60 N 
78  1 C2    A DT 13 ? ? N3    A DT 13 ? ? C4    A DT 13 ? ? 120.61 127.20 -6.59  0.60 N 
79  1 N3    A DT 13 ? ? C4    A DT 13 ? ? C5    A DT 13 ? ? 119.11 115.20 3.91   0.60 N 
80  1 C6    A DT 13 ? ? C5    A DT 13 ? ? C7    A DT 13 ? ? 119.25 122.90 -3.65  0.60 N 
81  1 N1    A DT 14 ? ? C2    A DT 14 ? ? N3    A DT 14 ? ? 120.15 114.60 5.55   0.60 N 
82  1 C2    A DT 14 ? ? N3    A DT 14 ? ? C4    A DT 14 ? ? 120.25 127.20 -6.95  0.60 N 
83  1 N3    A DT 14 ? ? C4    A DT 14 ? ? C5    A DT 14 ? ? 119.49 115.20 4.29   0.60 N 
84  1 C5    A DT 14 ? ? C4    A DT 14 ? ? O4    A DT 14 ? ? 119.51 124.90 -5.39  0.70 N 
85  1 N3    A DC 15 ? ? C4    A DC 15 ? ? C5    A DC 15 ? ? 119.36 121.90 -2.54  0.40 N 
86  1 C6    A DG 16 ? ? N1    A DG 16 ? ? C2    A DG 16 ? ? 118.87 125.10 -6.23  0.60 N 
87  1 C2    A DG 16 ? ? N3    A DG 16 ? ? C4    A DG 16 ? ? 121.44 111.90 9.54   0.50 N 
88  1 N3    A DG 16 ? ? C4    A DG 16 ? ? C5    A DG 16 ? ? 119.92 128.60 -8.68  0.50 N 
89  1 C5    A DG 16 ? ? C6    A DG 16 ? ? N1    A DG 16 ? ? 118.18 111.50 6.68   0.50 N 
90  1 C4    A DG 16 ? ? C5    A DG 16 ? ? N7    A DG 16 ? ? 107.87 110.80 -2.93  0.40 N 
91  1 N3    A DG 16 ? ? C4    A DG 16 ? ? N9    A DG 16 ? ? 133.16 126.00 7.16   0.60 N 
92  1 N1    A DG 16 ? ? C2    A DG 16 ? ? N2    A DG 16 ? ? 123.54 116.20 7.34   0.90 N 
93  1 N3    A DG 16 ? ? C2    A DG 16 ? ? N2    A DG 16 ? ? 115.43 119.90 -4.47  0.70 N 
94  1 C5    A DG 16 ? ? C6    A DG 16 ? ? O6    A DG 16 ? ? 118.40 128.60 -10.20 0.60 N 
95  1 "O4'" A DG 18 ? ? "C1'" A DG 18 ? ? N9    A DG 18 ? ? 110.39 108.30 2.09   0.30 N 
96  1 C6    A DG 18 ? ? N1    A DG 18 ? ? C2    A DG 18 ? ? 119.24 125.10 -5.86  0.60 N 
97  1 C2    A DG 18 ? ? N3    A DG 18 ? ? C4    A DG 18 ? ? 120.92 111.90 9.02   0.50 N 
98  1 N3    A DG 18 ? ? C4    A DG 18 ? ? C5    A DG 18 ? ? 120.06 128.60 -8.54  0.50 N 
99  1 C5    A DG 18 ? ? C6    A DG 18 ? ? N1    A DG 18 ? ? 117.51 111.50 6.01   0.50 N 
100 1 C4    A DG 18 ? ? C5    A DG 18 ? ? N7    A DG 18 ? ? 107.34 110.80 -3.46  0.40 N 
101 1 C5    A DG 18 ? ? N7    A DG 18 ? ? C8    A DG 18 ? ? 107.41 104.30 3.11   0.50 N 
102 1 N3    A DG 18 ? ? C4    A DG 18 ? ? N9    A DG 18 ? ? 132.57 126.00 6.57   0.60 N 
103 1 N1    A DG 18 ? ? C2    A DG 18 ? ? N2    A DG 18 ? ? 122.96 116.20 6.76   0.90 N 
104 1 C5    A DG 18 ? ? C6    A DG 18 ? ? O6    A DG 18 ? ? 119.81 128.60 -8.79  0.60 N 
105 1 "O4'" A DC 19 ? ? "C1'" A DC 19 ? ? N1    A DC 19 ? ? 113.50 108.30 5.20   0.30 N 
106 1 N3    A DC 19 ? ? C4    A DC 19 ? ? C5    A DC 19 ? ? 119.28 121.90 -2.62  0.40 N 
107 1 N3    A DC 19 ? ? C2    A DC 19 ? ? O2    A DC 19 ? ? 117.64 121.90 -4.26  0.70 N 
108 2 C6    A DG 1  ? ? N1    A DG 1  ? ? C2    A DG 1  ? ? 119.26 125.10 -5.84  0.60 N 
109 2 C2    A DG 1  ? ? N3    A DG 1  ? ? C4    A DG 1  ? ? 121.17 111.90 9.27   0.50 N 
110 2 N3    A DG 1  ? ? C4    A DG 1  ? ? C5    A DG 1  ? ? 120.09 128.60 -8.51  0.50 N 
111 2 C5    A DG 1  ? ? C6    A DG 1  ? ? N1    A DG 1  ? ? 117.67 111.50 6.17   0.50 N 
112 2 C4    A DG 1  ? ? C5    A DG 1  ? ? N7    A DG 1  ? ? 107.60 110.80 -3.20  0.40 N 
113 2 N3    A DG 1  ? ? C4    A DG 1  ? ? N9    A DG 1  ? ? 132.71 126.00 6.71   0.60 N 
114 2 N1    A DG 1  ? ? C2    A DG 1  ? ? N2    A DG 1  ? ? 123.68 116.20 7.48   0.90 N 
115 2 N3    A DG 1  ? ? C2    A DG 1  ? ? N2    A DG 1  ? ? 115.34 119.90 -4.56  0.70 N 
116 2 C5    A DG 1  ? ? C6    A DG 1  ? ? O6    A DG 1  ? ? 119.17 128.60 -9.43  0.60 N 
117 2 C6    A DC 2  ? ? N1    A DC 2  ? ? C2    A DC 2  ? ? 117.46 120.30 -2.84  0.40 N 
118 2 C6    A DG 3  ? ? N1    A DG 3  ? ? C2    A DG 3  ? ? 119.27 125.10 -5.83  0.60 N 
119 2 C2    A DG 3  ? ? N3    A DG 3  ? ? C4    A DG 3  ? ? 121.18 111.90 9.28   0.50 N 
120 2 N3    A DG 3  ? ? C4    A DG 3  ? ? C5    A DG 3  ? ? 120.07 128.60 -8.53  0.50 N 
121 2 C5    A DG 3  ? ? C6    A DG 3  ? ? N1    A DG 3  ? ? 117.72 111.50 6.22   0.50 N 
122 2 C4    A DG 3  ? ? C5    A DG 3  ? ? N7    A DG 3  ? ? 107.56 110.80 -3.24  0.40 N 
123 2 N3    A DG 3  ? ? C4    A DG 3  ? ? N9    A DG 3  ? ? 132.62 126.00 6.62   0.60 N 
124 2 N1    A DG 3  ? ? C2    A DG 3  ? ? N2    A DG 3  ? ? 123.23 116.20 7.03   0.90 N 
125 2 C5    A DG 3  ? ? C6    A DG 3  ? ? O6    A DG 3  ? ? 119.43 128.60 -9.17  0.60 N 
126 2 "C3'" A DG 3  ? ? "O3'" A DG 3  ? ? P     A DC 4  ? ? 129.62 119.70 9.92   1.20 Y 
127 2 C6    A DC 4  ? ? N1    A DC 4  ? ? C2    A DC 4  ? ? 117.60 120.30 -2.70  0.40 N 
128 2 N3    A DC 4  ? ? C4    A DC 4  ? ? C5    A DC 4  ? ? 119.32 121.90 -2.58  0.40 N 
129 2 N3    A DC 4  ? ? C2    A DC 4  ? ? O2    A DC 4  ? ? 117.45 121.90 -4.45  0.70 N 
130 2 P     A DG 5  ? ? "O5'" A DG 5  ? ? "C5'" A DG 5  ? ? 133.48 120.90 12.58  1.60 N 
131 2 C6    A DG 5  ? ? N1    A DG 5  ? ? C2    A DG 5  ? ? 119.50 125.10 -5.60  0.60 N 
132 2 C2    A DG 5  ? ? N3    A DG 5  ? ? C4    A DG 5  ? ? 121.24 111.90 9.34   0.50 N 
133 2 N3    A DG 5  ? ? C4    A DG 5  ? ? C5    A DG 5  ? ? 120.29 128.60 -8.31  0.50 N 
134 2 C5    A DG 5  ? ? C6    A DG 5  ? ? N1    A DG 5  ? ? 117.76 111.50 6.26   0.50 N 
135 2 C4    A DG 5  ? ? C5    A DG 5  ? ? N7    A DG 5  ? ? 107.91 110.80 -2.89  0.40 N 
136 2 N3    A DG 5  ? ? C4    A DG 5  ? ? N9    A DG 5  ? ? 132.82 126.00 6.82   0.60 N 
137 2 N1    A DG 5  ? ? C2    A DG 5  ? ? N2    A DG 5  ? ? 123.10 116.20 6.90   0.90 N 
138 2 C5    A DG 5  ? ? C6    A DG 5  ? ? O6    A DG 5  ? ? 119.36 128.60 -9.24  0.60 N 
139 2 "C3'" A DG 5  ? ? "O3'" A DG 5  ? ? P     A DA 6  ? ? 127.19 119.70 7.49   1.20 Y 
140 2 N1    A DA 6  ? ? C2    A DA 6  ? ? N3    A DA 6  ? ? 123.45 129.30 -5.85  0.50 N 
141 2 C2    A DA 6  ? ? N3    A DA 6  ? ? C4    A DA 6  ? ? 120.32 110.60 9.72   0.50 N 
142 2 N3    A DA 6  ? ? C4    A DA 6  ? ? C5    A DA 6  ? ? 118.02 126.80 -8.78  0.70 N 
143 2 N3    A DA 6  ? ? C4    A DA 6  ? ? N9    A DA 6  ? ? 135.76 127.40 8.36   0.80 N 
144 2 N1    A DA 6  ? ? C6    A DA 6  ? ? N6    A DA 6  ? ? 123.97 118.60 5.37   0.60 N 
145 2 C5    A DA 6  ? ? C6    A DA 6  ? ? N6    A DA 6  ? ? 117.31 123.70 -6.39  0.80 N 
146 2 N1    A DA 7  ? ? C2    A DA 7  ? ? N3    A DA 7  ? ? 122.98 129.30 -6.32  0.50 N 
147 2 C2    A DA 7  ? ? N3    A DA 7  ? ? C4    A DA 7  ? ? 120.48 110.60 9.88   0.50 N 
148 2 N3    A DA 7  ? ? C4    A DA 7  ? ? C5    A DA 7  ? ? 118.15 126.80 -8.65  0.70 N 
149 2 N3    A DA 7  ? ? C4    A DA 7  ? ? N9    A DA 7  ? ? 135.28 127.40 7.88   0.80 N 
150 2 N1    A DA 7  ? ? C6    A DA 7  ? ? N6    A DA 7  ? ? 123.19 118.60 4.59   0.60 N 
151 2 C5    A DA 7  ? ? C6    A DA 7  ? ? N6    A DA 7  ? ? 118.45 123.70 -5.25  0.80 N 
152 2 N1    A DA 8  ? ? C2    A DA 8  ? ? N3    A DA 8  ? ? 122.78 129.30 -6.52  0.50 N 
153 2 C2    A DA 8  ? ? N3    A DA 8  ? ? C4    A DA 8  ? ? 120.34 110.60 9.74   0.50 N 
154 2 N3    A DA 8  ? ? C4    A DA 8  ? ? C5    A DA 8  ? ? 118.51 126.80 -8.29  0.70 N 
155 2 N3    A DA 8  ? ? C4    A DA 8  ? ? N9    A DA 8  ? ? 134.99 127.40 7.59   0.80 N 
156 2 N1    A DA 8  ? ? C6    A DA 8  ? ? N6    A DA 8  ? ? 122.31 118.60 3.71   0.60 N 
157 2 "C5'" A DT 10 ? ? "C4'" A DT 10 ? ? "O4'" A DT 10 ? ? 116.68 109.80 6.88   1.10 N 
158 2 "C1'" A DT 10 ? ? "O4'" A DT 10 ? ? "C4'" A DT 10 ? ? 103.26 110.10 -6.84  1.00 N 
159 2 "O4'" A DT 10 ? ? "C1'" A DT 10 ? ? N1    A DT 10 ? ? 118.29 108.30 9.99   0.30 N 
160 2 C6    A DT 10 ? ? N1    A DT 10 ? ? C2    A DT 10 ? ? 118.07 121.30 -3.23  0.50 N 
161 2 N1    A DT 10 ? ? C2    A DT 10 ? ? N3    A DT 10 ? ? 119.86 114.60 5.26   0.60 N 
162 2 C2    A DT 10 ? ? N3    A DT 10 ? ? C4    A DT 10 ? ? 121.06 127.20 -6.14  0.60 N 
163 2 N3    A DT 10 ? ? C4    A DT 10 ? ? C5    A DT 10 ? ? 119.48 115.20 4.28   0.60 N 
164 2 N3    A DT 10 ? ? C2    A DT 10 ? ? O2    A DT 10 ? ? 116.67 122.30 -5.63  0.60 N 
165 2 C5    A DT 10 ? ? C4    A DT 10 ? ? O4    A DT 10 ? ? 118.59 124.90 -6.31  0.70 N 
166 2 "C3'" A DT 10 ? ? "O3'" A DT 10 ? ? P     A DG 11 ? ? 127.87 119.70 8.17   1.20 Y 
167 2 C6    A DG 11 ? ? N1    A DG 11 ? ? C2    A DG 11 ? ? 120.05 125.10 -5.05  0.60 N 
168 2 C2    A DG 11 ? ? N3    A DG 11 ? ? C4    A DG 11 ? ? 120.66 111.90 8.76   0.50 N 
169 2 N3    A DG 11 ? ? C4    A DG 11 ? ? C5    A DG 11 ? ? 120.54 128.60 -8.06  0.50 N 
170 2 C5    A DG 11 ? ? C6    A DG 11 ? ? N1    A DG 11 ? ? 116.98 111.50 5.48   0.50 N 
171 2 C4    A DG 11 ? ? C5    A DG 11 ? ? N7    A DG 11 ? ? 108.39 110.80 -2.41  0.40 N 
172 2 N3    A DG 11 ? ? C4    A DG 11 ? ? N9    A DG 11 ? ? 132.06 126.00 6.06   0.60 N 
173 2 N1    A DG 11 ? ? C2    A DG 11 ? ? N2    A DG 11 ? ? 124.44 116.20 8.24   0.90 N 
174 2 N3    A DG 11 ? ? C2    A DG 11 ? ? N2    A DG 11 ? ? 114.76 119.90 -5.14  0.70 N 
175 2 N1    A DG 11 ? ? C6    A DG 11 ? ? O6    A DG 11 ? ? 123.86 119.90 3.96   0.60 N 
176 2 C5    A DG 11 ? ? C6    A DG 11 ? ? O6    A DG 11 ? ? 119.07 128.60 -9.53  0.60 N 
177 2 "C1'" A DT 12 ? ? "O4'" A DT 12 ? ? "C4'" A DT 12 ? ? 103.99 110.10 -6.11  1.00 N 
178 2 "O4'" A DT 12 ? ? "C1'" A DT 12 ? ? N1    A DT 12 ? ? 112.59 108.30 4.29   0.30 N 
179 2 N1    A DT 12 ? ? C2    A DT 12 ? ? N3    A DT 12 ? ? 120.27 114.60 5.67   0.60 N 
180 2 C2    A DT 12 ? ? N3    A DT 12 ? ? C4    A DT 12 ? ? 120.17 127.20 -7.03  0.60 N 
181 2 N3    A DT 12 ? ? C4    A DT 12 ? ? C5    A DT 12 ? ? 119.58 115.20 4.38   0.60 N 
182 2 C5    A DT 12 ? ? C4    A DT 12 ? ? O4    A DT 12 ? ? 120.37 124.90 -4.53  0.70 N 
183 2 "C3'" A DT 12 ? ? "O3'" A DT 12 ? ? P     A DT 13 ? ? 130.12 119.70 10.42  1.20 Y 
184 2 "O4'" A DT 13 ? ? "C1'" A DT 13 ? ? N1    A DT 13 ? ? 111.88 108.30 3.58   0.30 N 
185 2 N1    A DT 13 ? ? C2    A DT 13 ? ? N3    A DT 13 ? ? 120.07 114.60 5.47   0.60 N 
186 2 C2    A DT 13 ? ? N3    A DT 13 ? ? C4    A DT 13 ? ? 120.36 127.20 -6.84  0.60 N 
187 2 N3    A DT 13 ? ? C4    A DT 13 ? ? C5    A DT 13 ? ? 119.54 115.20 4.34   0.60 N 
188 2 C5    A DT 13 ? ? C4    A DT 13 ? ? O4    A DT 13 ? ? 119.29 124.90 -5.61  0.70 N 
189 2 "C3'" A DT 13 ? ? "O3'" A DT 13 ? ? P     A DT 14 ? ? 128.52 119.70 8.82   1.20 Y 
190 2 N1    A DT 14 ? ? C2    A DT 14 ? ? N3    A DT 14 ? ? 120.05 114.60 5.45   0.60 N 
191 2 C2    A DT 14 ? ? N3    A DT 14 ? ? C4    A DT 14 ? ? 119.81 127.20 -7.39  0.60 N 
192 2 N3    A DT 14 ? ? C4    A DT 14 ? ? C5    A DT 14 ? ? 120.07 115.20 4.87   0.60 N 
193 2 C5    A DT 14 ? ? C4    A DT 14 ? ? O4    A DT 14 ? ? 118.91 124.90 -5.99  0.70 N 
194 2 "O4'" A DC 15 ? ? "C1'" A DC 15 ? ? N1    A DC 15 ? ? 111.40 108.30 3.10   0.30 N 
195 2 C6    A DC 15 ? ? N1    A DC 15 ? ? C2    A DC 15 ? ? 117.75 120.30 -2.55  0.40 N 
196 2 N3    A DC 15 ? ? C4    A DC 15 ? ? C5    A DC 15 ? ? 119.14 121.90 -2.76  0.40 N 
197 2 "C3'" A DC 15 ? ? "O3'" A DC 15 ? ? P     A DG 16 ? ? 129.10 119.70 9.40   1.20 Y 
198 2 C6    A DG 16 ? ? N1    A DG 16 ? ? C2    A DG 16 ? ? 118.80 125.10 -6.30  0.60 N 
199 2 C2    A DG 16 ? ? N3    A DG 16 ? ? C4    A DG 16 ? ? 121.59 111.90 9.69   0.50 N 
200 2 N3    A DG 16 ? ? C4    A DG 16 ? ? C5    A DG 16 ? ? 119.57 128.60 -9.03  0.50 N 
201 2 C5    A DG 16 ? ? C6    A DG 16 ? ? N1    A DG 16 ? ? 118.14 111.50 6.64   0.50 N 
202 2 C4    A DG 16 ? ? C5    A DG 16 ? ? N7    A DG 16 ? ? 107.81 110.80 -2.99  0.40 N 
203 2 N3    A DG 16 ? ? C4    A DG 16 ? ? N9    A DG 16 ? ? 133.27 126.00 7.27   0.60 N 
204 2 N1    A DG 16 ? ? C2    A DG 16 ? ? N2    A DG 16 ? ? 122.49 116.20 6.29   0.90 N 
205 2 C5    A DG 16 ? ? C6    A DG 16 ? ? O6    A DG 16 ? ? 118.65 128.60 -9.95  0.60 N 
206 2 C6    A DC 17 ? ? N1    A DC 17 ? ? C2    A DC 17 ? ? 117.63 120.30 -2.67  0.40 N 
207 2 C6    A DG 18 ? ? N1    A DG 18 ? ? C2    A DG 18 ? ? 119.04 125.10 -6.06  0.60 N 
208 2 C2    A DG 18 ? ? N3    A DG 18 ? ? C4    A DG 18 ? ? 121.27 111.90 9.37   0.50 N 
209 2 N3    A DG 18 ? ? C4    A DG 18 ? ? C5    A DG 18 ? ? 119.91 128.60 -8.69  0.50 N 
210 2 C5    A DG 18 ? ? C6    A DG 18 ? ? N1    A DG 18 ? ? 117.82 111.50 6.32   0.50 N 
211 2 C4    A DG 18 ? ? C5    A DG 18 ? ? N7    A DG 18 ? ? 107.74 110.80 -3.06  0.40 N 
212 2 N3    A DG 18 ? ? C4    A DG 18 ? ? N9    A DG 18 ? ? 133.02 126.00 7.02   0.60 N 
213 2 N1    A DG 18 ? ? C2    A DG 18 ? ? N2    A DG 18 ? ? 122.47 116.20 6.27   0.90 N 
214 2 C5    A DG 18 ? ? C6    A DG 18 ? ? O6    A DG 18 ? ? 119.39 128.60 -9.21  0.60 N 
215 2 "O4'" A DC 19 ? ? "C1'" A DC 19 ? ? N1    A DC 19 ? ? 113.01 108.30 4.71   0.30 N 
216 2 N3    A DC 19 ? ? C4    A DC 19 ? ? C5    A DC 19 ? ? 119.32 121.90 -2.58  0.40 N 
# 
loop_
_pdbx_validate_planes.id 
_pdbx_validate_planes.PDB_model_num 
_pdbx_validate_planes.auth_comp_id 
_pdbx_validate_planes.auth_asym_id 
_pdbx_validate_planes.auth_seq_id 
_pdbx_validate_planes.PDB_ins_code 
_pdbx_validate_planes.label_alt_id 
_pdbx_validate_planes.rmsd 
_pdbx_validate_planes.type 
1  1 DG A 5  ? ? 0.060 'SIDE CHAIN' 
2  1 DA A 6  ? ? 0.059 'SIDE CHAIN' 
3  1 DA A 8  ? ? 0.118 'SIDE CHAIN' 
4  1 DC A 9  ? ? 0.157 'SIDE CHAIN' 
5  1 DG A 11 ? ? 0.187 'SIDE CHAIN' 
6  1 DT A 12 ? ? 0.092 'SIDE CHAIN' 
7  1 DC A 19 ? ? 0.107 'SIDE CHAIN' 
8  2 DA A 6  ? ? 0.082 'SIDE CHAIN' 
9  2 DC A 9  ? ? 0.185 'SIDE CHAIN' 
10 2 DG A 11 ? ? 0.080 'SIDE CHAIN' 
11 2 DT A 12 ? ? 0.086 'SIDE CHAIN' 
12 2 DC A 17 ? ? 0.063 'SIDE CHAIN' 
13 2 DC A 19 ? ? 0.080 'SIDE CHAIN' 
# 
_pdbx_nmr_ensemble.entry_id                                      1ECU 
_pdbx_nmr_ensemble.conformers_calculated_total_number            2 
_pdbx_nmr_ensemble.conformers_submitted_total_number             2 
_pdbx_nmr_ensemble.conformer_selection_criteria                  'all calculated structures submitted' 
_pdbx_nmr_ensemble.average_constraints_per_residue               ? 
_pdbx_nmr_ensemble.average_constraint_violations_per_residue     ? 
_pdbx_nmr_ensemble.maximum_distance_constraint_violation         ? 
_pdbx_nmr_ensemble.average_distance_constraint_violation         ? 
_pdbx_nmr_ensemble.maximum_upper_distance_constraint_violation   ? 
_pdbx_nmr_ensemble.maximum_lower_distance_constraint_violation   ? 
_pdbx_nmr_ensemble.distance_constraint_violation_method          ? 
_pdbx_nmr_ensemble.maximum_torsion_angle_constraint_violation    ? 
_pdbx_nmr_ensemble.average_torsion_angle_constraint_violation    ? 
_pdbx_nmr_ensemble.torsion_angle_constraint_violation_method     ? 
# 
loop_
_pdbx_nmr_sample_details.solution_id 
_pdbx_nmr_sample_details.contents 
_pdbx_nmr_sample_details.solvent_system 
1 '3.5mM DNA fragment; 50mM phosphate buffer, pH 7.0; 150mM NaCl; 1mM EDTA; 1mM NaN3; 90% H2O, 10% D2O' '90% H2O/10% D2O' 
2 'same as 1 except in D2O'                                                                             '99.96% D2O'      
# 
_pdbx_nmr_exptl_sample_conditions.conditions_id       1 
_pdbx_nmr_exptl_sample_conditions.temperature         300 
_pdbx_nmr_exptl_sample_conditions.pressure            ambient 
_pdbx_nmr_exptl_sample_conditions.pH                  7.0 
_pdbx_nmr_exptl_sample_conditions.ionic_strength      '150mM NaCl' 
_pdbx_nmr_exptl_sample_conditions.pressure_units      ? 
_pdbx_nmr_exptl_sample_conditions.temperature_units   K 
# 
loop_
_pdbx_nmr_exptl.experiment_id 
_pdbx_nmr_exptl.conditions_id 
_pdbx_nmr_exptl.solution_id 
_pdbx_nmr_exptl.type 
1 1 1 '2D NOESY' 
2 1 2 '2D NOESY' 
# 
_pdbx_nmr_details.entry_id   1ECU 
_pdbx_nmr_details.text       'Solvent suppression was realized by WATERGATE method.' 
# 
_pdbx_nmr_refine.entry_id           1ECU 
_pdbx_nmr_refine.method             
;Molecular Dynamics with Particle-Particle Particle-Mesh method; Iterative Relaxation Matrix Approach with generalized order parameters
;
_pdbx_nmr_refine.details            
;Initial structure for model 1 is A-DNA, while that for model 2 is B-DNA. First we applied 640ps free MD with 18 Na+ counterions and 2789 waters for A-DNA and 2303 waters for B-DNA. Then we applied 4 cycles of IRMA with 174 NOE restraints and 19 hydrogen bond restraints
;
_pdbx_nmr_refine.software_ordinal   1 
# 
loop_
_pdbx_nmr_software.name 
_pdbx_nmr_software.version 
_pdbx_nmr_software.classification 
_pdbx_nmr_software.authors 
_pdbx_nmr_software.ordinal 
XwinNMR 1.1 collection                    Bruker              1 
IRMA    0.1 'iterative matrix relaxation' 'Alexandre Bonvin'  2 
GROMOS  96  refinement                    'W.F.van Gunsteren' 3 
# 
loop_
_chem_comp_atom.comp_id 
_chem_comp_atom.atom_id 
_chem_comp_atom.type_symbol 
_chem_comp_atom.pdbx_aromatic_flag 
_chem_comp_atom.pdbx_stereo_config 
_chem_comp_atom.pdbx_ordinal 
DA OP3    O N N 1   
DA P      P N N 2   
DA OP1    O N N 3   
DA OP2    O N N 4   
DA "O5'"  O N N 5   
DA "C5'"  C N N 6   
DA "C4'"  C N R 7   
DA "O4'"  O N N 8   
DA "C3'"  C N S 9   
DA "O3'"  O N N 10  
DA "C2'"  C N N 11  
DA "C1'"  C N R 12  
DA N9     N Y N 13  
DA C8     C Y N 14  
DA N7     N Y N 15  
DA C5     C Y N 16  
DA C6     C Y N 17  
DA N6     N N N 18  
DA N1     N Y N 19  
DA C2     C Y N 20  
DA N3     N Y N 21  
DA C4     C Y N 22  
DA HOP3   H N N 23  
DA HOP2   H N N 24  
DA "H5'"  H N N 25  
DA "H5''" H N N 26  
DA "H4'"  H N N 27  
DA "H3'"  H N N 28  
DA "HO3'" H N N 29  
DA "H2'"  H N N 30  
DA "H2''" H N N 31  
DA "H1'"  H N N 32  
DA H8     H N N 33  
DA H61    H N N 34  
DA H62    H N N 35  
DA H2     H N N 36  
DC OP3    O N N 37  
DC P      P N N 38  
DC OP1    O N N 39  
DC OP2    O N N 40  
DC "O5'"  O N N 41  
DC "C5'"  C N N 42  
DC "C4'"  C N R 43  
DC "O4'"  O N N 44  
DC "C3'"  C N S 45  
DC "O3'"  O N N 46  
DC "C2'"  C N N 47  
DC "C1'"  C N R 48  
DC N1     N N N 49  
DC C2     C N N 50  
DC O2     O N N 51  
DC N3     N N N 52  
DC C4     C N N 53  
DC N4     N N N 54  
DC C5     C N N 55  
DC C6     C N N 56  
DC HOP3   H N N 57  
DC HOP2   H N N 58  
DC "H5'"  H N N 59  
DC "H5''" H N N 60  
DC "H4'"  H N N 61  
DC "H3'"  H N N 62  
DC "HO3'" H N N 63  
DC "H2'"  H N N 64  
DC "H2''" H N N 65  
DC "H1'"  H N N 66  
DC H41    H N N 67  
DC H42    H N N 68  
DC H5     H N N 69  
DC H6     H N N 70  
DG OP3    O N N 71  
DG P      P N N 72  
DG OP1    O N N 73  
DG OP2    O N N 74  
DG "O5'"  O N N 75  
DG "C5'"  C N N 76  
DG "C4'"  C N R 77  
DG "O4'"  O N N 78  
DG "C3'"  C N S 79  
DG "O3'"  O N N 80  
DG "C2'"  C N N 81  
DG "C1'"  C N R 82  
DG N9     N Y N 83  
DG C8     C Y N 84  
DG N7     N Y N 85  
DG C5     C Y N 86  
DG C6     C N N 87  
DG O6     O N N 88  
DG N1     N N N 89  
DG C2     C N N 90  
DG N2     N N N 91  
DG N3     N N N 92  
DG C4     C Y N 93  
DG HOP3   H N N 94  
DG HOP2   H N N 95  
DG "H5'"  H N N 96  
DG "H5''" H N N 97  
DG "H4'"  H N N 98  
DG "H3'"  H N N 99  
DG "HO3'" H N N 100 
DG "H2'"  H N N 101 
DG "H2''" H N N 102 
DG "H1'"  H N N 103 
DG H8     H N N 104 
DG H1     H N N 105 
DG H21    H N N 106 
DG H22    H N N 107 
DT OP3    O N N 108 
DT P      P N N 109 
DT OP1    O N N 110 
DT OP2    O N N 111 
DT "O5'"  O N N 112 
DT "C5'"  C N N 113 
DT "C4'"  C N R 114 
DT "O4'"  O N N 115 
DT "C3'"  C N S 116 
DT "O3'"  O N N 117 
DT "C2'"  C N N 118 
DT "C1'"  C N R 119 
DT N1     N N N 120 
DT C2     C N N 121 
DT O2     O N N 122 
DT N3     N N N 123 
DT C4     C N N 124 
DT O4     O N N 125 
DT C5     C N N 126 
DT C7     C N N 127 
DT C6     C N N 128 
DT HOP3   H N N 129 
DT HOP2   H N N 130 
DT "H5'"  H N N 131 
DT "H5''" H N N 132 
DT "H4'"  H N N 133 
DT "H3'"  H N N 134 
DT "HO3'" H N N 135 
DT "H2'"  H N N 136 
DT "H2''" H N N 137 
DT "H1'"  H N N 138 
DT H3     H N N 139 
DT H71    H N N 140 
DT H72    H N N 141 
DT H73    H N N 142 
DT H6     H N N 143 
# 
loop_
_chem_comp_bond.comp_id 
_chem_comp_bond.atom_id_1 
_chem_comp_bond.atom_id_2 
_chem_comp_bond.value_order 
_chem_comp_bond.pdbx_aromatic_flag 
_chem_comp_bond.pdbx_stereo_config 
_chem_comp_bond.pdbx_ordinal 
DA OP3   P      sing N N 1   
DA OP3   HOP3   sing N N 2   
DA P     OP1    doub N N 3   
DA P     OP2    sing N N 4   
DA P     "O5'"  sing N N 5   
DA OP2   HOP2   sing N N 6   
DA "O5'" "C5'"  sing N N 7   
DA "C5'" "C4'"  sing N N 8   
DA "C5'" "H5'"  sing N N 9   
DA "C5'" "H5''" sing N N 10  
DA "C4'" "O4'"  sing N N 11  
DA "C4'" "C3'"  sing N N 12  
DA "C4'" "H4'"  sing N N 13  
DA "O4'" "C1'"  sing N N 14  
DA "C3'" "O3'"  sing N N 15  
DA "C3'" "C2'"  sing N N 16  
DA "C3'" "H3'"  sing N N 17  
DA "O3'" "HO3'" sing N N 18  
DA "C2'" "C1'"  sing N N 19  
DA "C2'" "H2'"  sing N N 20  
DA "C2'" "H2''" sing N N 21  
DA "C1'" N9     sing N N 22  
DA "C1'" "H1'"  sing N N 23  
DA N9    C8     sing Y N 24  
DA N9    C4     sing Y N 25  
DA C8    N7     doub Y N 26  
DA C8    H8     sing N N 27  
DA N7    C5     sing Y N 28  
DA C5    C6     sing Y N 29  
DA C5    C4     doub Y N 30  
DA C6    N6     sing N N 31  
DA C6    N1     doub Y N 32  
DA N6    H61    sing N N 33  
DA N6    H62    sing N N 34  
DA N1    C2     sing Y N 35  
DA C2    N3     doub Y N 36  
DA C2    H2     sing N N 37  
DA N3    C4     sing Y N 38  
DC OP3   P      sing N N 39  
DC OP3   HOP3   sing N N 40  
DC P     OP1    doub N N 41  
DC P     OP2    sing N N 42  
DC P     "O5'"  sing N N 43  
DC OP2   HOP2   sing N N 44  
DC "O5'" "C5'"  sing N N 45  
DC "C5'" "C4'"  sing N N 46  
DC "C5'" "H5'"  sing N N 47  
DC "C5'" "H5''" sing N N 48  
DC "C4'" "O4'"  sing N N 49  
DC "C4'" "C3'"  sing N N 50  
DC "C4'" "H4'"  sing N N 51  
DC "O4'" "C1'"  sing N N 52  
DC "C3'" "O3'"  sing N N 53  
DC "C3'" "C2'"  sing N N 54  
DC "C3'" "H3'"  sing N N 55  
DC "O3'" "HO3'" sing N N 56  
DC "C2'" "C1'"  sing N N 57  
DC "C2'" "H2'"  sing N N 58  
DC "C2'" "H2''" sing N N 59  
DC "C1'" N1     sing N N 60  
DC "C1'" "H1'"  sing N N 61  
DC N1    C2     sing N N 62  
DC N1    C6     sing N N 63  
DC C2    O2     doub N N 64  
DC C2    N3     sing N N 65  
DC N3    C4     doub N N 66  
DC C4    N4     sing N N 67  
DC C4    C5     sing N N 68  
DC N4    H41    sing N N 69  
DC N4    H42    sing N N 70  
DC C5    C6     doub N N 71  
DC C5    H5     sing N N 72  
DC C6    H6     sing N N 73  
DG OP3   P      sing N N 74  
DG OP3   HOP3   sing N N 75  
DG P     OP1    doub N N 76  
DG P     OP2    sing N N 77  
DG P     "O5'"  sing N N 78  
DG OP2   HOP2   sing N N 79  
DG "O5'" "C5'"  sing N N 80  
DG "C5'" "C4'"  sing N N 81  
DG "C5'" "H5'"  sing N N 82  
DG "C5'" "H5''" sing N N 83  
DG "C4'" "O4'"  sing N N 84  
DG "C4'" "C3'"  sing N N 85  
DG "C4'" "H4'"  sing N N 86  
DG "O4'" "C1'"  sing N N 87  
DG "C3'" "O3'"  sing N N 88  
DG "C3'" "C2'"  sing N N 89  
DG "C3'" "H3'"  sing N N 90  
DG "O3'" "HO3'" sing N N 91  
DG "C2'" "C1'"  sing N N 92  
DG "C2'" "H2'"  sing N N 93  
DG "C2'" "H2''" sing N N 94  
DG "C1'" N9     sing N N 95  
DG "C1'" "H1'"  sing N N 96  
DG N9    C8     sing Y N 97  
DG N9    C4     sing Y N 98  
DG C8    N7     doub Y N 99  
DG C8    H8     sing N N 100 
DG N7    C5     sing Y N 101 
DG C5    C6     sing N N 102 
DG C5    C4     doub Y N 103 
DG C6    O6     doub N N 104 
DG C6    N1     sing N N 105 
DG N1    C2     sing N N 106 
DG N1    H1     sing N N 107 
DG C2    N2     sing N N 108 
DG C2    N3     doub N N 109 
DG N2    H21    sing N N 110 
DG N2    H22    sing N N 111 
DG N3    C4     sing N N 112 
DT OP3   P      sing N N 113 
DT OP3   HOP3   sing N N 114 
DT P     OP1    doub N N 115 
DT P     OP2    sing N N 116 
DT P     "O5'"  sing N N 117 
DT OP2   HOP2   sing N N 118 
DT "O5'" "C5'"  sing N N 119 
DT "C5'" "C4'"  sing N N 120 
DT "C5'" "H5'"  sing N N 121 
DT "C5'" "H5''" sing N N 122 
DT "C4'" "O4'"  sing N N 123 
DT "C4'" "C3'"  sing N N 124 
DT "C4'" "H4'"  sing N N 125 
DT "O4'" "C1'"  sing N N 126 
DT "C3'" "O3'"  sing N N 127 
DT "C3'" "C2'"  sing N N 128 
DT "C3'" "H3'"  sing N N 129 
DT "O3'" "HO3'" sing N N 130 
DT "C2'" "C1'"  sing N N 131 
DT "C2'" "H2'"  sing N N 132 
DT "C2'" "H2''" sing N N 133 
DT "C1'" N1     sing N N 134 
DT "C1'" "H1'"  sing N N 135 
DT N1    C2     sing N N 136 
DT N1    C6     sing N N 137 
DT C2    O2     doub N N 138 
DT C2    N3     sing N N 139 
DT N3    C4     sing N N 140 
DT N3    H3     sing N N 141 
DT C4    O4     doub N N 142 
DT C4    C5     sing N N 143 
DT C5    C7     sing N N 144 
DT C5    C6     doub N N 145 
DT C7    H71    sing N N 146 
DT C7    H72    sing N N 147 
DT C7    H73    sing N N 148 
DT C6    H6     sing N N 149 
# 
loop_
_ndb_struct_conf_na.entry_id 
_ndb_struct_conf_na.feature 
1ECU 'double helix'        
1ECU 'b-form double helix' 
1ECU 'hairpin loop'        
# 
loop_
_ndb_struct_na_base_pair.model_number 
_ndb_struct_na_base_pair.i_label_asym_id 
_ndb_struct_na_base_pair.i_label_comp_id 
_ndb_struct_na_base_pair.i_label_seq_id 
_ndb_struct_na_base_pair.i_symmetry 
_ndb_struct_na_base_pair.j_label_asym_id 
_ndb_struct_na_base_pair.j_label_comp_id 
_ndb_struct_na_base_pair.j_label_seq_id 
_ndb_struct_na_base_pair.j_symmetry 
_ndb_struct_na_base_pair.shear 
_ndb_struct_na_base_pair.stretch 
_ndb_struct_na_base_pair.stagger 
_ndb_struct_na_base_pair.buckle 
_ndb_struct_na_base_pair.propeller 
_ndb_struct_na_base_pair.opening 
_ndb_struct_na_base_pair.pair_number 
_ndb_struct_na_base_pair.pair_name 
_ndb_struct_na_base_pair.i_auth_asym_id 
_ndb_struct_na_base_pair.i_auth_seq_id 
_ndb_struct_na_base_pair.i_PDB_ins_code 
_ndb_struct_na_base_pair.j_auth_asym_id 
_ndb_struct_na_base_pair.j_auth_seq_id 
_ndb_struct_na_base_pair.j_PDB_ins_code 
_ndb_struct_na_base_pair.hbond_type_28 
_ndb_struct_na_base_pair.hbond_type_12 
1 A DG 1 1_555 A DC 19 1_555 -0.758 -0.249 0.220  5.238  -7.554  -6.006  1 A_DG1:DC19_A A 1 ? A 19 ? 19 1 
1 A DC 2 1_555 A DG 18 1_555 0.641  -0.277 -0.003 3.072  -8.776  -3.093  2 A_DC2:DG18_A A 2 ? A 18 ? 19 1 
1 A DG 3 1_555 A DC 17 1_555 -0.588 -0.222 -0.043 -1.478 -4.859  -0.191  3 A_DG3:DC17_A A 3 ? A 17 ? 19 1 
1 A DC 4 1_555 A DG 16 1_555 0.767  -0.348 -0.114 2.854  -9.912  -7.261  4 A_DC4:DG16_A A 4 ? A 16 ? 19 1 
1 A DG 5 1_555 A DC 15 1_555 -0.479 -0.247 -0.560 -8.564 -18.588 -3.826  5 A_DG5:DC15_A A 5 ? A 15 ? 19 1 
1 A DA 6 1_555 A DT 14 1_555 0.144  -0.074 -0.457 -7.996 -6.855  -11.096 6 A_DA6:DT14_A A 6 ? A 14 ? 20 1 
1 A DA 7 1_555 A DT 13 1_555 -0.098 -0.073 0.083  7.210  0.589   -4.413  7 A_DA7:DT13_A A 7 ? A 13 ? 20 1 
1 A DA 8 1_555 A DT 12 1_555 0.778  0.113  0.141  23.936 4.781   -6.626  8 A_DA8:DT12_A A 8 ? A 12 ? 20 1 
1 A DC 9 1_555 A DG 11 1_555 4.513  -0.414 1.474  33.435 6.401   74.812  9 A_DC9:DG11_A A 9 ? A 11 ? ?  ? 
# 
loop_
_ndb_struct_na_base_pair_step.model_number 
_ndb_struct_na_base_pair_step.i_label_asym_id_1 
_ndb_struct_na_base_pair_step.i_label_comp_id_1 
_ndb_struct_na_base_pair_step.i_label_seq_id_1 
_ndb_struct_na_base_pair_step.i_symmetry_1 
_ndb_struct_na_base_pair_step.j_label_asym_id_1 
_ndb_struct_na_base_pair_step.j_label_comp_id_1 
_ndb_struct_na_base_pair_step.j_label_seq_id_1 
_ndb_struct_na_base_pair_step.j_symmetry_1 
_ndb_struct_na_base_pair_step.i_label_asym_id_2 
_ndb_struct_na_base_pair_step.i_label_comp_id_2 
_ndb_struct_na_base_pair_step.i_label_seq_id_2 
_ndb_struct_na_base_pair_step.i_symmetry_2 
_ndb_struct_na_base_pair_step.j_label_asym_id_2 
_ndb_struct_na_base_pair_step.j_label_comp_id_2 
_ndb_struct_na_base_pair_step.j_label_seq_id_2 
_ndb_struct_na_base_pair_step.j_symmetry_2 
_ndb_struct_na_base_pair_step.shift 
_ndb_struct_na_base_pair_step.slide 
_ndb_struct_na_base_pair_step.rise 
_ndb_struct_na_base_pair_step.tilt 
_ndb_struct_na_base_pair_step.roll 
_ndb_struct_na_base_pair_step.twist 
_ndb_struct_na_base_pair_step.x_displacement 
_ndb_struct_na_base_pair_step.y_displacement 
_ndb_struct_na_base_pair_step.helical_rise 
_ndb_struct_na_base_pair_step.inclination 
_ndb_struct_na_base_pair_step.tip 
_ndb_struct_na_base_pair_step.helical_twist 
_ndb_struct_na_base_pair_step.step_number 
_ndb_struct_na_base_pair_step.step_name 
_ndb_struct_na_base_pair_step.i_auth_asym_id_1 
_ndb_struct_na_base_pair_step.i_auth_seq_id_1 
_ndb_struct_na_base_pair_step.i_PDB_ins_code_1 
_ndb_struct_na_base_pair_step.j_auth_asym_id_1 
_ndb_struct_na_base_pair_step.j_auth_seq_id_1 
_ndb_struct_na_base_pair_step.j_PDB_ins_code_1 
_ndb_struct_na_base_pair_step.i_auth_asym_id_2 
_ndb_struct_na_base_pair_step.i_auth_seq_id_2 
_ndb_struct_na_base_pair_step.i_PDB_ins_code_2 
_ndb_struct_na_base_pair_step.j_auth_asym_id_2 
_ndb_struct_na_base_pair_step.j_auth_seq_id_2 
_ndb_struct_na_base_pair_step.j_PDB_ins_code_2 
1 A DG 1 1_555 A DC 19 1_555 A DC 2 1_555 A DG 18 1_555 0.152  -0.415 3.456 1.764   1.573  42.096 -0.747 -0.020 3.443 2.187  
-2.453 42.159 1 AA_DG1DC2:DG18DC19_AA A 1 ? A 19 ? A 2 ? A 18 ? 
1 A DC 2 1_555 A DG 18 1_555 A DG 3 1_555 A DC 17 1_555 0.189  -0.777 3.282 0.863   13.477 22.892 -5.051 -0.197 2.455 30.759 
-1.969 26.532 2 AA_DC2DG3:DC17DG18_AA A 2 ? A 18 ? A 3 ? A 17 ? 
1 A DG 3 1_555 A DC 17 1_555 A DC 4 1_555 A DG 16 1_555 0.223  0.080  3.210 1.507   0.729  41.223 0.037  -0.157 3.217 1.035  
-2.140 41.255 3 AA_DG3DC4:DG16DC17_AA A 3 ? A 17 ? A 4 ? A 16 ? 
1 A DC 4 1_555 A DG 16 1_555 A DG 5 1_555 A DC 15 1_555 0.434  -0.875 3.470 5.496   25.462 26.685 -4.722 0.040  1.990 44.053 
-9.508 37.125 4 AA_DC4DG5:DC15DG16_AA A 4 ? A 16 ? A 5 ? A 15 ? 
1 A DG 5 1_555 A DC 15 1_555 A DA 6 1_555 A DT 14 1_555 -0.026 -0.477 3.271 -0.494  2.201  38.583 -0.991 -0.021 3.240 3.327  0.746 
38.647 5 AA_DG5DA6:DT14DC15_AA A 5 ? A 15 ? A 6 ? A 14 ? 
1 A DA 6 1_555 A DT 14 1_555 A DA 7 1_555 A DT 13 1_555 0.633  -1.003 2.947 -4.058  -2.291 35.232 -1.343 -1.572 2.916 -3.765 6.668 
35.529 6 AA_DA6DA7:DT13DT14_AA A 6 ? A 14 ? A 7 ? A 13 ? 
1 A DA 7 1_555 A DT 13 1_555 A DA 8 1_555 A DT 12 1_555 -0.633 -1.474 2.929 -3.279  3.085  28.239 -3.602 0.626  2.809 6.272  6.667 
28.589 7 AA_DA7DA8:DT12DT13_AA A 7 ? A 13 ? A 8 ? A 12 ? 
1 A DA 8 1_555 A DT 12 1_555 A DC 9 1_555 A DG 11 1_555 3.003  -0.191 3.276 -11.582 13.405 32.934 -1.809 -6.001 1.932 21.793 
18.830 37.280 8 AA_DA8DC9:DG11DT12_AA A 8 ? A 12 ? A 9 ? A 11 ? 
# 
_pdbx_nmr_spectrometer.spectrometer_id   1 
_pdbx_nmr_spectrometer.type              ? 
_pdbx_nmr_spectrometer.manufacturer      Bruker 
_pdbx_nmr_spectrometer.model             DMX 
_pdbx_nmr_spectrometer.field_strength    500 
# 
_atom_sites.entry_id                    1ECU 
_atom_sites.fract_transf_matrix[1][1]   1.000000 
_atom_sites.fract_transf_matrix[1][2]   0.000000 
_atom_sites.fract_transf_matrix[1][3]   0.000000 
_atom_sites.fract_transf_matrix[2][1]   0.000000 
_atom_sites.fract_transf_matrix[2][2]   1.000000 
_atom_sites.fract_transf_matrix[2][3]   0.000000 
_atom_sites.fract_transf_matrix[3][1]   0.000000 
_atom_sites.fract_transf_matrix[3][2]   0.000000 
_atom_sites.fract_transf_matrix[3][3]   1.000000 
_atom_sites.fract_transf_vector[1]      0.00000 
_atom_sites.fract_transf_vector[2]      0.00000 
_atom_sites.fract_transf_vector[3]      0.00000 
# 
loop_
_atom_type.symbol 
C 
H 
N 
O 
P 
# 
loop_
_atom_site.group_PDB 
_atom_site.id 
_atom_site.type_symbol 
_atom_site.label_atom_id 
_atom_site.label_alt_id 
_atom_site.label_comp_id 
_atom_site.label_asym_id 
_atom_site.label_entity_id 
_atom_site.label_seq_id 
_atom_site.pdbx_PDB_ins_code 
_atom_site.Cartn_x 
_atom_site.Cartn_y 
_atom_site.Cartn_z 
_atom_site.occupancy 
_atom_site.B_iso_or_equiv 
_atom_site.pdbx_formal_charge 
_atom_site.auth_seq_id 
_atom_site.auth_comp_id 
_atom_site.auth_asym_id 
_atom_site.auth_atom_id 
_atom_site.pdbx_PDB_model_num 
ATOM 1   O "O5'"  . DG A 1 1  ? -6.063  -14.024 -2.301  1.00 10.00 ? 1  DG A "O5'"  1 
ATOM 2   C "C5'"  . DG A 1 1  ? -6.124  -12.638 -2.228  1.00 10.00 ? 1  DG A "C5'"  1 
ATOM 3   C "C4'"  . DG A 1 1  ? -7.106  -12.096 -1.282  1.00 10.00 ? 1  DG A "C4'"  1 
ATOM 4   O "O4'"  . DG A 1 1  ? -6.730  -12.321 0.053   1.00 10.00 ? 1  DG A "O4'"  1 
ATOM 5   C "C3'"  . DG A 1 1  ? -7.174  -10.620 -1.466  1.00 10.00 ? 1  DG A "C3'"  1 
ATOM 6   O "O3'"  . DG A 1 1  ? -8.407  -10.140 -1.910  1.00 10.00 ? 1  DG A "O3'"  1 
ATOM 7   C "C2'"  . DG A 1 1  ? -6.638  -10.029 -0.196  1.00 10.00 ? 1  DG A "C2'"  1 
ATOM 8   C "C1'"  . DG A 1 1  ? -6.853  -11.127 0.798   1.00 10.00 ? 1  DG A "C1'"  1 
ATOM 9   N N9     . DG A 1 1  ? -5.835  -11.121 1.857   1.00 10.00 ? 1  DG A N9     1 
ATOM 10  C C8     . DG A 1 1  ? -4.545  -11.296 1.691   1.00 10.00 ? 1  DG A C8     1 
ATOM 11  N N7     . DG A 1 1  ? -3.910  -11.198 2.839   1.00 10.00 ? 1  DG A N7     1 
ATOM 12  C C5     . DG A 1 1  ? -4.809  -10.928 3.756   1.00 10.00 ? 1  DG A C5     1 
ATOM 13  C C6     . DG A 1 1  ? -4.681  -10.649 5.095   1.00 10.00 ? 1  DG A C6     1 
ATOM 14  O O6     . DG A 1 1  ? -3.596  -10.701 5.601   1.00 10.00 ? 1  DG A O6     1 
ATOM 15  N N1     . DG A 1 1  ? -5.824  -10.325 5.803   1.00 10.00 ? 1  DG A N1     1 
ATOM 16  C C2     . DG A 1 1  ? -7.032  -10.302 5.134   1.00 10.00 ? 1  DG A C2     1 
ATOM 17  N N2     . DG A 1 1  ? -8.155  -10.010 5.698   1.00 10.00 ? 1  DG A N2     1 
ATOM 18  N N3     . DG A 1 1  ? -7.109  -10.577 3.840   1.00 10.00 ? 1  DG A N3     1 
ATOM 19  C C4     . DG A 1 1  ? -6.033  -10.885 3.136   1.00 10.00 ? 1  DG A C4     1 
ATOM 20  H H1     . DG A 1 1  ? -5.744  -10.130 6.753   1.00 10.00 ? 1  DG A H1     1 
ATOM 21  H H21    . DG A 1 1  ? -8.219  -9.744  6.606   1.00 10.00 ? 1  DG A H21    1 
ATOM 22  H H22    . DG A 1 1  ? -8.936  -10.018 5.137   1.00 10.00 ? 1  DG A H22    1 
ATOM 23  H "HO5'" . DG A 1 1  ? -5.564  -14.326 -2.775  1.00 10.00 ? 1  DG A "HO5'" 1 
ATOM 24  P P      . DC A 1 2  ? -9.849  -10.389 -1.346  1.00 10.00 ? 2  DC A P      1 
ATOM 25  O OP1    . DC A 1 2  ? -10.029 -11.795 -1.123  1.00 10.00 ? 2  DC A OP1    1 
ATOM 26  O OP2    . DC A 1 2  ? -10.754 -9.779  -2.262  1.00 10.00 ? 2  DC A OP2    1 
ATOM 27  O "O5'"  . DC A 1 2  ? -9.980  -9.638  0.050   1.00 10.00 ? 2  DC A "O5'"  1 
ATOM 28  C "C5'"  . DC A 1 2  ? -10.028 -8.232  0.141   1.00 10.00 ? 2  DC A "C5'"  1 
ATOM 29  C "C4'"  . DC A 1 2  ? -10.290 -7.661  1.501   1.00 10.00 ? 2  DC A "C4'"  1 
ATOM 30  O "O4'"  . DC A 1 2  ? -9.240  -7.981  2.392   1.00 10.00 ? 2  DC A "O4'"  1 
ATOM 31  C "C3'"  . DC A 1 2  ? -10.355 -6.157  1.447   1.00 10.00 ? 2  DC A "C3'"  1 
ATOM 32  O "O3'"  . DC A 1 2  ? -11.327 -5.598  2.315   1.00 10.00 ? 2  DC A "O3'"  1 
ATOM 33  C "C2'"  . DC A 1 2  ? -8.930  -5.773  1.746   1.00 10.00 ? 2  DC A "C2'"  1 
ATOM 34  C "C1'"  . DC A 1 2  ? -8.604  -6.782  2.814   1.00 10.00 ? 2  DC A "C1'"  1 
ATOM 35  N N1     . DC A 1 2  ? -7.160  -7.022  2.938   1.00 10.00 ? 2  DC A N1     1 
ATOM 36  C C2     . DC A 1 2  ? -6.495  -6.964  4.153   1.00 10.00 ? 2  DC A C2     1 
ATOM 37  O O2     . DC A 1 2  ? -7.048  -6.617  5.163   1.00 10.00 ? 2  DC A O2     1 
ATOM 38  N N3     . DC A 1 2  ? -5.192  -7.219  4.215   1.00 10.00 ? 2  DC A N3     1 
ATOM 39  C C4     . DC A 1 2  ? -4.462  -7.519  3.148   1.00 10.00 ? 2  DC A C4     1 
ATOM 40  N N4     . DC A 1 2  ? -3.201  -7.821  3.345   1.00 10.00 ? 2  DC A N4     1 
ATOM 41  C C5     . DC A 1 2  ? -5.060  -7.567  1.908   1.00 10.00 ? 2  DC A C5     1 
ATOM 42  C C6     . DC A 1 2  ? -6.414  -7.333  1.811   1.00 10.00 ? 2  DC A C6     1 
ATOM 43  H H41    . DC A 1 2  ? -2.855  -7.800  4.255   1.00 10.00 ? 2  DC A H41    1 
ATOM 44  H H42    . DC A 1 2  ? -2.618  -8.081  2.598   1.00 10.00 ? 2  DC A H42    1 
ATOM 45  P P      . DG A 1 3  ? -11.893 -4.123  2.150   1.00 10.00 ? 3  DG A P      1 
ATOM 46  O OP1    . DG A 1 3  ? -13.223 -4.089  2.724   1.00 10.00 ? 3  DG A OP1    1 
ATOM 47  O OP2    . DG A 1 3  ? -11.752 -3.703  0.775   1.00 10.00 ? 3  DG A OP2    1 
ATOM 48  O "O5'"  . DG A 1 3  ? -10.920 -3.211  3.004   1.00 10.00 ? 3  DG A "O5'"  1 
ATOM 49  C "C5'"  . DG A 1 3  ? -11.071 -3.035  4.386   1.00 10.00 ? 3  DG A "C5'"  1 
ATOM 50  C "C4'"  . DG A 1 3  ? -9.948  -2.352  5.113   1.00 10.00 ? 3  DG A "C4'"  1 
ATOM 51  O "O4'"  . DG A 1 3  ? -8.768  -3.132  5.061   1.00 10.00 ? 3  DG A "O4'"  1 
ATOM 52  C "C3'"  . DG A 1 3  ? -9.618  -0.991  4.566   1.00 10.00 ? 3  DG A "C3'"  1 
ATOM 53  O "O3'"  . DG A 1 3  ? -9.303  0.005   5.517   1.00 10.00 ? 3  DG A "O3'"  1 
ATOM 54  C "C2'"  . DG A 1 3  ? -8.376  -1.291  3.774   1.00 10.00 ? 3  DG A "C2'"  1 
ATOM 55  C "C1'"  . DG A 1 3  ? -7.717  -2.240  4.736   1.00 10.00 ? 3  DG A "C1'"  1 
ATOM 56  N N9     . DG A 1 3  ? -6.528  -2.976  4.292   1.00 10.00 ? 3  DG A N9     1 
ATOM 57  C C8     . DG A 1 3  ? -6.315  -3.528  3.111   1.00 10.00 ? 3  DG A C8     1 
ATOM 58  N N7     . DG A 1 3  ? -5.106  -4.054  3.066   1.00 10.00 ? 3  DG A N7     1 
ATOM 59  C C5     . DG A 1 3  ? -4.537  -3.851  4.240   1.00 10.00 ? 3  DG A C5     1 
ATOM 60  C C6     . DG A 1 3  ? -3.284  -4.165  4.726   1.00 10.00 ? 3  DG A C6     1 
ATOM 61  O O6     . DG A 1 3  ? -2.482  -4.715  4.002   1.00 10.00 ? 3  DG A O6     1 
ATOM 62  N N1     . DG A 1 3  ? -2.982  -3.790  6.031   1.00 10.00 ? 3  DG A N1     1 
ATOM 63  C C2     . DG A 1 3  ? -3.941  -3.129  6.788   1.00 10.00 ? 3  DG A C2     1 
ATOM 64  N N2     . DG A 1 3  ? -3.761  -2.775  8.036   1.00 10.00 ? 3  DG A N2     1 
ATOM 65  N N3     . DG A 1 3  ? -5.136  -2.842  6.276   1.00 10.00 ? 3  DG A N3     1 
ATOM 66  C C4     . DG A 1 3  ? -5.449  -3.177  5.027   1.00 10.00 ? 3  DG A C4     1 
ATOM 67  H H1     . DG A 1 3  ? -2.097  -4.008  6.391   1.00 10.00 ? 3  DG A H1     1 
ATOM 68  H H21    . DG A 1 3  ? -2.932  -2.986  8.500   1.00 10.00 ? 3  DG A H21    1 
ATOM 69  H H22    . DG A 1 3  ? -4.489  -2.327  8.504   1.00 10.00 ? 3  DG A H22    1 
ATOM 70  P P      . DC A 1 4  ? -10.174 0.654   6.577   1.00 10.00 ? 4  DC A P      1 
ATOM 71  O OP1    . DC A 1 4  ? -10.370 -0.233  7.610   1.00 10.00 ? 4  DC A OP1    1 
ATOM 72  O OP2    . DC A 1 4  ? -11.320 1.155   5.931   1.00 10.00 ? 4  DC A OP2    1 
ATOM 73  O "O5'"  . DC A 1 4  ? -9.336  1.840   7.108   1.00 10.00 ? 4  DC A "O5'"  1 
ATOM 74  C "C5'"  . DC A 1 4  ? -8.330  1.748   8.066   1.00 10.00 ? 4  DC A "C5'"  1 
ATOM 75  C "C4'"  . DC A 1 4  ? -6.913  1.878   7.602   1.00 10.00 ? 4  DC A "C4'"  1 
ATOM 76  O "O4'"  . DC A 1 4  ? -6.384  0.821   6.815   1.00 10.00 ? 4  DC A "O4'"  1 
ATOM 77  C "C3'"  . DC A 1 4  ? -6.649  3.170   6.884   1.00 10.00 ? 4  DC A "C3'"  1 
ATOM 78  O "O3'"  . DC A 1 4  ? -6.010  4.130   7.701   1.00 10.00 ? 4  DC A "O3'"  1 
ATOM 79  C "C2'"  . DC A 1 4  ? -5.823  2.724   5.705   1.00 10.00 ? 4  DC A "C2'"  1 
ATOM 80  C "C1'"  . DC A 1 4  ? -5.261  1.416   6.192   1.00 10.00 ? 4  DC A "C1'"  1 
ATOM 81  N N1     . DC A 1 4  ? -4.712  0.566   5.127   1.00 10.00 ? 4  DC A N1     1 
ATOM 82  C C2     . DC A 1 4  ? -3.473  -0.046  5.246   1.00 10.00 ? 4  DC A C2     1 
ATOM 83  O O2     . DC A 1 4  ? -2.783  0.093   6.234   1.00 10.00 ? 4  DC A O2     1 
ATOM 84  N N3     . DC A 1 4  ? -2.947  -0.699  4.209   1.00 10.00 ? 4  DC A N3     1 
ATOM 85  C C4     . DC A 1 4  ? -3.539  -0.766  3.019   1.00 10.00 ? 4  DC A C4     1 
ATOM 86  N N4     . DC A 1 4  ? -2.970  -1.504  2.094   1.00 10.00 ? 4  DC A N4     1 
ATOM 87  C C5     . DC A 1 4  ? -4.752  -0.141  2.834   1.00 10.00 ? 4  DC A C5     1 
ATOM 88  C C6     . DC A 1 4  ? -5.364  0.483   3.904   1.00 10.00 ? 4  DC A C6     1 
ATOM 89  H H41    . DC A 1 4  ? -2.125  -1.940  2.310   1.00 10.00 ? 4  DC A H41    1 
ATOM 90  H H42    . DC A 1 4  ? -3.361  -1.592  1.196   1.00 10.00 ? 4  DC A H42    1 
ATOM 91  P P      . DG A 1 5  ? -5.947  5.669   7.418   1.00 10.00 ? 5  DG A P      1 
ATOM 92  O OP1    . DG A 1 5  ? -6.156  6.344   8.671   1.00 10.00 ? 5  DG A OP1    1 
ATOM 93  O OP2    . DG A 1 5  ? -6.849  6.002   6.330   1.00 10.00 ? 5  DG A OP2    1 
ATOM 94  O "O5'"  . DG A 1 5  ? -4.456  5.890   6.943   1.00 10.00 ? 5  DG A "O5'"  1 
ATOM 95  C "C5'"  . DG A 1 5  ? -3.382  5.920   7.861   1.00 10.00 ? 5  DG A "C5'"  1 
ATOM 96  C "C4'"  . DG A 1 5  ? -2.037  5.597   7.280   1.00 10.00 ? 5  DG A "C4'"  1 
ATOM 97  O "O4'"  . DG A 1 5  ? -1.963  4.306   6.694   1.00 10.00 ? 5  DG A "O4'"  1 
ATOM 98  C "C3'"  . DG A 1 5  ? -1.601  6.579   6.227   1.00 10.00 ? 5  DG A "C3'"  1 
ATOM 99  O "O3'"  . DG A 1 5  ? -0.698  7.508   6.762   1.00 10.00 ? 5  DG A "O3'"  1 
ATOM 100 C "C2'"  . DG A 1 5  ? -0.987  5.752   5.180   1.00 10.00 ? 5  DG A "C2'"  1 
ATOM 101 C "C1'"  . DG A 1 5  ? -0.963  4.356   5.694   1.00 10.00 ? 5  DG A "C1'"  1 
ATOM 102 N N9     . DG A 1 5  ? -1.263  3.361   4.659   1.00 10.00 ? 5  DG A N9     1 
ATOM 103 C C8     . DG A 1 5  ? -2.374  3.278   3.950   1.00 10.00 ? 5  DG A C8     1 
ATOM 104 N N7     . DG A 1 5  ? -2.233  2.387   2.985   1.00 10.00 ? 5  DG A N7     1 
ATOM 105 C C5     . DG A 1 5  ? -1.011  1.892   3.081   1.00 10.00 ? 5  DG A C5     1 
ATOM 106 C C6     . DG A 1 5  ? -0.322  0.979   2.304   1.00 10.00 ? 5  DG A C6     1 
ATOM 107 O O6     . DG A 1 5  ? -0.843  0.495   1.318   1.00 10.00 ? 5  DG A O6     1 
ATOM 108 N N1     . DG A 1 5  ? 0.995   0.691   2.649   1.00 10.00 ? 5  DG A N1     1 
ATOM 109 C C2     . DG A 1 5  ? 1.562   1.316   3.755   1.00 10.00 ? 5  DG A C2     1 
ATOM 110 N N2     . DG A 1 5  ? 2.774   1.050   4.161   1.00 10.00 ? 5  DG A N2     1 
ATOM 111 N N3     . DG A 1 5  ? 0.863   2.191   4.472   1.00 10.00 ? 5  DG A N3     1 
ATOM 112 C C4     . DG A 1 5  ? -0.395  2.497   4.159   1.00 10.00 ? 5  DG A C4     1 
ATOM 113 H H1     . DG A 1 5  ? 1.504   0.083   2.075   1.00 10.00 ? 5  DG A H1     1 
ATOM 114 H H21    . DG A 1 5  ? 3.367   0.465   3.658   1.00 10.00 ? 5  DG A H21    1 
ATOM 115 H H22    . DG A 1 5  ? 3.070   1.492   4.971   1.00 10.00 ? 5  DG A H22    1 
ATOM 116 P P      . DA A 1 6  ? -0.073  8.742   5.991   1.00 10.00 ? 6  DA A P      1 
ATOM 117 O OP1    . DA A 1 6  ? 0.331   9.712   6.987   1.00 10.00 ? 6  DA A OP1    1 
ATOM 118 O OP2    . DA A 1 6  ? -0.985  9.188   4.967   1.00 10.00 ? 6  DA A OP2    1 
ATOM 119 O "O5'"  . DA A 1 6  ? 1.223   8.187   5.255   1.00 10.00 ? 6  DA A "O5'"  1 
ATOM 120 C "C5'"  . DA A 1 6  ? 2.323   7.713   5.990   1.00 10.00 ? 6  DA A "C5'"  1 
ATOM 121 C "C4'"  . DA A 1 6  ? 3.356   6.910   5.266   1.00 10.00 ? 6  DA A "C4'"  1 
ATOM 122 O "O4'"  . DA A 1 6  ? 2.832   5.732   4.684   1.00 10.00 ? 6  DA A "O4'"  1 
ATOM 123 C "C3'"  . DA A 1 6  ? 4.079   7.676   4.187   1.00 10.00 ? 6  DA A "C3'"  1 
ATOM 124 O "O3'"  . DA A 1 6  ? 5.487   7.518   4.261   1.00 10.00 ? 6  DA A "O3'"  1 
ATOM 125 C "C2'"  . DA A 1 6  ? 3.445   7.122   2.941   1.00 10.00 ? 6  DA A "C2'"  1 
ATOM 126 C "C1'"  . DA A 1 6  ? 3.247   5.681   3.328   1.00 10.00 ? 6  DA A "C1'"  1 
ATOM 127 N N9     . DA A 1 6  ? 2.212   5.022   2.521   1.00 10.00 ? 6  DA A N9     1 
ATOM 128 C C8     . DA A 1 6  ? 0.952   5.404   2.422   1.00 10.00 ? 6  DA A C8     1 
ATOM 129 N N7     . DA A 1 6  ? 0.311   4.730   1.484   1.00 10.00 ? 6  DA A N7     1 
ATOM 130 C C5     . DA A 1 6  ? 1.194   3.885   0.989   1.00 10.00 ? 6  DA A C5     1 
ATOM 131 C C6     . DA A 1 6  ? 1.085   2.937   -0.007  1.00 10.00 ? 6  DA A C6     1 
ATOM 132 N N6     . DA A 1 6  ? -0.045  2.868   -0.674  1.00 10.00 ? 6  DA A N6     1 
ATOM 133 N N1     . DA A 1 6  ? 2.151   2.193   -0.292  1.00 10.00 ? 6  DA A N1     1 
ATOM 134 C C2     . DA A 1 6  ? 3.276   2.371   0.357   1.00 10.00 ? 6  DA A C2     1 
ATOM 135 N N3     . DA A 1 6  ? 3.417   3.268   1.302   1.00 10.00 ? 6  DA A N3     1 
ATOM 136 C C4     . DA A 1 6  ? 2.398   4.049   1.648   1.00 10.00 ? 6  DA A C4     1 
ATOM 137 H H61    . DA A 1 6  ? -0.170  2.195   -1.381  1.00 10.00 ? 6  DA A H61    1 
ATOM 138 H H62    . DA A 1 6  ? -0.747  3.500   -0.477  1.00 10.00 ? 6  DA A H62    1 
ATOM 139 P P      . DA A 1 7  ? 6.544   8.369   3.435   1.00 10.00 ? 7  DA A P      1 
ATOM 140 O OP1    . DA A 1 7  ? 7.720   8.512   4.262   1.00 10.00 ? 7  DA A OP1    1 
ATOM 141 O OP2    . DA A 1 7  ? 5.932   9.582   2.942   1.00 10.00 ? 7  DA A OP2    1 
ATOM 142 O "O5'"  . DA A 1 7  ? 6.882   7.473   2.181   1.00 10.00 ? 7  DA A "O5'"  1 
ATOM 143 C "C5'"  . DA A 1 7  ? 7.579   6.264   2.320   1.00 10.00 ? 7  DA A "C5'"  1 
ATOM 144 C "C4'"  . DA A 1 7  ? 7.656   5.384   1.126   1.00 10.00 ? 7  DA A "C4'"  1 
ATOM 145 O "O4'"  . DA A 1 7  ? 6.394   4.967   0.658   1.00 10.00 ? 7  DA A "O4'"  1 
ATOM 146 C "C3'"  . DA A 1 7  ? 8.388   6.005   -0.032  1.00 10.00 ? 7  DA A "C3'"  1 
ATOM 147 O "O3'"  . DA A 1 7  ? 9.399   5.148   -0.527  1.00 10.00 ? 7  DA A "O3'"  1 
ATOM 148 C "C2'"  . DA A 1 7  ? 7.287   6.267   -1.025  1.00 10.00 ? 7  DA A "C2'"  1 
ATOM 149 C "C1'"  . DA A 1 7  ? 6.364   5.115   -0.745  1.00 10.00 ? 7  DA A "C1'"  1 
ATOM 150 N N9     . DA A 1 7  ? 4.968   5.318   -1.159  1.00 10.00 ? 7  DA A N9     1 
ATOM 151 C C8     . DA A 1 7  ? 4.113   6.188   -0.649  1.00 10.00 ? 7  DA A C8     1 
ATOM 152 N N7     . DA A 1 7  ? 2.919   6.064   -1.199  1.00 10.00 ? 7  DA A N7     1 
ATOM 153 C C5     . DA A 1 7  ? 3.012   5.071   -2.062  1.00 10.00 ? 7  DA A C5     1 
ATOM 154 C C6     . DA A 1 7  ? 2.071   4.463   -2.872  1.00 10.00 ? 7  DA A C6     1 
ATOM 155 N N6     . DA A 1 7  ? 0.837   4.914   -2.878  1.00 10.00 ? 7  DA A N6     1 
ATOM 156 N N1     . DA A 1 7  ? 2.457   3.427   -3.613  1.00 10.00 ? 7  DA A N1     1 
ATOM 157 C C2     . DA A 1 7  ? 3.698   3.005   -3.581  1.00 10.00 ? 7  DA A C2     1 
ATOM 158 N N3     . DA A 1 7  ? 4.616   3.558   -2.824  1.00 10.00 ? 7  DA A N3     1 
ATOM 159 C C4     . DA A 1 7  ? 4.308   4.594   -2.046  1.00 10.00 ? 7  DA A C4     1 
ATOM 160 H H61    . DA A 1 7  ? 0.150   4.522   -3.460  1.00 10.00 ? 7  DA A H61    1 
ATOM 161 H H62    . DA A 1 7  ? 0.591   5.624   -2.276  1.00 10.00 ? 7  DA A H62    1 
ATOM 162 P P      . DA A 1 8  ? 10.641  5.608   -1.386  1.00 10.00 ? 8  DA A P      1 
ATOM 163 O OP1    . DA A 1 8  ? 11.760  4.831   -0.929  1.00 10.00 ? 8  DA A OP1    1 
ATOM 164 O OP2    . DA A 1 8  ? 10.765  7.051   -1.376  1.00 10.00 ? 8  DA A OP2    1 
ATOM 165 O "O5'"  . DA A 1 8  ? 10.301  5.092   -2.833  1.00 10.00 ? 8  DA A "O5'"  1 
ATOM 166 C "C5'"  . DA A 1 8  ? 10.162  5.915   -3.952  1.00 10.00 ? 8  DA A "C5'"  1 
ATOM 167 C "C4'"  . DA A 1 8  ? 9.598   5.207   -5.134  1.00 10.00 ? 8  DA A "C4'"  1 
ATOM 168 O "O4'"  . DA A 1 8  ? 8.239   4.899   -4.922  1.00 10.00 ? 8  DA A "O4'"  1 
ATOM 169 C "C3'"  . DA A 1 8  ? 9.685   6.047   -6.384  1.00 10.00 ? 8  DA A "C3'"  1 
ATOM 170 O "O3'"  . DA A 1 8  ? 10.008  5.306   -7.553  1.00 10.00 ? 8  DA A "O3'"  1 
ATOM 171 C "C2'"  . DA A 1 8  ? 8.309   6.670   -6.401  1.00 10.00 ? 8  DA A "C2'"  1 
ATOM 172 C "C1'"  . DA A 1 8  ? 7.517   5.453   -6.008  1.00 10.00 ? 8  DA A "C1'"  1 
ATOM 173 N N9     . DA A 1 8  ? 6.147   5.683   -5.529  1.00 10.00 ? 8  DA A N9     1 
ATOM 174 C C8     . DA A 1 8  ? 5.788   6.522   -4.572  1.00 10.00 ? 8  DA A C8     1 
ATOM 175 N N7     . DA A 1 8  ? 4.481   6.728   -4.597  1.00 10.00 ? 8  DA A N7     1 
ATOM 176 C C5     . DA A 1 8  ? 3.995   5.964   -5.560  1.00 10.00 ? 8  DA A C5     1 
ATOM 177 C C6     . DA A 1 8  ? 2.702   5.690   -5.961  1.00 10.00 ? 8  DA A C6     1 
ATOM 178 N N6     . DA A 1 8  ? 1.718   6.469   -5.567  1.00 10.00 ? 8  DA A N6     1 
ATOM 179 N N1     . DA A 1 8  ? 2.508   4.706   -6.839  1.00 10.00 ? 8  DA A N1     1 
ATOM 180 C C2     . DA A 1 8  ? 3.526   4.043   -7.336  1.00 10.00 ? 8  DA A C2     1 
ATOM 181 N N3     . DA A 1 8  ? 4.770   4.311   -7.019  1.00 10.00 ? 8  DA A N3     1 
ATOM 182 C C4     . DA A 1 8  ? 5.044   5.266   -6.129  1.00 10.00 ? 8  DA A C4     1 
ATOM 183 H H61    . DA A 1 8  ? 0.801   6.294   -5.883  1.00 10.00 ? 8  DA A H61    1 
ATOM 184 H H62    . DA A 1 8  ? 1.893   7.183   -4.931  1.00 10.00 ? 8  DA A H62    1 
ATOM 185 P P      . DC A 1 9  ? 10.139  5.910   -9.022  1.00 10.00 ? 9  DC A P      1 
ATOM 186 O OP1    . DC A 1 9  ? 10.901  4.951   -9.811  1.00 10.00 ? 9  DC A OP1    1 
ATOM 187 O OP2    . DC A 1 9  ? 10.659  7.268   -8.927  1.00 10.00 ? 9  DC A OP2    1 
ATOM 188 O "O5'"  . DC A 1 9  ? 8.644   5.888   -9.569  1.00 10.00 ? 9  DC A "O5'"  1 
ATOM 189 C "C5'"  . DC A 1 9  ? 8.051   6.987   -10.223 1.00 10.00 ? 9  DC A "C5'"  1 
ATOM 190 C "C4'"  . DC A 1 9  ? 6.563   6.925   -10.378 1.00 10.00 ? 9  DC A "C4'"  1 
ATOM 191 O "O4'"  . DC A 1 9  ? 5.935   7.095   -9.113  1.00 10.00 ? 9  DC A "O4'"  1 
ATOM 192 C "C3'"  . DC A 1 9  ? 6.104   8.074   -11.241 1.00 10.00 ? 9  DC A "C3'"  1 
ATOM 193 O "O3'"  . DC A 1 9  ? 5.013   7.771   -12.095 1.00 10.00 ? 9  DC A "O3'"  1 
ATOM 194 C "C2'"  . DC A 1 9  ? 5.691   9.134   -10.247 1.00 10.00 ? 9  DC A "C2'"  1 
ATOM 195 C "C1'"  . DC A 1 9  ? 5.096   8.243   -9.182  1.00 10.00 ? 9  DC A "C1'"  1 
ATOM 196 N N1     . DC A 1 9  ? 5.016   8.993   -7.918  1.00 10.00 ? 9  DC A N1     1 
ATOM 197 C C2     . DC A 1 9  ? 3.807   9.424   -7.383  1.00 10.00 ? 9  DC A C2     1 
ATOM 198 O O2     . DC A 1 9  ? 2.844   9.635   -8.086  1.00 10.00 ? 9  DC A O2     1 
ATOM 199 N N3     . DC A 1 9  ? 3.753   9.906   -6.144  1.00 10.00 ? 9  DC A N3     1 
ATOM 200 C C4     . DC A 1 9  ? 4.843   10.029  -5.391  1.00 10.00 ? 9  DC A C4     1 
ATOM 201 N N4     . DC A 1 9  ? 4.622   10.220  -4.117  1.00 10.00 ? 9  DC A N4     1 
ATOM 202 C C5     . DC A 1 9  ? 6.086   9.709   -5.896  1.00 10.00 ? 9  DC A C5     1 
ATOM 203 C C6     . DC A 1 9  ? 6.172   9.174   -7.166  1.00 10.00 ? 9  DC A C6     1 
ATOM 204 H H41    . DC A 1 9  ? 3.722   10.235  -3.816  1.00 10.00 ? 9  DC A H41    1 
ATOM 205 H H42    . DC A 1 9  ? 5.359   10.320  -3.476  1.00 10.00 ? 9  DC A H42    1 
ATOM 206 P P      . DT A 1 10 ? 5.169   7.309   -13.567 1.00 10.00 ? 10 DT A P      1 
ATOM 207 O OP1    . DT A 1 10 ? 5.287   5.890   -13.558 1.00 10.00 ? 10 DT A OP1    1 
ATOM 208 O OP2    . DT A 1 10 ? 6.197   8.052   -14.215 1.00 10.00 ? 10 DT A OP2    1 
ATOM 209 O "O5'"  . DT A 1 10 ? 3.757   7.620   -14.235 1.00 10.00 ? 10 DT A "O5'"  1 
ATOM 210 C "C5'"  . DT A 1 10 ? 3.350   8.921   -14.605 1.00 10.00 ? 10 DT A "C5'"  1 
ATOM 211 C "C4'"  . DT A 1 10 ? 2.257   9.496   -13.752 1.00 10.00 ? 10 DT A "C4'"  1 
ATOM 212 O "O4'"  . DT A 1 10 ? 2.669   9.762   -12.415 1.00 10.00 ? 10 DT A "O4'"  1 
ATOM 213 C "C3'"  . DT A 1 10 ? 1.756   10.816  -14.282 1.00 10.00 ? 10 DT A "C3'"  1 
ATOM 214 O "O3'"  . DT A 1 10 ? 0.566   10.786  -15.048 1.00 10.00 ? 10 DT A "O3'"  1 
ATOM 215 C "C2'"  . DT A 1 10 ? 1.400   11.568  -13.040 1.00 10.00 ? 10 DT A "C2'"  1 
ATOM 216 C "C1'"  . DT A 1 10 ? 1.664   10.624  -11.903 1.00 10.00 ? 10 DT A "C1'"  1 
ATOM 217 N N1     . DT A 1 10 ? 1.976   11.353  -10.672 1.00 10.00 ? 10 DT A N1     1 
ATOM 218 C C2     . DT A 1 10 ? 0.997   11.856  -9.834  1.00 10.00 ? 10 DT A C2     1 
ATOM 219 O O2     . DT A 1 10 ? -0.166  11.713  -10.097 1.00 10.00 ? 10 DT A O2     1 
ATOM 220 N N3     . DT A 1 10 ? 1.350   12.603  -8.724  1.00 10.00 ? 10 DT A N3     1 
ATOM 221 C C4     . DT A 1 10 ? 2.677   12.869  -8.450  1.00 10.00 ? 10 DT A C4     1 
ATOM 222 O O4     . DT A 1 10 ? 2.997   13.504  -7.482  1.00 10.00 ? 10 DT A O4     1 
ATOM 223 C C5     . DT A 1 10 ? 3.651   12.382  -9.287  1.00 10.00 ? 10 DT A C5     1 
ATOM 224 C C7     . DT A 1 10 ? 5.082   12.736  -9.036  1.00 10.00 ? 10 DT A C7     1 
ATOM 225 C C6     . DT A 1 10 ? 3.301   11.613  -10.372 1.00 10.00 ? 10 DT A C6     1 
ATOM 226 H H3     . DT A 1 10 ? 0.667   12.907  -8.108  1.00 10.00 ? 10 DT A H3     1 
ATOM 227 P P      . DG A 1 11 ? 0.497   10.482  -16.591 1.00 10.00 ? 11 DG A P      1 
ATOM 228 O OP1    . DG A 1 11 ? 1.726   10.916  -17.236 1.00 10.00 ? 11 DG A OP1    1 
ATOM 229 O OP2    . DG A 1 11 ? -0.749  11.039  -17.065 1.00 10.00 ? 11 DG A OP2    1 
ATOM 230 O "O5'"  . DG A 1 11 ? 0.416   8.914   -16.670 1.00 10.00 ? 11 DG A "O5'"  1 
ATOM 231 C "C5'"  . DG A 1 11 ? -0.724  8.214   -16.217 1.00 10.00 ? 11 DG A "C5'"  1 
ATOM 232 C "C4'"  . DG A 1 11 ? -0.419  6.846   -15.743 1.00 10.00 ? 11 DG A "C4'"  1 
ATOM 233 O "O4'"  . DG A 1 11 ? 0.343   6.849   -14.563 1.00 10.00 ? 11 DG A "O4'"  1 
ATOM 234 C "C3'"  . DG A 1 11 ? -1.679  6.063   -15.450 1.00 10.00 ? 11 DG A "C3'"  1 
ATOM 235 O "O3'"  . DG A 1 11 ? -1.603  4.685   -15.794 1.00 10.00 ? 11 DG A "O3'"  1 
ATOM 236 C "C2'"  . DG A 1 11 ? -1.854  6.302   -13.973 1.00 10.00 ? 11 DG A "C2'"  1 
ATOM 237 C "C1'"  . DG A 1 11 ? -0.426  6.352   -13.487 1.00 10.00 ? 11 DG A "C1'"  1 
ATOM 238 N N9     . DG A 1 11 ? -0.165  7.252   -12.357 1.00 10.00 ? 11 DG A N9     1 
ATOM 239 C C8     . DG A 1 11 ? -0.808  8.372   -12.078 1.00 10.00 ? 11 DG A C8     1 
ATOM 240 N N7     . DG A 1 11 ? -0.684  8.679   -10.802 1.00 10.00 ? 11 DG A N7     1 
ATOM 241 C C5     . DG A 1 11 ? 0.196   7.841   -10.292 1.00 10.00 ? 11 DG A C5     1 
ATOM 242 C C6     . DG A 1 11 ? 0.882   7.888   -9.099  1.00 10.00 ? 11 DG A C6     1 
ATOM 243 O O6     . DG A 1 11 ? 0.374   8.447   -8.155  1.00 10.00 ? 11 DG A O6     1 
ATOM 244 N N1     . DG A 1 11 ? 2.011   7.092   -8.973  1.00 10.00 ? 11 DG A N1     1 
ATOM 245 C C2     . DG A 1 11 ? 2.359   6.256   -10.031 1.00 10.00 ? 11 DG A C2     1 
ATOM 246 N N2     . DG A 1 11 ? 3.453   5.526   -10.061 1.00 10.00 ? 11 DG A N2     1 
ATOM 247 N N3     . DG A 1 11 ? 1.619   6.180   -11.132 1.00 10.00 ? 11 DG A N3     1 
ATOM 248 C C4     . DG A 1 11 ? 0.557   6.962   -11.294 1.00 10.00 ? 11 DG A C4     1 
ATOM 249 H H1     . DG A 1 11 ? 2.549   7.202   -8.183  1.00 10.00 ? 11 DG A H1     1 
ATOM 250 H H21    . DG A 1 11 ? 4.206   5.722   -9.480  1.00 10.00 ? 11 DG A H21    1 
ATOM 251 H H22    . DG A 1 11 ? 3.608   4.949   -10.834 1.00 10.00 ? 11 DG A H22    1 
ATOM 252 P P      . DT A 1 12 ? -2.847  3.902   -16.400 1.00 10.00 ? 12 DT A P      1 
ATOM 253 O OP1    . DT A 1 12 ? -2.395  2.603   -16.871 1.00 10.00 ? 12 DT A OP1    1 
ATOM 254 O OP2    . DT A 1 12 ? -3.499  4.756   -17.375 1.00 10.00 ? 12 DT A OP2    1 
ATOM 255 O "O5'"  . DT A 1 12 ? -3.827  3.724   -15.177 1.00 10.00 ? 12 DT A "O5'"  1 
ATOM 256 C "C5'"  . DT A 1 12 ? -3.861  2.598   -14.328 1.00 10.00 ? 12 DT A "C5'"  1 
ATOM 257 C "C4'"  . DT A 1 12 ? -2.614  2.234   -13.613 1.00 10.00 ? 12 DT A "C4'"  1 
ATOM 258 O "O4'"  . DT A 1 12 ? -2.034  3.276   -12.858 1.00 10.00 ? 12 DT A "O4'"  1 
ATOM 259 C "C3'"  . DT A 1 12 ? -2.858  1.103   -12.652 1.00 10.00 ? 12 DT A "C3'"  1 
ATOM 260 O "O3'"  . DT A 1 12 ? -2.241  -0.077  -13.104 1.00 10.00 ? 12 DT A "O3'"  1 
ATOM 261 C "C2'"  . DT A 1 12 ? -2.290  1.582   -11.352 1.00 10.00 ? 12 DT A "C2'"  1 
ATOM 262 C "C1'"  . DT A 1 12 ? -1.359  2.670   -11.781 1.00 10.00 ? 12 DT A "C1'"  1 
ATOM 263 N N1     . DT A 1 12 ? -1.082  3.618   -10.697 1.00 10.00 ? 12 DT A N1     1 
ATOM 264 C C2     . DT A 1 12 ? 0.059   3.485   -9.921  1.00 10.00 ? 12 DT A C2     1 
ATOM 265 O O2     . DT A 1 12 ? 0.949   2.742   -10.254 1.00 10.00 ? 12 DT A O2     1 
ATOM 266 N N3     . DT A 1 12 ? 0.202   4.245   -8.770  1.00 10.00 ? 12 DT A N3     1 
ATOM 267 C C4     . DT A 1 12 ? -0.779  5.152   -8.396  1.00 10.00 ? 12 DT A C4     1 
ATOM 268 O O4     . DT A 1 12 ? -0.722  5.701   -7.321  1.00 10.00 ? 12 DT A O4     1 
ATOM 269 C C5     . DT A 1 12 ? -1.884  5.328   -9.197  1.00 10.00 ? 12 DT A C5     1 
ATOM 270 C C7     . DT A 1 12 ? -2.872  6.420   -8.865  1.00 10.00 ? 12 DT A C7     1 
ATOM 271 C C6     . DT A 1 12 ? -2.032  4.561   -10.330 1.00 10.00 ? 12 DT A C6     1 
ATOM 272 H H3     . DT A 1 12 ? 1.042   4.223   -8.282  1.00 10.00 ? 12 DT A H3     1 
ATOM 273 P P      . DT A 1 13 ? -2.527  -1.534  -12.553 1.00 10.00 ? 13 DT A P      1 
ATOM 274 O OP1    . DT A 1 13 ? -2.090  -2.478  -13.535 1.00 10.00 ? 13 DT A OP1    1 
ATOM 275 O OP2    . DT A 1 13 ? -3.892  -1.633  -12.117 1.00 10.00 ? 13 DT A OP2    1 
ATOM 276 O "O5'"  . DT A 1 13 ? -1.611  -1.665  -11.280 1.00 10.00 ? 13 DT A "O5'"  1 
ATOM 277 C "C5'"  . DT A 1 13 ? -0.216  -1.652  -11.387 1.00 10.00 ? 13 DT A "C5'"  1 
ATOM 278 C "C4'"  . DT A 1 13 ? 0.503   -1.383  -10.113 1.00 10.00 ? 13 DT A "C4'"  1 
ATOM 279 O "O4'"  . DT A 1 13 ? 0.226   -0.127  -9.526  1.00 10.00 ? 13 DT A "O4'"  1 
ATOM 280 C "C3'"  . DT A 1 13 ? 0.259   -2.431  -9.058  1.00 10.00 ? 13 DT A "C3'"  1 
ATOM 281 O "O3'"  . DT A 1 13 ? 1.314   -3.365  -9.006  1.00 10.00 ? 13 DT A "O3'"  1 
ATOM 282 C "C2'"  . DT A 1 13 ? 0.140   -1.631  -7.805  1.00 10.00 ? 13 DT A "C2'"  1 
ATOM 283 C "C1'"  . DT A 1 13 ? 0.625   -0.264  -8.176  1.00 10.00 ? 13 DT A "C1'"  1 
ATOM 284 N N1     . DT A 1 13 ? 0.121   0.822   -7.323  1.00 10.00 ? 13 DT A N1     1 
ATOM 285 C C2     . DT A 1 13 ? 0.962   1.350   -6.355  1.00 10.00 ? 13 DT A C2     1 
ATOM 286 O O2     . DT A 1 13 ? 2.074   0.908   -6.207  1.00 10.00 ? 13 DT A O2     1 
ATOM 287 N N3     . DT A 1 13 ? 0.509   2.352   -5.511  1.00 10.00 ? 13 DT A N3     1 
ATOM 288 C C4     . DT A 1 13 ? -0.789  2.832   -5.616  1.00 10.00 ? 13 DT A C4     1 
ATOM 289 O O4     . DT A 1 13 ? -1.158  3.716   -4.896  1.00 10.00 ? 13 DT A O4     1 
ATOM 290 C C5     . DT A 1 13 ? -1.618  2.313   -6.584  1.00 10.00 ? 13 DT A C5     1 
ATOM 291 C C7     . DT A 1 13 ? -3.026  2.830   -6.735  1.00 10.00 ? 13 DT A C7     1 
ATOM 292 C C6     . DT A 1 13 ? -1.169  1.326   -7.433  1.00 10.00 ? 13 DT A C6     1 
ATOM 293 H H3     . DT A 1 13 ? 1.119   2.747   -4.859  1.00 10.00 ? 13 DT A H3     1 
ATOM 294 P P      . DT A 1 14 ? 1.344   -4.685  -8.127  1.00 10.00 ? 14 DT A P      1 
ATOM 295 O OP1    . DT A 1 14 ? 1.906   -5.733  -8.941  1.00 10.00 ? 14 DT A OP1    1 
ATOM 296 O OP2    . DT A 1 14 ? 0.043   -4.911  -7.540  1.00 10.00 ? 14 DT A OP2    1 
ATOM 297 O "O5'"  . DT A 1 14 ? 2.359   -4.346  -6.968  1.00 10.00 ? 14 DT A "O5'"  1 
ATOM 298 C "C5'"  . DT A 1 14 ? 3.692   -4.031  -7.259  1.00 10.00 ? 14 DT A "C5'"  1 
ATOM 299 C "C4'"  . DT A 1 14 ? 4.523   -3.474  -6.151  1.00 10.00 ? 14 DT A "C4'"  1 
ATOM 300 O "O4'"  . DT A 1 14 ? 3.951   -2.295  -5.636  1.00 10.00 ? 14 DT A "O4'"  1 
ATOM 301 C "C3'"  . DT A 1 14 ? 4.724   -4.415  -4.995  1.00 10.00 ? 14 DT A "C3'"  1 
ATOM 302 O "O3'"  . DT A 1 14 ? 6.069   -4.426  -4.542  1.00 10.00 ? 14 DT A "O3'"  1 
ATOM 303 C "C2'"  . DT A 1 14 ? 3.731   -3.910  -3.987  1.00 10.00 ? 14 DT A "C2'"  1 
ATOM 304 C "C1'"  . DT A 1 14 ? 3.821   -2.434  -4.236  1.00 10.00 ? 14 DT A "C1'"  1 
ATOM 305 N N1     . DT A 1 14 ? 2.685   -1.628  -3.768  1.00 10.00 ? 14 DT A N1     1 
ATOM 306 C C2     . DT A 1 14 ? 2.932   -0.555  -2.924  1.00 10.00 ? 14 DT A C2     1 
ATOM 307 O O2     . DT A 1 14 ? 4.055   -0.325  -2.546  1.00 10.00 ? 14 DT A O2     1 
ATOM 308 N N3     . DT A 1 14 ? 1.890   0.273   -2.523  1.00 10.00 ? 14 DT A N3     1 
ATOM 309 C C4     . DT A 1 14 ? 0.595   0.040   -2.976  1.00 10.00 ? 14 DT A C4     1 
ATOM 310 O O4     . DT A 1 14 ? -0.296  0.821   -2.732  1.00 10.00 ? 14 DT A O4     1 
ATOM 311 C C5     . DT A 1 14 ? 0.351   -1.031  -3.809  1.00 10.00 ? 14 DT A C5     1 
ATOM 312 C C7     . DT A 1 14 ? -1.066  -1.328  -4.231  1.00 10.00 ? 14 DT A C7     1 
ATOM 313 C C6     . DT A 1 14 ? 1.384   -1.854  -4.209  1.00 10.00 ? 14 DT A C6     1 
ATOM 314 H H3     . DT A 1 14 ? 2.052   0.969   -1.851  1.00 10.00 ? 14 DT A H3     1 
ATOM 315 P P      . DC A 1 15 ? 6.681   -5.490  -3.539  1.00 10.00 ? 15 DC A P      1 
ATOM 316 O OP1    . DC A 1 15 ? 8.037   -5.768  -3.970  1.00 10.00 ? 15 DC A OP1    1 
ATOM 317 O OP2    . DC A 1 15 ? 5.776   -6.617  -3.424  1.00 10.00 ? 15 DC A OP2    1 
ATOM 318 O "O5'"  . DC A 1 15 ? 6.714   -4.738  -2.148  1.00 10.00 ? 15 DC A "O5'"  1 
ATOM 319 C "C5'"  . DC A 1 15 ? 7.705   -3.795  -1.822  1.00 10.00 ? 15 DC A "C5'"  1 
ATOM 320 C "C4'"  . DC A 1 15 ? 7.544   -3.069  -0.525  1.00 10.00 ? 15 DC A "C4'"  1 
ATOM 321 O "O4'"  . DC A 1 15 ? 6.366   -2.279  -0.532  1.00 10.00 ? 15 DC A "O4'"  1 
ATOM 322 C "C3'"  . DC A 1 15 ? 7.483   -3.961  0.686   1.00 10.00 ? 15 DC A "C3'"  1 
ATOM 323 O "O3'"  . DC A 1 15 ? 8.309   -3.516  1.746   1.00 10.00 ? 15 DC A "O3'"  1 
ATOM 324 C "C2'"  . DC A 1 15 ? 6.009   -3.968  1.008   1.00 10.00 ? 15 DC A "C2'"  1 
ATOM 325 C "C1'"  . DC A 1 15 ? 5.643   -2.550  0.655   1.00 10.00 ? 15 DC A "C1'"  1 
ATOM 326 N N1     . DC A 1 15 ? 4.205   -2.364  0.412   1.00 10.00 ? 15 DC A N1     1 
ATOM 327 C C2     . DC A 1 15 ? 3.523   -1.280  0.941   1.00 10.00 ? 15 DC A C2     1 
ATOM 328 O O2     . DC A 1 15 ? 4.072   -0.507  1.688   1.00 10.00 ? 15 DC A O2     1 
ATOM 329 N N3     . DC A 1 15 ? 2.218   -1.135  0.724   1.00 10.00 ? 15 DC A N3     1 
ATOM 330 C C4     . DC A 1 15 ? 1.500   -2.018  0.033   1.00 10.00 ? 15 DC A C4     1 
ATOM 331 N N4     . DC A 1 15 ? 0.222   -1.762  -0.158  1.00 10.00 ? 15 DC A N4     1 
ATOM 332 C C5     . DC A 1 15 ? 2.120   -3.124  -0.495  1.00 10.00 ? 15 DC A C5     1 
ATOM 333 C C6     . DC A 1 15 ? 3.481   -3.292  -0.327  1.00 10.00 ? 15 DC A C6     1 
ATOM 334 H H41    . DC A 1 15 ? -0.176  -0.979  0.283   1.00 10.00 ? 15 DC A H41    1 
ATOM 335 H H42    . DC A 1 15 ? -0.354  -2.389  -0.660  1.00 10.00 ? 15 DC A H42    1 
ATOM 336 P P      . DG A 1 16 ? 8.825   -4.466  2.900   1.00 10.00 ? 16 DG A P      1 
ATOM 337 O OP1    . DG A 1 16 ? 10.111  -3.965  3.311   1.00 10.00 ? 16 DG A OP1    1 
ATOM 338 O OP2    . DG A 1 16 ? 8.758   -5.831  2.450   1.00 10.00 ? 16 DG A OP2    1 
ATOM 339 O "O5'"  . DG A 1 16 ? 7.785   -4.300  4.071   1.00 10.00 ? 16 DG A "O5'"  1 
ATOM 340 C "C5'"  . DG A 1 16 ? 7.934   -3.311  5.044   1.00 10.00 ? 16 DG A "C5'"  1 
ATOM 341 C "C4'"  . DG A 1 16 ? 6.795   -3.099  5.982   1.00 10.00 ? 16 DG A "C4'"  1 
ATOM 342 O "O4'"  . DG A 1 16 ? 5.624   -2.599  5.349   1.00 10.00 ? 16 DG A "O4'"  1 
ATOM 343 C "C3'"  . DG A 1 16 ? 6.406   -4.334  6.739   1.00 10.00 ? 16 DG A "C3'"  1 
ATOM 344 O "O3'"  . DG A 1 16 ? 6.570   -4.110  8.109   1.00 10.00 ? 16 DG A "O3'"  1 
ATOM 345 C "C2'"  . DG A 1 16 ? 5.035   -4.635  6.220   1.00 10.00 ? 16 DG A "C2'"  1 
ATOM 346 C "C1'"  . DG A 1 16 ? 4.523   -3.252  5.933   1.00 10.00 ? 16 DG A "C1'"  1 
ATOM 347 N N9     . DG A 1 16 ? 3.406   -3.186  4.980   1.00 10.00 ? 16 DG A N9     1 
ATOM 348 C C8     . DG A 1 16 ? 3.331   -3.792  3.814   1.00 10.00 ? 16 DG A C8     1 
ATOM 349 N N7     . DG A 1 16 ? 2.181   -3.524  3.231   1.00 10.00 ? 16 DG A N7     1 
ATOM 350 C C5     . DG A 1 16 ? 1.500   -2.749  4.052   1.00 10.00 ? 16 DG A C5     1 
ATOM 351 C C6     . DG A 1 16 ? 0.214   -2.254  3.985   1.00 10.00 ? 16 DG A C6     1 
ATOM 352 O O6     . DG A 1 16 ? -0.456  -2.522  3.014   1.00 10.00 ? 16 DG A O6     1 
ATOM 353 N N1     . DG A 1 16 ? -0.260  -1.510  5.059   1.00 10.00 ? 16 DG A N1     1 
ATOM 354 C C2     . DG A 1 16 ? 0.576   -1.294  6.142   1.00 10.00 ? 16 DG A C2     1 
ATOM 355 N N2     . DG A 1 16 ? 0.219   -0.631  7.204   1.00 10.00 ? 16 DG A N2     1 
ATOM 356 N N3     . DG A 1 16 ? 1.807   -1.791  6.167   1.00 10.00 ? 16 DG A N3     1 
ATOM 357 C C4     . DG A 1 16 ? 2.282   -2.519  5.160   1.00 10.00 ? 16 DG A C4     1 
ATOM 358 H H1     . DG A 1 16 ? -1.168  -1.146  5.018   1.00 10.00 ? 16 DG A H1     1 
ATOM 359 H H21    . DG A 1 16 ? -0.646  -0.206  7.254   1.00 10.00 ? 16 DG A H21    1 
ATOM 360 H H22    . DG A 1 16 ? 0.862   -0.566  7.933   1.00 10.00 ? 16 DG A H22    1 
ATOM 361 P P      . DC A 1 17 ? 6.291   -5.139  9.277   1.00 10.00 ? 17 DC A P      1 
ATOM 362 O OP1    . DC A 1 17 ? 7.323   -4.924  10.265  1.00 10.00 ? 17 DC A OP1    1 
ATOM 363 O OP2    . DC A 1 17 ? 6.156   -6.483  8.752   1.00 10.00 ? 17 DC A OP2    1 
ATOM 364 O "O5'"  . DC A 1 17 ? 4.896   -4.693  9.887   1.00 10.00 ? 17 DC A "O5'"  1 
ATOM 365 C "C5'"  . DC A 1 17 ? 4.719   -3.465  10.553  1.00 10.00 ? 17 DC A "C5'"  1 
ATOM 366 C "C4'"  . DC A 1 17 ? 3.325   -3.114  10.992  1.00 10.00 ? 17 DC A "C4'"  1 
ATOM 367 O "O4'"  . DC A 1 17 ? 2.436   -2.971  9.902   1.00 10.00 ? 17 DC A "O4'"  1 
ATOM 368 C "C3'"  . DC A 1 17 ? 2.727   -4.133  11.922  1.00 10.00 ? 17 DC A "C3'"  1 
ATOM 369 O "O3'"  . DC A 1 17 ? 2.077   -3.529  13.028  1.00 10.00 ? 17 DC A "O3'"  1 
ATOM 370 C "C2'"  . DC A 1 17 ? 1.833   -4.937  11.015  1.00 10.00 ? 17 DC A "C2'"  1 
ATOM 371 C "C1'"  . DC A 1 17 ? 1.364   -3.884  10.050  1.00 10.00 ? 17 DC A "C1'"  1 
ATOM 372 N N1     . DC A 1 17 ? 1.068   -4.442  8.724   1.00 10.00 ? 17 DC A N1     1 
ATOM 373 C C2     . DC A 1 17 ? -0.117  -4.143  8.068   1.00 10.00 ? 17 DC A C2     1 
ATOM 374 O O2     . DC A 1 17 ? -0.994  -3.515  8.616   1.00 10.00 ? 17 DC A O2     1 
ATOM 375 N N3     . DC A 1 17 ? -0.333  -4.605  6.841   1.00 10.00 ? 17 DC A N3     1 
ATOM 376 C C4     . DC A 1 17 ? 0.554   -5.352  6.188   1.00 10.00 ? 17 DC A C4     1 
ATOM 377 N N4     . DC A 1 17 ? 0.210   -5.765  4.994   1.00 10.00 ? 17 DC A N4     1 
ATOM 378 C C5     . DC A 1 17 ? 1.759   -5.665  6.778   1.00 10.00 ? 17 DC A C5     1 
ATOM 379 C C6     . DC A 1 17 ? 2.002   -5.230  8.063   1.00 10.00 ? 17 DC A C6     1 
ATOM 380 H H41    . DC A 1 17 ? -0.661  -5.517  4.648   1.00 10.00 ? 17 DC A H41    1 
ATOM 381 H H42    . DC A 1 17 ? 0.817   -6.319  4.456   1.00 10.00 ? 17 DC A H42    1 
ATOM 382 P P      . DG A 1 18 ? 1.704   -4.297  14.364  1.00 10.00 ? 18 DG A P      1 
ATOM 383 O OP1    . DG A 1 18 ? 1.624   -3.312  15.429  1.00 10.00 ? 18 DG A OP1    1 
ATOM 384 O OP2    . DG A 1 18 ? 2.623   -5.405  14.555  1.00 10.00 ? 18 DG A OP2    1 
ATOM 385 O "O5'"  . DG A 1 18 ? 0.262   -4.891  14.077  1.00 10.00 ? 18 DG A "O5'"  1 
ATOM 386 C "C5'"  . DG A 1 18 ? -0.900  -4.096  14.161  1.00 10.00 ? 18 DG A "C5'"  1 
ATOM 387 C "C4'"  . DG A 1 18 ? -2.118  -4.677  13.526  1.00 10.00 ? 18 DG A "C4'"  1 
ATOM 388 O "O4'"  . DG A 1 18 ? -1.974  -4.802  12.119  1.00 10.00 ? 18 DG A "O4'"  1 
ATOM 389 C "C3'"  . DG A 1 18 ? -2.491  -6.023  14.066  1.00 10.00 ? 18 DG A "C3'"  1 
ATOM 390 O "O3'"  . DG A 1 18 ? -3.749  -6.007  14.681  1.00 10.00 ? 18 DG A "O3'"  1 
ATOM 391 C "C2'"  . DG A 1 18 ? -2.401  -6.922  12.871  1.00 10.00 ? 18 DG A "C2'"  1 
ATOM 392 C "C1'"  . DG A 1 18 ? -2.706  -5.958  11.762  1.00 10.00 ? 18 DG A "C1'"  1 
ATOM 393 N N9     . DG A 1 18 ? -2.327  -6.407  10.413  1.00 10.00 ? 18 DG A N9     1 
ATOM 394 C C8     . DG A 1 18 ? -1.157  -6.863  10.016  1.00 10.00 ? 18 DG A C8     1 
ATOM 395 N N7     . DG A 1 18 ? -1.208  -7.220  8.748   1.00 10.00 ? 18 DG A N7     1 
ATOM 396 C C5     . DG A 1 18 ? -2.426  -6.971  8.317   1.00 10.00 ? 18 DG A C5     1 
ATOM 397 C C6     . DG A 1 18 ? -3.017  -7.160  7.088   1.00 10.00 ? 18 DG A C6     1 
ATOM 398 O O6     . DG A 1 18 ? -2.375  -7.628  6.178   1.00 10.00 ? 18 DG A O6     1 
ATOM 399 N N1     . DG A 1 18 ? -4.348  -6.806  6.958   1.00 10.00 ? 18 DG A N1     1 
ATOM 400 C C2     . DG A 1 18 ? -5.020  -6.278  8.055   1.00 10.00 ? 18 DG A C2     1 
ATOM 401 N N2     . DG A 1 18 ? -6.250  -5.850  7.994   1.00 10.00 ? 18 DG A N2     1 
ATOM 402 N N3     . DG A 1 18 ? -4.412  -6.118  9.222   1.00 10.00 ? 18 DG A N3     1 
ATOM 403 C C4     . DG A 1 18 ? -3.138  -6.449  9.377   1.00 10.00 ? 18 DG A C4     1 
ATOM 404 H H1     . DG A 1 18 ? -4.786  -6.938  6.089   1.00 10.00 ? 18 DG A H1     1 
ATOM 405 H H21    . DG A 1 18 ? -6.762  -5.927  7.168   1.00 10.00 ? 18 DG A H21    1 
ATOM 406 H H22    . DG A 1 18 ? -6.637  -5.435  8.791   1.00 10.00 ? 18 DG A H22    1 
ATOM 407 P P      . DC A 1 19 ? -4.273  -7.083  15.670  1.00 10.00 ? 19 DC A P      1 
ATOM 408 O OP1    . DC A 1 19 ? -4.978  -6.400  16.711  1.00 10.00 ? 19 DC A OP1    1 
ATOM 409 O OP2    . DC A 1 19 ? -3.192  -7.935  16.065  1.00 10.00 ? 19 DC A OP2    1 
ATOM 410 O "O5'"  . DC A 1 19 ? -5.264  -7.915  14.783  1.00 10.00 ? 19 DC A "O5'"  1 
ATOM 411 C "C5'"  . DC A 1 19 ? -6.631  -7.773  14.781  1.00 10.00 ? 19 DC A "C5'"  1 
ATOM 412 C "C4'"  . DC A 1 19 ? -7.316  -8.492  13.664  1.00 10.00 ? 19 DC A "C4'"  1 
ATOM 413 O "O4'"  . DC A 1 19 ? -7.028  -7.967  12.398  1.00 10.00 ? 19 DC A "O4'"  1 
ATOM 414 C "C3'"  . DC A 1 19 ? -6.994  -9.950  13.604  1.00 10.00 ? 19 DC A "C3'"  1 
ATOM 415 O "O3'"  . DC A 1 19 ? -7.772  -10.733 14.452  1.00 10.00 ? 19 DC A "O3'"  1 
ATOM 416 C "C2'"  . DC A 1 19 ? -7.338  -10.287 12.188  1.00 10.00 ? 19 DC A "C2'"  1 
ATOM 417 C "C1'"  . DC A 1 19 ? -7.071  -9.021  11.456  1.00 10.00 ? 19 DC A "C1'"  1 
ATOM 418 N N1     . DC A 1 19 ? -5.870  -9.123  10.645  1.00 10.00 ? 19 DC A N1     1 
ATOM 419 C C2     . DC A 1 19 ? -5.966  -9.456  9.309   1.00 10.00 ? 19 DC A C2     1 
ATOM 420 O O2     . DC A 1 19 ? -6.995  -9.358  8.720   1.00 10.00 ? 19 DC A O2     1 
ATOM 421 N N3     . DC A 1 19 ? -4.923  -9.928  8.646   1.00 10.00 ? 19 DC A N3     1 
ATOM 422 C C4     . DC A 1 19 ? -3.761  -10.118 9.220   1.00 10.00 ? 19 DC A C4     1 
ATOM 423 N N4     . DC A 1 19 ? -2.800  -10.554 8.458   1.00 10.00 ? 19 DC A N4     1 
ATOM 424 C C5     . DC A 1 19 ? -3.608  -9.801  10.544  1.00 10.00 ? 19 DC A C5     1 
ATOM 425 C C6     . DC A 1 19 ? -4.648  -9.248  11.251  1.00 10.00 ? 19 DC A C6     1 
ATOM 426 H "HO3'" . DC A 1 19 ? -8.418  -10.981 14.239  1.00 10.00 ? 19 DC A "HO3'" 1 
ATOM 427 H H41    . DC A 1 19 ? -2.957  -10.690 7.521   1.00 10.00 ? 19 DC A H41    1 
ATOM 428 H H42    . DC A 1 19 ? -1.919  -10.710 8.818   1.00 10.00 ? 19 DC A H42    1 
ATOM 429 O "O5'"  . DG A 1 1  ? 5.298   7.439   13.892  1.00 10.00 ? 1  DG A "O5'"  2 
ATOM 430 C "C5'"  . DG A 1 1  ? 4.410   6.465   14.230  1.00 10.00 ? 1  DG A "C5'"  2 
ATOM 431 C "C4'"  . DG A 1 1  ? 4.817   5.111   13.879  1.00 10.00 ? 1  DG A "C4'"  2 
ATOM 432 O "O4'"  . DG A 1 1  ? 3.879   4.163   14.311  1.00 10.00 ? 1  DG A "O4'"  2 
ATOM 433 C "C3'"  . DG A 1 1  ? 4.983   4.912   12.408  1.00 10.00 ? 1  DG A "C3'"  2 
ATOM 434 O "O3'"  . DG A 1 1  ? 6.324   4.573   12.120  1.00 10.00 ? 1  DG A "O3'"  2 
ATOM 435 C "C2'"  . DG A 1 1  ? 3.968   3.881   12.049  1.00 10.00 ? 1  DG A "C2'"  2 
ATOM 436 C "C1'"  . DG A 1 1  ? 3.810   3.156   13.338  1.00 10.00 ? 1  DG A "C1'"  2 
ATOM 437 N N9     . DG A 1 1  ? 2.527   2.453   13.444  1.00 10.00 ? 1  DG A N9     2 
ATOM 438 C C8     . DG A 1 1  ? 1.326   2.991   13.400  1.00 10.00 ? 1  DG A C8     2 
ATOM 439 N N7     . DG A 1 1  ? 0.399   2.059   13.480  1.00 10.00 ? 1  DG A N7     2 
ATOM 440 C C5     . DG A 1 1  ? 1.017   0.901   13.571  1.00 10.00 ? 1  DG A C5     2 
ATOM 441 C C6     . DG A 1 1  ? 0.537   -0.385  13.661  1.00 10.00 ? 1  DG A C6     2 
ATOM 442 O O6     . DG A 1 1  ? -0.656  -0.567  13.698  1.00 10.00 ? 1  DG A O6     2 
ATOM 443 N N1     . DG A 1 1  ? 1.465   -1.416  13.733  1.00 10.00 ? 1  DG A N1     2 
ATOM 444 C C2     . DG A 1 1  ? 2.819   -1.113  13.712  1.00 10.00 ? 1  DG A C2     2 
ATOM 445 N N2     . DG A 1 1  ? 3.768   -2.014  13.805  1.00 10.00 ? 1  DG A N2     2 
ATOM 446 N N3     . DG A 1 1  ? 3.235   0.142   13.624  1.00 10.00 ? 1  DG A N3     2 
ATOM 447 C C4     . DG A 1 1  ? 2.372   1.150   13.554  1.00 10.00 ? 1  DG A C4     2 
ATOM 448 H H1     . DG A 1 1  ? 1.139   -2.333  13.800  1.00 10.00 ? 1  DG A H1     2 
ATOM 449 H H21    . DG A 1 1  ? 3.561   -2.955  13.836  1.00 10.00 ? 1  DG A H21    2 
ATOM 450 H H22    . DG A 1 1  ? 4.693   -1.710  13.815  1.00 10.00 ? 1  DG A H22    2 
ATOM 451 H "HO5'" . DG A 1 1  ? 6.128   7.222   14.156  1.00 10.00 ? 1  DG A "HO5'" 2 
ATOM 452 P P      . DC A 1 2  ? 6.940   4.376   10.678  1.00 10.00 ? 2  DC A P      2 
ATOM 453 O OP1    . DC A 1 2  ? 8.275   4.942   10.695  1.00 10.00 ? 2  DC A OP1    2 
ATOM 454 O OP2    . DC A 1 2  ? 6.015   4.870   9.670   1.00 10.00 ? 2  DC A OP2    2 
ATOM 455 O "O5'"  . DC A 1 2  ? 7.059   2.809   10.491  1.00 10.00 ? 2  DC A "O5'"  2 
ATOM 456 C "C5'"  . DC A 1 2  ? 7.950   2.026   11.249  1.00 10.00 ? 2  DC A "C5'"  2 
ATOM 457 C "C4'"  . DC A 1 2  ? 7.913   0.545   11.011  1.00 10.00 ? 2  DC A "C4'"  2 
ATOM 458 O "O4'"  . DC A 1 2  ? 6.643   0.003   11.331  1.00 10.00 ? 2  DC A "O4'"  2 
ATOM 459 C "C3'"  . DC A 1 2  ? 8.225   0.131   9.603   1.00 10.00 ? 2  DC A "C3'"  2 
ATOM 460 O "O3'"  . DC A 1 2  ? 9.090   -0.983  9.539   1.00 10.00 ? 2  DC A "O3'"  2 
ATOM 461 C "C2'"  . DC A 1 2  ? 6.863   -0.105  9.012   1.00 10.00 ? 2  DC A "C2'"  2 
ATOM 462 C "C1'"  . DC A 1 2  ? 6.095   -0.631  10.192  1.00 10.00 ? 2  DC A "C1'"  2 
ATOM 463 N N1     . DC A 1 2  ? 4.660   -0.334  10.118  1.00 10.00 ? 2  DC A N1     2 
ATOM 464 C C2     . DC A 1 2  ? 3.704   -1.330  10.249  1.00 10.00 ? 2  DC A C2     2 
ATOM 465 O O2     . DC A 1 2  ? 4.020   -2.495  10.335  1.00 10.00 ? 2  DC A O2     2 
ATOM 466 N N3     . DC A 1 2  ? 2.406   -1.029  10.236  1.00 10.00 ? 2  DC A N3     2 
ATOM 467 C C4     . DC A 1 2  ? 1.958   0.212   10.096  1.00 10.00 ? 2  DC A C4     2 
ATOM 468 N N4     . DC A 1 2  ? 0.660   0.419   10.154  1.00 10.00 ? 2  DC A N4     2 
ATOM 469 C C5     . DC A 1 2  ? 2.855   1.246   9.957   1.00 10.00 ? 2  DC A C5     2 
ATOM 470 C C6     . DC A 1 2  ? 4.209   0.970   9.966   1.00 10.00 ? 2  DC A C6     2 
ATOM 471 H H41    . DC A 1 2  ? 0.064   -0.333  10.305  1.00 10.00 ? 2  DC A H41    2 
ATOM 472 H H42    . DC A 1 2  ? 0.293   1.328   10.060  1.00 10.00 ? 2  DC A H42    2 
ATOM 473 P P      . DG A 1 3  ? 9.778   -1.492  8.211   1.00 10.00 ? 3  DG A P      2 
ATOM 474 O OP1    . DG A 1 3  ? 11.045  -2.097  8.557   1.00 10.00 ? 3  DG A OP1    2 
ATOM 475 O OP2    . DG A 1 3  ? 9.815   -0.418  7.243   1.00 10.00 ? 3  DG A OP2    2 
ATOM 476 O "O5'"  . DG A 1 3  ? 8.791   -2.606  7.667   1.00 10.00 ? 3  DG A "O5'"  2 
ATOM 477 C "C5'"  . DG A 1 3  ? 8.695   -3.876  8.273   1.00 10.00 ? 3  DG A "C5'"  2 
ATOM 478 C "C4'"  . DG A 1 3  ? 7.627   -4.797  7.777   1.00 10.00 ? 3  DG A "C4'"  2 
ATOM 479 O "O4'"  . DG A 1 3  ? 6.335   -4.275  8.002   1.00 10.00 ? 3  DG A "O4'"  2 
ATOM 480 C "C3'"  . DG A 1 3  ? 7.733   -5.108  6.307   1.00 10.00 ? 3  DG A "C3'"  2 
ATOM 481 O "O3'"  . DG A 1 3  ? 7.627   -6.490  6.041   1.00 10.00 ? 3  DG A "O3'"  2 
ATOM 482 C "C2'"  . DG A 1 3  ? 6.640   -4.266  5.717   1.00 10.00 ? 3  DG A "C2'"  2 
ATOM 483 C "C1'"  . DG A 1 3  ? 5.598   -4.386  6.798   1.00 10.00 ? 3  DG A "C1'"  2 
ATOM 484 N N9     . DG A 1 3  ? 4.540   -3.366  6.827   1.00 10.00 ? 3  DG A N9     2 
ATOM 485 C C8     . DG A 1 3  ? 4.683   -2.054  6.797   1.00 10.00 ? 3  DG A C8     2 
ATOM 486 N N7     . DG A 1 3  ? 3.508   -1.458  6.911   1.00 10.00 ? 3  DG A N7     2 
ATOM 487 C C5     . DG A 1 3  ? 2.597   -2.405  7.016   1.00 10.00 ? 3  DG A C5     2 
ATOM 488 C C6     . DG A 1 3  ? 1.221   -2.346  7.126   1.00 10.00 ? 3  DG A C6     2 
ATOM 489 O O6     . DG A 1 3  ? 0.672   -1.269  7.147   1.00 10.00 ? 3  DG A O6     2 
ATOM 490 N N1     . DG A 1 3  ? 0.525   -3.548  7.191   1.00 10.00 ? 3  DG A N1     2 
ATOM 491 C C2     . DG A 1 3  ? 1.230   -4.745  7.140   1.00 10.00 ? 3  DG A C2     2 
ATOM 492 N N2     . DG A 1 3  ? 0.657   -5.912  7.185   1.00 10.00 ? 3  DG A N2     2 
ATOM 493 N N3     . DG A 1 3  ? 2.557   -4.754  7.030   1.00 10.00 ? 3  DG A N3     2 
ATOM 494 C C4     . DG A 1 3  ? 3.251   -3.620  6.967   1.00 10.00 ? 3  DG A C4     2 
ATOM 495 H H1     . DG A 1 3  ? -0.449  -3.518  7.285   1.00 10.00 ? 3  DG A H1     2 
ATOM 496 H H21    . DG A 1 3  ? -0.302  -5.993  7.317   1.00 10.00 ? 3  DG A H21    2 
ATOM 497 H H22    . DG A 1 3  ? 1.213   -6.697  7.120   1.00 10.00 ? 3  DG A H22    2 
ATOM 498 P P      . DC A 1 4  ? 7.878   -7.246  4.758   1.00 10.00 ? 4  DC A P      2 
ATOM 499 O OP1    . DC A 1 4  ? 8.457   -8.465  5.121   1.00 10.00 ? 4  DC A OP1    2 
ATOM 500 O OP2    . DC A 1 4  ? 8.626   -6.402  3.877   1.00 10.00 ? 4  DC A OP2    2 
ATOM 501 O "O5'"  . DC A 1 4  ? 6.445   -7.541  4.196   1.00 10.00 ? 4  DC A "O5'"  2 
ATOM 502 C "C5'"  . DC A 1 4  ? 5.595   -8.526  4.706   1.00 10.00 ? 4  DC A "C5'"  2 
ATOM 503 C "C4'"  . DC A 1 4  ? 4.208   -8.549  4.171   1.00 10.00 ? 4  DC A "C4'"  2 
ATOM 504 O "O4'"  . DC A 1 4  ? 3.471   -7.413  4.577   1.00 10.00 ? 4  DC A "O4'"  2 
ATOM 505 C "C3'"  . DC A 1 4  ? 4.144   -8.636  2.669   1.00 10.00 ? 4  DC A "C3'"  2 
ATOM 506 O "O3'"  . DC A 1 4  ? 3.339   -9.698  2.221   1.00 10.00 ? 4  DC A "O3'"  2 
ATOM 507 C "C2'"  . DC A 1 4  ? 3.667   -7.261  2.289   1.00 10.00 ? 4  DC A "C2'"  2 
ATOM 508 C "C1'"  . DC A 1 4  ? 2.778   -6.913  3.455   1.00 10.00 ? 4  DC A "C1'"  2 
ATOM 509 N N1     . DC A 1 4  ? 2.578   -5.465  3.591   1.00 10.00 ? 4  DC A N1     2 
ATOM 510 C C2     . DC A 1 4  ? 1.320   -4.901  3.767   1.00 10.00 ? 4  DC A C2     2 
ATOM 511 O O2     . DC A 1 4  ? 0.316   -5.580  3.833   1.00 10.00 ? 4  DC A O2     2 
ATOM 512 N N3     . DC A 1 4  ? 1.169   -3.578  3.785   1.00 10.00 ? 4  DC A N3     2 
ATOM 513 C C4     . DC A 1 4  ? 2.182   -2.734  3.610   1.00 10.00 ? 4  DC A C4     2 
ATOM 514 N N4     . DC A 1 4  ? 1.948   -1.448  3.778   1.00 10.00 ? 4  DC A N4     2 
ATOM 515 C C5     . DC A 1 4  ? 3.449   -3.235  3.395   1.00 10.00 ? 4  DC A C5     2 
ATOM 516 C C6     . DC A 1 4  ? 3.655   -4.600  3.431   1.00 10.00 ? 4  DC A C6     2 
ATOM 517 H H41    . DC A 1 4  ? 1.038   -1.172  4.008   1.00 10.00 ? 4  DC A H41    2 
ATOM 518 H H42    . DC A 1 4  ? 2.669   -0.782  3.682   1.00 10.00 ? 4  DC A H42    2 
ATOM 519 P P      . DG A 1 5  ? 3.331   -10.239 0.730   1.00 10.00 ? 5  DG A P      2 
ATOM 520 O OP1    . DG A 1 5  ? 3.566   -11.579 0.751   1.00 10.00 ? 5  DG A OP1    2 
ATOM 521 O OP2    . DG A 1 5  ? 4.159   -9.511  -0.077  1.00 10.00 ? 5  DG A OP2    2 
ATOM 522 O "O5'"  . DG A 1 5  ? 1.956   -10.027 0.266   1.00 10.00 ? 5  DG A "O5'"  2 
ATOM 523 C "C5'"  . DG A 1 5  ? 0.726   -10.311 0.799   1.00 10.00 ? 5  DG A "C5'"  2 
ATOM 524 C "C4'"  . DG A 1 5  ? -0.368  -9.386  0.447   1.00 10.00 ? 5  DG A "C4'"  2 
ATOM 525 O "O4'"  . DG A 1 5  ? -0.191  -8.072  0.942   1.00 10.00 ? 5  DG A "O4'"  2 
ATOM 526 C "C3'"  . DG A 1 5  ? -0.596  -9.281  -1.034  1.00 10.00 ? 5  DG A "C3'"  2 
ATOM 527 O "O3'"  . DG A 1 5  ? -1.828  -9.873  -1.333  1.00 10.00 ? 5  DG A "O3'"  2 
ATOM 528 C "C2'"  . DG A 1 5  ? -0.480  -7.823  -1.344  1.00 10.00 ? 5  DG A "C2'"  2 
ATOM 529 C "C1'"  . DG A 1 5  ? -0.700  -7.167  -0.016  1.00 10.00 ? 5  DG A "C1'"  2 
ATOM 530 N N9     . DG A 1 5  ? -0.010  -5.881  0.153   1.00 10.00 ? 5  DG A N9     2 
ATOM 531 C C8     . DG A 1 5  ? 1.294   -5.671  0.099   1.00 10.00 ? 5  DG A C8     2 
ATOM 532 N N7     . DG A 1 5  ? 1.564   -4.395  0.321   1.00 10.00 ? 5  DG A N7     2 
ATOM 533 C C5     . DG A 1 5  ? 0.413   -3.783  0.529   1.00 10.00 ? 5  DG A C5     2 
ATOM 534 C C6     . DG A 1 5  ? 0.111   -2.461  0.793   1.00 10.00 ? 5  DG A C6     2 
ATOM 535 O O6     . DG A 1 5  ? 1.010   -1.642  0.836   1.00 10.00 ? 5  DG A O6     2 
ATOM 536 N N1     . DG A 1 5  ? -1.230  -2.119  0.941   1.00 10.00 ? 5  DG A N1     2 
ATOM 537 C C2     . DG A 1 5  ? -2.205  -3.102  0.815   1.00 10.00 ? 5  DG A C2     2 
ATOM 538 N N2     . DG A 1 5  ? -3.489  -2.853  0.911   1.00 10.00 ? 5  DG A N2     2 
ATOM 539 N N3     . DG A 1 5  ? -1.868  -4.365  0.564   1.00 10.00 ? 5  DG A N3     2 
ATOM 540 C C4     . DG A 1 5  ? -0.593  -4.725  0.421   1.00 10.00 ? 5  DG A C4     2 
ATOM 541 H H1     . DG A 1 5  ? -1.456  -1.179  1.109   1.00 10.00 ? 5  DG A H1     2 
ATOM 542 H H21    . DG A 1 5  ? -3.810  -1.945  1.051   1.00 10.00 ? 5  DG A H21    2 
ATOM 543 H H22    . DG A 1 5  ? -4.113  -3.597  0.803   1.00 10.00 ? 5  DG A H22    2 
ATOM 544 P P      . DA A 1 6  ? -2.370  -10.271 -2.748  1.00 10.00 ? 6  DA A P      2 
ATOM 545 O OP1    . DA A 1 6  ? -3.024  -11.533 -2.614  1.00 10.00 ? 6  DA A OP1    2 
ATOM 546 O OP2    . DA A 1 6  ? -1.325  -10.172 -3.725  1.00 10.00 ? 6  DA A OP2    2 
ATOM 547 O "O5'"  . DA A 1 6  ? -3.497  -9.206  -3.013  1.00 10.00 ? 6  DA A "O5'"  2 
ATOM 548 C "C5'"  . DA A 1 6  ? -3.506  -8.324  -4.082  1.00 10.00 ? 6  DA A "C5'"  2 
ATOM 549 C "C4'"  . DA A 1 6  ? -4.530  -7.249  -3.987  1.00 10.00 ? 6  DA A "C4'"  2 
ATOM 550 O "O4'"  . DA A 1 6  ? -4.090  -6.281  -3.059  1.00 10.00 ? 6  DA A "O4'"  2 
ATOM 551 C "C3'"  . DA A 1 6  ? -4.684  -6.549  -5.311  1.00 10.00 ? 6  DA A "C3'"  2 
ATOM 552 O "O3'"  . DA A 1 6  ? -6.012  -6.157  -5.604  1.00 10.00 ? 6  DA A "O3'"  2 
ATOM 553 C "C2'"  . DA A 1 6  ? -3.697  -5.418  -5.184  1.00 10.00 ? 6  DA A "C2'"  2 
ATOM 554 C "C1'"  . DA A 1 6  ? -3.870  -5.050  -3.733  1.00 10.00 ? 6  DA A "C1'"  2 
ATOM 555 N N9     . DA A 1 6  ? -2.670  -4.402  -3.187  1.00 10.00 ? 6  DA A N9     2 
ATOM 556 C C8     . DA A 1 6  ? -1.455  -4.921  -3.165  1.00 10.00 ? 6  DA A C8     2 
ATOM 557 N N7     . DA A 1 6  ? -0.543  -4.012  -2.877  1.00 10.00 ? 6  DA A N7     2 
ATOM 558 C C5     . DA A 1 6  ? -1.210  -2.892  -2.675  1.00 10.00 ? 6  DA A C5     2 
ATOM 559 C C6     . DA A 1 6  ? -0.777  -1.635  -2.307  1.00 10.00 ? 6  DA A C6     2 
ATOM 560 N N6     . DA A 1 6  ? 0.523   -1.437  -2.253  1.00 10.00 ? 6  DA A N6     2 
ATOM 561 N N1     . DA A 1 6  ? -1.684  -0.682  -2.105  1.00 10.00 ? 6  DA A N1     2 
ATOM 562 C C2     . DA A 1 6  ? -2.956  -0.950  -2.270  1.00 10.00 ? 6  DA A C2     2 
ATOM 563 N N3     . DA A 1 6  ? -3.405  -2.125  -2.639  1.00 10.00 ? 6  DA A N3     2 
ATOM 564 C C4     . DA A 1 6  ? -2.561  -3.130  -2.852  1.00 10.00 ? 6  DA A C4     2 
ATOM 565 H H61    . DA A 1 6  ? 0.883   -0.558  -1.995  1.00 10.00 ? 6  DA A H61    2 
ATOM 566 H H62    . DA A 1 6  ? 1.123   -2.163  -2.493  1.00 10.00 ? 6  DA A H62    2 
ATOM 567 P P      . DA A 1 7  ? -6.495  -5.714  -7.049  1.00 10.00 ? 7  DA A P      2 
ATOM 568 O OP1    . DA A 1 7  ? -7.859  -6.201  -7.208  1.00 10.00 ? 7  DA A OP1    2 
ATOM 569 O OP2    . DA A 1 7  ? -5.527  -6.149  -8.046  1.00 10.00 ? 7  DA A OP2    2 
ATOM 570 O "O5'"  . DA A 1 7  ? -6.472  -4.127  -6.989  1.00 10.00 ? 7  DA A "O5'"  2 
ATOM 571 C "C5'"  . DA A 1 7  ? -7.439  -3.399  -6.261  1.00 10.00 ? 7  DA A "C5'"  2 
ATOM 572 C "C4'"  . DA A 1 7  ? -7.282  -1.912  -6.236  1.00 10.00 ? 7  DA A "C4'"  2 
ATOM 573 O "O4'"  . DA A 1 7  ? -6.081  -1.500  -5.623  1.00 10.00 ? 7  DA A "O4'"  2 
ATOM 574 C "C3'"  . DA A 1 7  ? -7.340  -1.276  -7.599  1.00 10.00 ? 7  DA A "C3'"  2 
ATOM 575 O "O3'"  . DA A 1 7  ? -8.230  -0.180  -7.670  1.00 10.00 ? 7  DA A "O3'"  2 
ATOM 576 C "C2'"  . DA A 1 7  ? -5.904  -0.908  -7.855  1.00 10.00 ? 7  DA A "C2'"  2 
ATOM 577 C "C1'"  . DA A 1 7  ? -5.379  -0.632  -6.477  1.00 10.00 ? 7  DA A "C1'"  2 
ATOM 578 N N9     . DA A 1 7  ? -3.952  -0.909  -6.300  1.00 10.00 ? 7  DA A N9     2 
ATOM 579 C C8     . DA A 1 7  ? -3.339  -2.053  -6.538  1.00 10.00 ? 7  DA A C8     2 
ATOM 580 N N7     . DA A 1 7  ? -2.056  -1.982  -6.257  1.00 10.00 ? 7  DA A N7     2 
ATOM 581 C C5     . DA A 1 7  ? -1.853  -0.758  -5.814  1.00 10.00 ? 7  DA A C5     2 
ATOM 582 C C6     . DA A 1 7  ? -0.722  -0.144  -5.333  1.00 10.00 ? 7  DA A C6     2 
ATOM 583 N N6     . DA A 1 7  ? 0.402   -0.812  -5.342  1.00 10.00 ? 7  DA A N6     2 
ATOM 584 N N1     . DA A 1 7  ? -0.821  1.105   -4.891  1.00 10.00 ? 7  DA A N1     2 
ATOM 585 C C2     . DA A 1 7  ? -1.971  1.727   -4.929  1.00 10.00 ? 7  DA A C2     2 
ATOM 586 N N3     . DA A 1 7  ? -3.063  1.174   -5.379  1.00 10.00 ? 7  DA A N3     2 
ATOM 587 C C4     . DA A 1 7  ? -3.049  -0.074  -5.833  1.00 10.00 ? 7  DA A C4     2 
ATOM 588 H H61    . DA A 1 7  ? 1.233   -0.430  -5.004  1.00 10.00 ? 7  DA A H61    2 
ATOM 589 H H62    . DA A 1 7  ? 0.395   -1.714  -5.670  1.00 10.00 ? 7  DA A H62    2 
ATOM 590 P P      . DA A 1 8  ? -8.740  0.450   -9.033  1.00 10.00 ? 8  DA A P      2 
ATOM 591 O OP1    . DA A 1 8  ? -10.098 0.911   -8.820  1.00 10.00 ? 8  DA A OP1    2 
ATOM 592 O OP2    . DA A 1 8  ? -8.531  -0.496  -10.111 1.00 10.00 ? 8  DA A OP2    2 
ATOM 593 O "O5'"  . DA A 1 8  ? -7.778  1.690   -9.296  1.00 10.00 ? 8  DA A "O5'"  2 
ATOM 594 C "C5'"  . DA A 1 8  ? -7.925  2.903   -8.593  1.00 10.00 ? 8  DA A "C5'"  2 
ATOM 595 C "C4'"  . DA A 1 8  ? -6.830  3.914   -8.745  1.00 10.00 ? 8  DA A "C4'"  2 
ATOM 596 O "O4'"  . DA A 1 8  ? -5.599  3.432   -8.241  1.00 10.00 ? 8  DA A "O4'"  2 
ATOM 597 C "C3'"  . DA A 1 8  ? -6.617  4.396   -10.158 1.00 10.00 ? 8  DA A "C3'"  2 
ATOM 598 O "O3'"  . DA A 1 8  ? -6.493  5.810   -10.250 1.00 10.00 ? 8  DA A "O3'"  2 
ATOM 599 C "C2'"  . DA A 1 8  ? -5.363  3.645   -10.524 1.00 10.00 ? 8  DA A "C2'"  2 
ATOM 600 C "C1'"  . DA A 1 8  ? -4.619  3.738   -9.219  1.00 10.00 ? 8  DA A "C1'"  2 
ATOM 601 N N9     . DA A 1 8  ? -3.531  2.779   -8.974  1.00 10.00 ? 8  DA A N9     2 
ATOM 602 C C8     . DA A 1 8  ? -3.570  1.481   -9.222  1.00 10.00 ? 8  DA A C8     2 
ATOM 603 N N7     . DA A 1 8  ? -2.401  0.910   -8.983  1.00 10.00 ? 8  DA A N7     2 
ATOM 604 C C5     . DA A 1 8  ? -1.613  1.871   -8.539  1.00 10.00 ? 8  DA A C5     2 
ATOM 605 C C6     . DA A 1 8  ? -0.302  1.853   -8.100  1.00 10.00 ? 8  DA A C6     2 
ATOM 606 N N6     . DA A 1 8  ? 0.407   0.752   -8.234  1.00 10.00 ? 8  DA A N6     2 
ATOM 607 N N1     . DA A 1 8  ? 0.222   2.987   -7.633  1.00 10.00 ? 8  DA A N1     2 
ATOM 608 C C2     . DA A 1 8  ? -0.491  4.088   -7.600  1.00 10.00 ? 8  DA A C2     2 
ATOM 609 N N3     . DA A 1 8  ? -1.729  4.145   -8.026  1.00 10.00 ? 8  DA A N3     2 
ATOM 610 C C4     . DA A 1 8  ? -2.326  3.055   -8.509  1.00 10.00 ? 8  DA A C4     2 
ATOM 611 H H61    . DA A 1 8  ? 1.328   0.706   -7.887  1.00 10.00 ? 8  DA A H61    2 
ATOM 612 H H62    . DA A 1 8  ? 0.014   -0.023  -8.660  1.00 10.00 ? 8  DA A H62    2 
ATOM 613 P P      . DC A 1 9  ? -6.397  6.644   -11.602 1.00 10.00 ? 9  DC A P      2 
ATOM 614 O OP1    . DC A 1 9  ? -6.831  7.997   -11.283 1.00 10.00 ? 9  DC A OP1    2 
ATOM 615 O OP2    . DC A 1 9  ? -7.129  5.941   -12.651 1.00 10.00 ? 9  DC A OP2    2 
ATOM 616 O "O5'"  . DC A 1 9  ? -4.848  6.674   -11.958 1.00 10.00 ? 9  DC A "O5'"  2 
ATOM 617 C "C5'"  . DC A 1 9  ? -3.895  7.370   -11.177 1.00 10.00 ? 9  DC A "C5'"  2 
ATOM 618 C "C4'"  . DC A 1 9  ? -2.489  6.856   -11.283 1.00 10.00 ? 9  DC A "C4'"  2 
ATOM 619 O "O4'"  . DC A 1 9  ? -2.405  5.474   -10.960 1.00 10.00 ? 9  DC A "O4'"  2 
ATOM 620 C "C3'"  . DC A 1 9  ? -1.892  7.043   -12.652 1.00 10.00 ? 9  DC A "C3'"  2 
ATOM 621 O "O3'"  . DC A 1 9  ? -0.685  7.781   -12.652 1.00 10.00 ? 9  DC A "O3'"  2 
ATOM 622 C "C2'"  . DC A 1 9  ? -1.531  5.657   -13.106 1.00 10.00 ? 9  DC A "C2'"  2 
ATOM 623 C "C1'"  . DC A 1 9  ? -1.427  4.905   -11.808 1.00 10.00 ? 9  DC A "C1'"  2 
ATOM 624 N N1     . DC A 1 9  ? -1.688  3.467   -11.924 1.00 10.00 ? 9  DC A N1     2 
ATOM 625 C C2     . DC A 1 9  ? -0.705  2.547   -11.604 1.00 10.00 ? 9  DC A C2     2 
ATOM 626 O O2     . DC A 1 9  ? 0.152   2.819   -10.799 1.00 10.00 ? 9  DC A O2     2 
ATOM 627 N N3     . DC A 1 9  ? -0.748  1.316   -12.083 1.00 10.00 ? 9  DC A N3     2 
ATOM 628 C C4     . DC A 1 9  ? -1.743  0.908   -12.850 1.00 10.00 ? 9  DC A C4     2 
ATOM 629 N N4     . DC A 1 9  ? -1.538  -0.191  -13.496 1.00 10.00 ? 9  DC A N4     2 
ATOM 630 C C5     . DC A 1 9  ? -2.798  1.741   -13.128 1.00 10.00 ? 9  DC A C5     2 
ATOM 631 C C6     . DC A 1 9  ? -2.770  3.030   -12.663 1.00 10.00 ? 9  DC A C6     2 
ATOM 632 H H41    . DC A 1 9  ? -0.692  -0.613  -13.405 1.00 10.00 ? 9  DC A H41    2 
ATOM 633 H H42    . DC A 1 9  ? -2.222  -0.568  -14.078 1.00 10.00 ? 9  DC A H42    2 
ATOM 634 P P      . DT A 1 10 ? -0.589  9.347   -12.576 1.00 10.00 ? 10 DT A P      2 
ATOM 635 O OP1    . DT A 1 10 ? -0.828  9.733   -11.210 1.00 10.00 ? 10 DT A OP1    2 
ATOM 636 O OP2    . DT A 1 10 ? -1.439  9.926   -13.581 1.00 10.00 ? 10 DT A OP2    2 
ATOM 637 O "O5'"  . DT A 1 10 ? 0.936   9.662   -12.899 1.00 10.00 ? 10 DT A "O5'"  2 
ATOM 638 C "C5'"  . DT A 1 10 ? 1.454   9.774   -14.210 1.00 10.00 ? 10 DT A "C5'"  2 
ATOM 639 C "C4'"  . DT A 1 10 ? 2.305   8.624   -14.661 1.00 10.00 ? 10 DT A "C4'"  2 
ATOM 640 O "O4'"  . DT A 1 10 ? 1.635   7.402   -14.930 1.00 10.00 ? 10 DT A "O4'"  2 
ATOM 641 C "C3'"  . DT A 1 10 ? 3.062   8.962   -15.920 1.00 10.00 ? 10 DT A "C3'"  2 
ATOM 642 O "O3'"  . DT A 1 10 ? 4.348   9.468   -15.653 1.00 10.00 ? 10 DT A "O3'"  2 
ATOM 643 C "C2'"  . DT A 1 10 ? 3.136   7.635   -16.601 1.00 10.00 ? 10 DT A "C2'"  2 
ATOM 644 C "C1'"  . DT A 1 10 ? 2.609   6.642   -15.620 1.00 10.00 ? 10 DT A "C1'"  2 
ATOM 645 N N1     . DT A 1 10 ? 2.193   5.388   -16.252 1.00 10.00 ? 10 DT A N1     2 
ATOM 646 C C2     . DT A 1 10 ? 2.999   4.620   -17.065 1.00 10.00 ? 10 DT A C2     2 
ATOM 647 O O2     . DT A 1 10 ? 4.084   4.971   -17.443 1.00 10.00 ? 10 DT A O2     2 
ATOM 648 N N3     . DT A 1 10 ? 2.568   3.390   -17.489 1.00 10.00 ? 10 DT A N3     2 
ATOM 649 C C4     . DT A 1 10 ? 1.322   2.906   -17.126 1.00 10.00 ? 10 DT A C4     2 
ATOM 650 O O4     . DT A 1 10 ? 0.927   1.858   -17.499 1.00 10.00 ? 10 DT A O4     2 
ATOM 651 C C5     . DT A 1 10 ? 0.516   3.660   -16.328 1.00 10.00 ? 10 DT A C5     2 
ATOM 652 C C7     . DT A 1 10 ? -0.829  3.131   -15.971 1.00 10.00 ? 10 DT A C7     2 
ATOM 653 C C6     . DT A 1 10 ? 0.955   4.879   -15.894 1.00 10.00 ? 10 DT A C6     2 
ATOM 654 H H3     . DT A 1 10 ? 3.148   2.853   -18.028 1.00 10.00 ? 10 DT A H3     2 
ATOM 655 P P      . DG A 1 11 ? 5.344   10.166  -16.661 1.00 10.00 ? 11 DG A P      2 
ATOM 656 O OP1    . DG A 1 11 ? 4.839   11.469  -17.016 1.00 10.00 ? 11 DG A OP1    2 
ATOM 657 O OP2    . DG A 1 11 ? 5.656   9.282   -17.749 1.00 10.00 ? 11 DG A OP2    2 
ATOM 658 O "O5'"  . DG A 1 11 ? 6.655   10.404  -15.822 1.00 10.00 ? 11 DG A "O5'"  2 
ATOM 659 C "C5'"  . DG A 1 11 ? 7.495   9.415   -15.322 1.00 10.00 ? 11 DG A "C5'"  2 
ATOM 660 C "C4'"  . DG A 1 11 ? 7.041   8.820   -14.111 1.00 10.00 ? 11 DG A "C4'"  2 
ATOM 661 O "O4'"  . DG A 1 11 ? 6.031   7.926   -14.256 1.00 10.00 ? 11 DG A "O4'"  2 
ATOM 662 C "C3'"  . DG A 1 11 ? 8.091   8.143   -13.279 1.00 10.00 ? 11 DG A "C3'"  2 
ATOM 663 O "O3'"  . DG A 1 11 ? 8.519   8.996   -12.238 1.00 10.00 ? 11 DG A "O3'"  2 
ATOM 664 C "C2'"  . DG A 1 11 ? 7.408   6.893   -12.793 1.00 10.00 ? 11 DG A "C2'"  2 
ATOM 665 C "C1'"  . DG A 1 11 ? 5.967   7.133   -13.115 1.00 10.00 ? 11 DG A "C1'"  2 
ATOM 666 N N9     . DG A 1 11 ? 5.158   5.960   -13.445 1.00 10.00 ? 11 DG A N9     2 
ATOM 667 C C8     . DG A 1 11 ? 5.376   5.116   -14.434 1.00 10.00 ? 11 DG A C8     2 
ATOM 668 N N7     . DG A 1 11 ? 4.550   4.095   -14.378 1.00 10.00 ? 11 DG A N7     2 
ATOM 669 C C5     . DG A 1 11 ? 3.704   4.360   -13.405 1.00 10.00 ? 11 DG A C5     2 
ATOM 670 C C6     . DG A 1 11 ? 2.526   3.746   -13.067 1.00 10.00 ? 11 DG A C6     2 
ATOM 671 O O6     . DG A 1 11 ? 2.212   2.734   -13.634 1.00 10.00 ? 11 DG A O6     2 
ATOM 672 N N1     . DG A 1 11 ? 1.733   4.382   -12.131 1.00 10.00 ? 11 DG A N1     2 
ATOM 673 C C2     . DG A 1 11 ? 2.137   5.589   -11.586 1.00 10.00 ? 11 DG A C2     2 
ATOM 674 N N2     . DG A 1 11 ? 1.430   6.292   -10.743 1.00 10.00 ? 11 DG A N2     2 
ATOM 675 N N3     . DG A 1 11 ? 3.297   6.127   -11.918 1.00 10.00 ? 11 DG A N3     2 
ATOM 676 C C4     . DG A 1 11 ? 4.078   5.546   -12.816 1.00 10.00 ? 11 DG A C4     2 
ATOM 677 H H1     . DG A 1 11 ? 0.997   3.867   -11.743 1.00 10.00 ? 11 DG A H1     2 
ATOM 678 H H21    . DG A 1 11 ? 0.518   6.089   -10.553 1.00 10.00 ? 11 DG A H21    2 
ATOM 679 H H22    . DG A 1 11 ? 1.808   7.121   -10.410 1.00 10.00 ? 11 DG A H22    2 
ATOM 680 P P      . DT A 1 12 ? 9.642   8.661   -11.171 1.00 10.00 ? 12 DT A P      2 
ATOM 681 O OP1    . DT A 1 12 ? 10.202  9.924   -10.727 1.00 10.00 ? 12 DT A OP1    2 
ATOM 682 O OP2    . DT A 1 12 ? 10.562  7.673   -11.713 1.00 10.00 ? 12 DT A OP2    2 
ATOM 683 O "O5'"  . DT A 1 12 ? 8.822   7.995   -9.981  1.00 10.00 ? 12 DT A "O5'"  2 
ATOM 684 C "C5'"  . DT A 1 12 ? 7.940   8.763   -9.186  1.00 10.00 ? 12 DT A "C5'"  2 
ATOM 685 C "C4'"  . DT A 1 12 ? 6.918   7.983   -8.402  1.00 10.00 ? 12 DT A "C4'"  2 
ATOM 686 O "O4'"  . DT A 1 12 ? 5.965   7.298   -9.202  1.00 10.00 ? 12 DT A "O4'"  2 
ATOM 687 C "C3'"  . DT A 1 12 ? 7.509   6.919   -7.512  1.00 10.00 ? 12 DT A "C3'"  2 
ATOM 688 O "O3'"  . DT A 1 12 ? 8.183   7.320   -6.327  1.00 10.00 ? 12 DT A "O3'"  2 
ATOM 689 C "C2'"  . DT A 1 12 ? 6.327   6.020   -7.269  1.00 10.00 ? 12 DT A "C2'"  2 
ATOM 690 C "C1'"  . DT A 1 12 ? 5.300   6.439   -8.285  1.00 10.00 ? 12 DT A "C1'"  2 
ATOM 691 N N1     . DT A 1 12 ? 4.671   5.286   -8.945  1.00 10.00 ? 12 DT A N1     2 
ATOM 692 C C2     . DT A 1 12 ? 3.420   4.853   -8.520  1.00 10.00 ? 12 DT A C2     2 
ATOM 693 O O2     . DT A 1 12 ? 2.768   5.525   -7.754  1.00 10.00 ? 12 DT A O2     2 
ATOM 694 N N3     . DT A 1 12 ? 2.911   3.638   -8.963  1.00 10.00 ? 12 DT A N3     2 
ATOM 695 C C4     . DT A 1 12 ? 3.653   2.844   -9.831  1.00 10.00 ? 12 DT A C4     2 
ATOM 696 O O4     . DT A 1 12 ? 3.260   1.745   -10.125 1.00 10.00 ? 12 DT A O4     2 
ATOM 697 C C5     . DT A 1 12 ? 4.875   3.294   -10.288 1.00 10.00 ? 12 DT A C5     2 
ATOM 698 C C7     . DT A 1 12 ? 5.664   2.452   -11.268 1.00 10.00 ? 12 DT A C7     2 
ATOM 699 C C6     . DT A 1 12 ? 5.372   4.510   -9.864  1.00 10.00 ? 12 DT A C6     2 
ATOM 700 H H3     . DT A 1 12 ? 1.996   3.382   -8.739  1.00 10.00 ? 12 DT A H3     2 
ATOM 701 P P      . DT A 1 13 ? 7.792   8.423   -5.246  1.00 10.00 ? 13 DT A P      2 
ATOM 702 O OP1    . DT A 1 13 ? 7.663   9.730   -5.878  1.00 10.00 ? 13 DT A OP1    2 
ATOM 703 O OP2    . DT A 1 13 ? 8.782   8.317   -4.189  1.00 10.00 ? 13 DT A OP2    2 
ATOM 704 O "O5'"  . DT A 1 13 ? 6.429   7.942   -4.589  1.00 10.00 ? 13 DT A "O5'"  2 
ATOM 705 C "C5'"  . DT A 1 13 ? 5.214   8.643   -4.760  1.00 10.00 ? 13 DT A "C5'"  2 
ATOM 706 C "C4'"  . DT A 1 13 ? 3.959   7.965   -4.292  1.00 10.00 ? 13 DT A "C4'"  2 
ATOM 707 O "O4'"  . DT A 1 13 ? 3.672   6.781   -5.024  1.00 10.00 ? 13 DT A "O4'"  2 
ATOM 708 C "C3'"  . DT A 1 13 ? 3.968   7.607   -2.827  1.00 10.00 ? 13 DT A "C3'"  2 
ATOM 709 O "O3'"  . DT A 1 13 ? 2.884   8.187   -2.147  1.00 10.00 ? 13 DT A "O3'"  2 
ATOM 710 C "C2'"  . DT A 1 13 ? 3.914   6.108   -2.845  1.00 10.00 ? 13 DT A "C2'"  2 
ATOM 711 C "C1'"  . DT A 1 13 ? 3.106   5.876   -4.091  1.00 10.00 ? 13 DT A "C1'"  2 
ATOM 712 N N1     . DT A 1 13 ? 3.092   4.497   -4.604  1.00 10.00 ? 13 DT A N1     2 
ATOM 713 C C2     . DT A 1 13 ? 1.926   3.760   -4.493  1.00 10.00 ? 13 DT A C2     2 
ATOM 714 O O2     . DT A 1 13 ? 0.962   4.223   -3.933  1.00 10.00 ? 13 DT A O2     2 
ATOM 715 N N3     . DT A 1 13 ? 1.851   2.491   -5.048  1.00 10.00 ? 13 DT A N3     2 
ATOM 716 C C4     . DT A 1 13 ? 2.940   1.953   -5.716  1.00 10.00 ? 13 DT A C4     2 
ATOM 717 O O4     . DT A 1 13 ? 2.848   0.910   -6.306  1.00 10.00 ? 13 DT A O4     2 
ATOM 718 C C5     . DT A 1 13 ? 4.102   2.676   -5.808  1.00 10.00 ? 13 DT A C5     2 
ATOM 719 C C7     . DT A 1 13 ? 5.279   2.085   -6.535  1.00 10.00 ? 13 DT A C7     2 
ATOM 720 C C6     . DT A 1 13 ? 4.174   3.938   -5.262  1.00 10.00 ? 13 DT A C6     2 
ATOM 721 H H3     . DT A 1 13 ? 1.011   1.998   -5.019  1.00 10.00 ? 13 DT A H3     2 
ATOM 722 P P      . DT A 1 14 ? 2.680   8.352   -0.620  1.00 10.00 ? 14 DT A P      2 
ATOM 723 O OP1    . DT A 1 14 ? 2.801   9.743   -0.342  1.00 10.00 ? 14 DT A OP1    2 
ATOM 724 O OP2    . DT A 1 14 ? 3.531   7.436   0.119   1.00 10.00 ? 14 DT A OP2    2 
ATOM 725 O "O5'"  . DT A 1 14 ? 1.197   7.924   -0.405  1.00 10.00 ? 14 DT A "O5'"  2 
ATOM 726 C "C5'"  . DT A 1 14 ? 0.101   8.618   -0.965  1.00 10.00 ? 14 DT A "C5'"  2 
ATOM 727 C "C4'"  . DT A 1 14 ? -1.232  7.926   -0.893  1.00 10.00 ? 14 DT A "C4'"  2 
ATOM 728 O "O4'"  . DT A 1 14 ? -1.170  6.636   -1.481  1.00 10.00 ? 14 DT A "O4'"  2 
ATOM 729 C "C3'"  . DT A 1 14 ? -1.764  7.716   0.503   1.00 10.00 ? 14 DT A "C3'"  2 
ATOM 730 O "O3'"  . DT A 1 14 ? -3.166  7.899   0.577   1.00 10.00 ? 14 DT A "O3'"  2 
ATOM 731 C "C2'"  . DT A 1 14 ? -1.273  6.329   0.835   1.00 10.00 ? 14 DT A "C2'"  2 
ATOM 732 C "C1'"  . DT A 1 14 ? -1.469  5.653   -0.496  1.00 10.00 ? 14 DT A "C1'"  2 
ATOM 733 N N1     . DT A 1 14 ? -0.661  4.462   -0.792  1.00 10.00 ? 14 DT A N1     2 
ATOM 734 C C2     . DT A 1 14 ? -1.317  3.322   -1.237  1.00 10.00 ? 14 DT A C2     2 
ATOM 735 O O2     . DT A 1 14 ? -2.519  3.322   -1.349  1.00 10.00 ? 14 DT A O2     2 
ATOM 736 N N3     . DT A 1 14 ? -0.596  2.177   -1.530  1.00 10.00 ? 14 DT A N3     2 
ATOM 737 C C4     . DT A 1 14 ? 0.785   2.172   -1.376  1.00 10.00 ? 14 DT A C4     2 
ATOM 738 O O4     . DT A 1 14 ? 1.437   1.220   -1.700  1.00 10.00 ? 14 DT A O4     2 
ATOM 739 C C5     . DT A 1 14 ? 1.433   3.300   -0.923  1.00 10.00 ? 14 DT A C5     2 
ATOM 740 C C7     . DT A 1 14 ? 2.903   3.219   -0.609  1.00 10.00 ? 14 DT A C7     2 
ATOM 741 C C6     . DT A 1 14 ? 0.721   4.445   -0.653  1.00 10.00 ? 14 DT A C6     2 
ATOM 742 H H3     . DT A 1 14 ? -1.056  1.369   -1.822  1.00 10.00 ? 14 DT A H3     2 
ATOM 743 P P      . DC A 1 15 ? -4.039  7.853   1.904   1.00 10.00 ? 15 DC A P      2 
ATOM 744 O OP1    . DC A 1 15 ? -5.152  8.744   1.714   1.00 10.00 ? 15 DC A OP1    2 
ATOM 745 O OP2    . DC A 1 15 ? -3.207  8.076   3.049   1.00 10.00 ? 15 DC A OP2    2 
ATOM 746 O "O5'"  . DC A 1 15 ? -4.600  6.389   1.991   1.00 10.00 ? 15 DC A "O5'"  2 
ATOM 747 C "C5'"  . DC A 1 15 ? -5.634  5.955   1.167   1.00 10.00 ? 15 DC A "C5'"  2 
ATOM 748 C "C4'"  . DC A 1 15 ? -5.965  4.507   1.195   1.00 10.00 ? 15 DC A "C4'"  2 
ATOM 749 O "O4'"  . DC A 1 15 ? -4.863  3.733   0.752   1.00 10.00 ? 15 DC A "O4'"  2 
ATOM 750 C "C3'"  . DC A 1 15 ? -6.369  4.027   2.552   1.00 10.00 ? 15 DC A "C3'"  2 
ATOM 751 O "O3'"  . DC A 1 15 ? -7.481  3.181   2.529   1.00 10.00 ? 15 DC A "O3'"  2 
ATOM 752 C "C2'"  . DC A 1 15 ? -5.134  3.313   3.012   1.00 10.00 ? 15 DC A "C2'"  2 
ATOM 753 C "C1'"  . DC A 1 15 ? -4.651  2.720   1.717   1.00 10.00 ? 15 DC A "C1'"  2 
ATOM 754 N N1     . DC A 1 15 ? -3.242  2.317   1.770   1.00 10.00 ? 15 DC A N1     2 
ATOM 755 C C2     . DC A 1 15 ? -2.822  1.076   1.321   1.00 10.00 ? 15 DC A C2     2 
ATOM 756 O O2     . DC A 1 15 ? -3.615  0.259   0.921   1.00 10.00 ? 15 DC A O2     2 
ATOM 757 N N3     . DC A 1 15 ? -1.541  0.723   1.403   1.00 10.00 ? 15 DC A N3     2 
ATOM 758 C C4     . DC A 1 15 ? -0.611  1.511   1.933   1.00 10.00 ? 15 DC A C4     2 
ATOM 759 N N4     . DC A 1 15 ? 0.636   1.094   1.928   1.00 10.00 ? 15 DC A N4     2 
ATOM 760 C C5     . DC A 1 15 ? -0.974  2.750   2.406   1.00 10.00 ? 15 DC A C5     2 
ATOM 761 C C6     . DC A 1 15 ? -2.287  3.164   2.313   1.00 10.00 ? 15 DC A C6     2 
ATOM 762 H H41    . DC A 1 15 ? 0.831   0.202   1.580   1.00 10.00 ? 15 DC A H41    2 
ATOM 763 H H42    . DC A 1 15 ? 1.358   1.644   2.316   1.00 10.00 ? 15 DC A H42    2 
ATOM 764 P P      . DG A 1 16 ? -8.792  3.298   3.293   1.00 10.00 ? 16 DG A P      2 
ATOM 765 O OP1    . DG A 1 16 ? -9.781  3.700   2.384   1.00 10.00 ? 16 DG A OP1    2 
ATOM 766 O OP2    . DG A 1 16 ? -8.575  4.100   4.456   1.00 10.00 ? 16 DG A OP2    2 
ATOM 767 O "O5'"  . DG A 1 16 ? -9.114  1.808   3.647   1.00 10.00 ? 16 DG A "O5'"  2 
ATOM 768 C "C5'"  . DG A 1 16 ? -8.780  1.218   4.873   1.00 10.00 ? 16 DG A "C5'"  2 
ATOM 769 C "C4'"  . DG A 1 16 ? -8.618  -0.263  4.819   1.00 10.00 ? 16 DG A "C4'"  2 
ATOM 770 O "O4'"  . DG A 1 16 ? -7.407  -0.561  4.153   1.00 10.00 ? 16 DG A "O4'"  2 
ATOM 771 C "C3'"  . DG A 1 16 ? -8.491  -0.847  6.199   1.00 10.00 ? 16 DG A "C3'"  2 
ATOM 772 O "O3'"  . DG A 1 16 ? -9.235  -2.038  6.318   1.00 10.00 ? 16 DG A "O3'"  2 
ATOM 773 C "C2'"  . DG A 1 16 ? -7.006  -0.948  6.399   1.00 10.00 ? 16 DG A "C2'"  2 
ATOM 774 C "C1'"  . DG A 1 16 ? -6.557  -1.305  5.010   1.00 10.00 ? 16 DG A "C1'"  2 
ATOM 775 N N9     . DG A 1 16 ? -5.157  -0.947  4.759   1.00 10.00 ? 16 DG A N9     2 
ATOM 776 C C8     . DG A 1 16 ? -4.628  0.258   4.859   1.00 10.00 ? 16 DG A C8     2 
ATOM 777 N N7     . DG A 1 16 ? -3.325  0.212   4.665   1.00 10.00 ? 16 DG A N7     2 
ATOM 778 C C5     . DG A 1 16 ? -3.010  -1.054  4.463   1.00 10.00 ? 16 DG A C5     2 
ATOM 779 C C6     . DG A 1 16 ? -1.786  -1.672  4.301   1.00 10.00 ? 16 DG A C6     2 
ATOM 780 O O6     . DG A 1 16 ? -0.790  -0.992  4.308   1.00 10.00 ? 16 DG A O6     2 
ATOM 781 N N1     . DG A 1 16 ? -1.762  -3.057  4.182   1.00 10.00 ? 16 DG A N1     2 
ATOM 782 C C2     . DG A 1 16 ? -2.961  -3.755  4.235   1.00 10.00 ? 16 DG A C2     2 
ATOM 783 N N2     . DG A 1 16 ? -3.022  -5.054  4.126   1.00 10.00 ? 16 DG A N2     2 
ATOM 784 N N3     . DG A 1 16 ? -4.117  -3.119  4.400   1.00 10.00 ? 16 DG A N3     2 
ATOM 785 C C4     . DG A 1 16 ? -4.174  -1.792  4.516   1.00 10.00 ? 16 DG A C4     2 
ATOM 786 H H1     . DG A 1 16 ? -0.895  -3.504  4.065   1.00 10.00 ? 16 DG A H1     2 
ATOM 787 H H21    . DG A 1 16 ? -2.235  -5.605  4.001   1.00 10.00 ? 16 DG A H21    2 
ATOM 788 H H22    . DG A 1 16 ? -3.903  -5.455  4.171   1.00 10.00 ? 16 DG A H22    2 
ATOM 789 P P      . DC A 1 17 ? -9.414  -2.855  7.661   1.00 10.00 ? 17 DC A P      2 
ATOM 790 O OP1    . DC A 1 17 ? -10.703 -3.503  7.620   1.00 10.00 ? 17 DC A OP1    2 
ATOM 791 O OP2    . DC A 1 17 ? -9.147  -1.990  8.789   1.00 10.00 ? 17 DC A OP2    2 
ATOM 792 O "O5'"  . DC A 1 17 ? -8.269  -3.949  7.631   1.00 10.00 ? 17 DC A "O5'"  2 
ATOM 793 C "C5'"  . DC A 1 17 ? -8.274  -5.005  6.702   1.00 10.00 ? 17 DC A "C5'"  2 
ATOM 794 C "C4'"  . DC A 1 17 ? -7.151  -5.995  6.779   1.00 10.00 ? 17 DC A "C4'"  2 
ATOM 795 O "O4'"  . DC A 1 17 ? -5.890  -5.401  6.515   1.00 10.00 ? 17 DC A "O4'"  2 
ATOM 796 C "C3'"  . DC A 1 17 ? -7.049  -6.679  8.116   1.00 10.00 ? 17 DC A "C3'"  2 
ATOM 797 O "O3'"  . DC A 1 17 ? -6.810  -8.069  7.992   1.00 10.00 ? 17 DC A "O3'"  2 
ATOM 798 C "C2'"  . DC A 1 17 ? -5.959  -5.894  8.797   1.00 10.00 ? 17 DC A "C2'"  2 
ATOM 799 C "C1'"  . DC A 1 17 ? -5.049  -5.582  7.638   1.00 10.00 ? 17 DC A "C1'"  2 
ATOM 800 N N1     . DC A 1 17 ? -4.290  -4.340  7.843   1.00 10.00 ? 17 DC A N1     2 
ATOM 801 C C2     . DC A 1 17 ? -2.924  -4.276  7.599   1.00 10.00 ? 17 DC A C2     2 
ATOM 802 O O2     . DC A 1 17 ? -2.269  -5.281  7.430   1.00 10.00 ? 17 DC A O2     2 
ATOM 803 N N3     . DC A 1 17 ? -2.291  -3.105  7.624   1.00 10.00 ? 17 DC A N3     2 
ATOM 804 C C4     . DC A 1 17 ? -2.914  -1.954  7.866   1.00 10.00 ? 17 DC A C4     2 
ATOM 805 N N4     . DC A 1 17 ? -2.198  -0.856  7.808   1.00 10.00 ? 17 DC A N4     2 
ATOM 806 C C5     . DC A 1 17 ? -4.271  -1.950  8.111   1.00 10.00 ? 17 DC A C5     2 
ATOM 807 C C6     . DC A 1 17 ? -4.951  -3.151  8.130   1.00 10.00 ? 17 DC A C6     2 
ATOM 808 H H41    . DC A 1 17 ? -1.256  -0.921  7.582   1.00 10.00 ? 17 DC A H41    2 
ATOM 809 H H42    . DC A 1 17 ? -2.596  0.028   7.972   1.00 10.00 ? 17 DC A H42    2 
ATOM 810 P P      . DG A 1 18 ? -6.953  -9.100  9.189   1.00 10.00 ? 18 DG A P      2 
ATOM 811 O OP1    . DG A 1 18 ? -7.211  -10.397 8.586   1.00 10.00 ? 18 DG A OP1    2 
ATOM 812 O OP2    . DG A 1 18 ? -7.920  -8.598  10.151  1.00 10.00 ? 18 DG A OP2    2 
ATOM 813 O "O5'"  . DG A 1 18 ? -5.530  -9.104  9.898   1.00 10.00 ? 18 DG A "O5'"  2 
ATOM 814 C "C5'"  . DG A 1 18 ? -4.425  -9.768  9.333   1.00 10.00 ? 18 DG A "C5'"  2 
ATOM 815 C "C4'"  . DG A 1 18 ? -3.089  -9.466  9.944   1.00 10.00 ? 18 DG A "C4'"  2 
ATOM 816 O "O4'"  . DG A 1 18 ? -2.724  -8.117  9.730   1.00 10.00 ? 18 DG A "O4'"  2 
ATOM 817 C "C3'"  . DG A 1 18 ? -3.028  -9.724  11.430  1.00 10.00 ? 18 DG A "C3'"  2 
ATOM 818 O "O3'"  . DG A 1 18 ? -1.989  -10.630 11.762  1.00 10.00 ? 18 DG A "O3'"  2 
ATOM 819 C "C2'"  . DG A 1 18 ? -2.883  -8.346  12.014  1.00 10.00 ? 18 DG A "C2'"  2 
ATOM 820 C "C1'"  . DG A 1 18 ? -2.108  -7.666  10.923  1.00 10.00 ? 18 DG A "C1'"  2 
ATOM 821 N N9     . DG A 1 18 ? -2.102  -6.198  10.952  1.00 10.00 ? 18 DG A N9     2 
ATOM 822 C C8     . DG A 1 18 ? -3.136  -5.389  11.072  1.00 10.00 ? 18 DG A C8     2 
ATOM 823 N N7     . DG A 1 18 ? -2.748  -4.131  11.015  1.00 10.00 ? 18 DG A N7     2 
ATOM 824 C C5     . DG A 1 18 ? -1.442  -4.135  10.855  1.00 10.00 ? 18 DG A C5     2 
ATOM 825 C C6     . DG A 1 18 ? -0.534  -3.103  10.748  1.00 10.00 ? 18 DG A C6     2 
ATOM 826 O O6     . DG A 1 18 ? -0.926  -1.964  10.794  1.00 10.00 ? 18 DG A O6     2 
ATOM 827 N N1     . DG A 1 18 ? 0.806   -3.432  10.598  1.00 10.00 ? 18 DG A N1     2 
ATOM 828 C C2     . DG A 1 18 ? 1.172   -4.771  10.571  1.00 10.00 ? 18 DG A C2     2 
ATOM 829 N N2     . DG A 1 18 ? 2.417   -5.156  10.437  1.00 10.00 ? 18 DG A N2     2 
ATOM 830 N N3     . DG A 1 18 ? 0.263   -5.733  10.685  1.00 10.00 ? 18 DG A N3     2 
ATOM 831 C C4     . DG A 1 18 ? -1.027  -5.449  10.818  1.00 10.00 ? 18 DG A C4     2 
ATOM 832 H H1     . DG A 1 18 ? 1.455   -2.708  10.517  1.00 10.00 ? 18 DG A H1     2 
ATOM 833 H H21    . DG A 1 18 ? 3.133   -4.518  10.314  1.00 10.00 ? 18 DG A H21    2 
ATOM 834 H H22    . DG A 1 18 ? 2.600   -6.114  10.437  1.00 10.00 ? 18 DG A H22    2 
ATOM 835 P P      . DC A 1 19 ? -1.854  -11.355 13.168  1.00 10.00 ? 19 DC A P      2 
ATOM 836 O OP1    . DC A 1 19 ? -1.291  -12.675 12.929  1.00 10.00 ? 19 DC A OP1    2 
ATOM 837 O OP2    . DC A 1 19 ? -3.123  -11.277 13.870  1.00 10.00 ? 19 DC A OP2    2 
ATOM 838 O "O5'"  . DC A 1 19 ? -0.817  -10.456 13.964  1.00 10.00 ? 19 DC A "O5'"  2 
ATOM 839 C "C5'"  . DC A 1 19 ? 0.565   -10.681 13.897  1.00 10.00 ? 19 DC A "C5'"  2 
ATOM 840 C "C4'"  . DC A 1 19 ? 1.418   -9.531  14.339  1.00 10.00 ? 19 DC A "C4'"  2 
ATOM 841 O "O4'"  . DC A 1 19 ? 1.341   -8.421  13.474  1.00 10.00 ? 19 DC A "O4'"  2 
ATOM 842 C "C3'"  . DC A 1 19 ? 1.098   -9.032  15.717  1.00 10.00 ? 19 DC A "C3'"  2 
ATOM 843 O "O3'"  . DC A 1 19 ? 1.694   -9.780  16.747  1.00 10.00 ? 19 DC A "O3'"  2 
ATOM 844 C "C2'"  . DC A 1 19 ? 1.720   -7.672  15.688  1.00 10.00 ? 19 DC A "C2'"  2 
ATOM 845 C "C1'"  . DC A 1 19 ? 1.584   -7.261  14.253  1.00 10.00 ? 19 DC A "C1'"  2 
ATOM 846 N N1     . DC A 1 19 ? 0.553   -6.235  14.088  1.00 10.00 ? 19 DC A N1     2 
ATOM 847 C C2     . DC A 1 19 ? 0.914   -4.900  13.978  1.00 10.00 ? 19 DC A C2     2 
ATOM 848 O O2     . DC A 1 19 ? 2.060   -4.579  13.779  1.00 10.00 ? 19 DC A O2     2 
ATOM 849 N N3     . DC A 1 19 ? 0.007   -3.939  14.122  1.00 10.00 ? 19 DC A N3     2 
ATOM 850 C C4     . DC A 1 19 ? -1.266  -4.197  14.393  1.00 10.00 ? 19 DC A C4     2 
ATOM 851 N N4     . DC A 1 19 ? -2.075  -3.174  14.464  1.00 10.00 ? 19 DC A N4     2 
ATOM 852 C C5     . DC A 1 19 ? -1.677  -5.504  14.517  1.00 10.00 ? 19 DC A C5     2 
ATOM 853 C C6     . DC A 1 19 ? -0.780  -6.532  14.322  1.00 10.00 ? 19 DC A C6     2 
ATOM 854 H "HO3'" . DC A 1 19 ? 2.473   -9.689  16.873  1.00 10.00 ? 19 DC A "HO3'" 2 
ATOM 855 H H41    . DC A 1 19 ? -1.727  -2.298  14.252  1.00 10.00 ? 19 DC A H41    2 
ATOM 856 H H42    . DC A 1 19 ? -3.028  -3.283  14.675  1.00 10.00 ? 19 DC A H42    2 
# 
